data_7RD2
#
_entry.id   7RD2
#
_cell.length_a   134.563
_cell.length_b   178.393
_cell.length_c   179.677
_cell.angle_alpha   90.00
_cell.angle_beta   90.00
_cell.angle_gamma   90.00
#
_symmetry.space_group_name_H-M   'I 2 2 2'
#
loop_
_entity.id
_entity.type
_entity.pdbx_description
1 polymer 'Chaetomium alpha glucosidase'
2 branched 2-acetamido-2-deoxy-beta-D-glucopyranose-(1-4)-2-acetamido-2-deoxy-beta-D-glucopyranose
3 non-polymer (2R,3R,4R,5S)-1-{[4-({4-[(2R,6S)-2,6-dimethylmorpholin-4-yl]-2-nitroanilino}methyl)phenyl]methyl}-2-(hydroxymethyl)piperidine-3,4,5-triol
4 non-polymer 'SULFATE ION'
5 non-polymer GLYCEROL
6 water water
#
_entity_poly.entity_id   1
_entity_poly.type   'polypeptide(L)'
_entity_poly.pdbx_seq_one_letter_code
;MGILPSPGMPALLSLVSLLSVLLMGCVAETGVEGESILHSEIGRLNNQSLLWGPYRPNIYFGTRPRIGKSLMTGLMWGKI
ESYTDFQHTVRYTCEQNEGMKGYGWDEYDPRRGGIQSIHDIQNGLDITTSFVKIPGGAHGGSWAARIKGTLNDDAPKDQK
TIVVFYVSQEGENSELEAVPSENEFGYEGDVILKGRSEALGNYKLVVTKGKGVIPQSDHDLSRLRGPGQTVVQSLTYPDE
VLWQAKPILFQQLKAGIDWLVENKYDVADPPPPWQVYLLANKPGSGNVHIVQKVFEGDFEFDILFSSESAGKEVTSKDLE
REVKQATEVFGERFARVFDLKAPFQGDNYKKFGKSMFSNLIGGIGYFYGHSLVDRSYAPEYDEENEGFWEDAAEARARHQ
EALEGPYELFTSIPSRPFFPRGFLWDEGFHLLPIADWDIDLALEIIKSWYNLMDEDGWIAREQILGAEARSKVPKEFQTQ
YPHYANPPTLFLVLDNFVERLRKNNASQPVVKDNLSLDETLSTASVDNPEVGLEYLRRLYPLLRRQFDWFRKTQAGDIKS
YDREAYSTKEAYRWRGRTVSHCLTSGLDDYPRPQPPHPGELHVDLMSWVGVMVKSLISIGSLLGATEDVEFYTKVLDAIE
HNLDDLHWSEKEGCYCDATIDEFEEHKLVCHKGYISLFPFLTGLLKPDSPKLGKLLALIGDESELWSPYGLRSLSKKDEF
YGTAENYWRSPVWININYLAIVQLYNIATQDGPYKETARDLYTRLRKNIVETVYRNWEETGFAWEQYNPETGKGQRTQHF
TGWTSLVVKIMSGHHHHHH
;
_entity_poly.pdbx_strand_id   A,B
#
loop_
_chem_comp.id
_chem_comp.type
_chem_comp.name
_chem_comp.formula
5X7 non-polymer (2R,3R,4R,5S)-1-{[4-({4-[(2R,6S)-2,6-dimethylmorpholin-4-yl]-2-nitroanilino}methyl)phenyl]methyl}-2-(hydroxymethyl)piperidine-3,4,5-triol 'C26 H36 N4 O7'
GOL non-polymer GLYCEROL 'C3 H8 O3'
NAG D-saccharide, beta linking 2-acetamido-2-deoxy-beta-D-glucopyranose 'C8 H15 N O6'
SO4 non-polymer 'SULFATE ION' 'O4 S -2'
#
# COMPACT_ATOMS: atom_id res chain seq x y z
N LEU A 38 -6.80 3.46 -35.10
CA LEU A 38 -5.66 2.60 -35.58
C LEU A 38 -4.75 2.23 -34.40
N HIS A 39 -4.76 3.02 -33.32
CA HIS A 39 -3.90 2.77 -32.16
C HIS A 39 -4.30 1.44 -31.50
N SER A 40 -5.61 1.22 -31.35
CA SER A 40 -6.15 0.04 -30.68
C SER A 40 -5.86 -1.21 -31.50
N GLU A 41 -5.87 -1.03 -32.82
CA GLU A 41 -5.53 -2.08 -33.78
C GLU A 41 -4.10 -2.60 -33.58
N ILE A 42 -3.10 -1.68 -33.56
CA ILE A 42 -1.69 -1.99 -33.40
C ILE A 42 -1.44 -2.64 -32.04
N GLY A 43 -2.05 -2.07 -30.99
CA GLY A 43 -2.05 -2.61 -29.63
C GLY A 43 -2.54 -4.05 -29.53
N ARG A 44 -3.62 -4.40 -30.25
CA ARG A 44 -4.16 -5.74 -30.20
C ARG A 44 -3.16 -6.71 -30.84
N LEU A 45 -2.58 -6.31 -31.98
CA LEU A 45 -1.63 -7.13 -32.72
C LEU A 45 -0.34 -7.32 -31.92
N ASN A 46 0.06 -6.29 -31.16
CA ASN A 46 1.24 -6.35 -30.32
C ASN A 46 1.04 -7.34 -29.18
N ASN A 47 -0.15 -7.29 -28.56
CA ASN A 47 -0.50 -8.19 -27.49
C ASN A 47 -0.31 -9.62 -28.00
N GLN A 48 -0.86 -9.88 -29.20
CA GLN A 48 -0.93 -11.22 -29.75
C GLN A 48 0.48 -11.71 -30.10
N SER A 49 1.31 -10.79 -30.59
CA SER A 49 2.67 -11.10 -31.01
C SER A 49 3.58 -11.44 -29.82
N LEU A 50 3.36 -10.80 -28.64
CA LEU A 50 4.31 -10.86 -27.54
C LEU A 50 3.90 -11.84 -26.45
N LEU A 51 2.74 -12.48 -26.57
CA LEU A 51 2.15 -13.17 -25.45
C LEU A 51 3.02 -14.34 -24.98
N TRP A 52 3.55 -15.12 -25.92
CA TRP A 52 4.35 -16.29 -25.59
C TRP A 52 5.83 -15.97 -25.68
N GLY A 53 6.60 -16.55 -24.75
CA GLY A 53 8.03 -16.40 -24.74
C GLY A 53 8.67 -17.28 -23.68
N PRO A 54 10.01 -17.42 -23.72
CA PRO A 54 10.73 -18.14 -22.66
C PRO A 54 11.01 -17.16 -21.55
N TYR A 55 9.94 -16.49 -21.10
CA TYR A 55 10.00 -15.31 -20.27
C TYR A 55 10.24 -15.68 -18.81
N ARG A 56 11.07 -16.72 -18.56
CA ARG A 56 11.46 -17.07 -17.20
C ARG A 56 12.98 -17.02 -17.08
N PRO A 57 13.59 -15.85 -17.25
CA PRO A 57 15.06 -15.78 -17.37
C PRO A 57 15.78 -16.23 -16.09
N ASN A 58 15.03 -16.51 -15.02
CA ASN A 58 15.67 -16.91 -13.77
C ASN A 58 16.06 -18.40 -13.82
N ILE A 59 15.54 -19.10 -14.82
CA ILE A 59 15.92 -20.49 -14.98
C ILE A 59 16.54 -20.68 -16.36
N TYR A 60 17.28 -21.79 -16.51
CA TYR A 60 18.02 -22.05 -17.74
C TYR A 60 17.05 -22.05 -18.91
N PHE A 61 15.97 -22.83 -18.81
CA PHE A 61 15.00 -22.84 -19.88
C PHE A 61 13.59 -23.10 -19.34
N GLY A 62 12.65 -22.29 -19.80
CA GLY A 62 11.28 -22.37 -19.34
C GLY A 62 10.43 -21.35 -20.08
N THR A 63 9.13 -21.64 -20.20
CA THR A 63 8.22 -20.74 -20.91
C THR A 63 7.06 -20.35 -19.98
N ARG A 64 6.51 -19.15 -20.25
CA ARG A 64 5.22 -18.75 -19.71
C ARG A 64 4.66 -17.69 -20.61
N PRO A 65 3.33 -17.50 -20.67
CA PRO A 65 2.73 -16.35 -21.35
C PRO A 65 2.68 -15.11 -20.46
N ARG A 66 2.37 -13.94 -21.05
CA ARG A 66 2.20 -12.71 -20.30
C ARG A 66 0.79 -12.66 -19.69
N ILE A 67 0.55 -13.58 -18.76
CA ILE A 67 -0.70 -13.76 -18.04
C ILE A 67 -0.32 -14.23 -16.63
N GLY A 68 -0.88 -13.58 -15.62
CA GLY A 68 -0.37 -13.75 -14.29
C GLY A 68 -0.50 -15.20 -13.83
N LYS A 69 -1.71 -15.76 -14.00
CA LYS A 69 -1.99 -17.12 -13.54
C LYS A 69 -2.27 -17.97 -14.76
N SER A 70 -1.32 -18.82 -15.12
CA SER A 70 -1.45 -19.55 -16.38
C SER A 70 -0.56 -20.78 -16.42
N LEU A 71 -0.15 -21.14 -17.65
CA LEU A 71 0.63 -22.34 -17.90
C LEU A 71 2.10 -21.94 -17.95
N MET A 72 2.95 -22.71 -17.24
CA MET A 72 4.40 -22.49 -17.22
C MET A 72 5.11 -23.82 -17.38
N THR A 73 6.26 -23.79 -18.04
CA THR A 73 7.07 -24.99 -18.20
C THR A 73 8.46 -24.73 -17.66
N GLY A 74 9.22 -25.81 -17.43
CA GLY A 74 10.58 -25.68 -16.96
C GLY A 74 11.42 -26.90 -17.29
N LEU A 75 12.71 -26.72 -17.51
CA LEU A 75 13.62 -27.82 -17.82
C LEU A 75 14.59 -28.08 -16.69
N MET A 76 14.75 -29.35 -16.34
CA MET A 76 15.75 -29.78 -15.37
C MET A 76 16.57 -30.92 -15.96
N TRP A 77 17.83 -31.01 -15.55
CA TRP A 77 18.70 -32.10 -15.98
C TRP A 77 19.82 -32.31 -14.97
N GLY A 78 20.38 -33.52 -14.97
CA GLY A 78 21.43 -33.84 -14.02
C GLY A 78 22.00 -35.23 -14.29
N LYS A 79 23.34 -35.36 -14.23
CA LYS A 79 23.93 -36.68 -14.32
C LYS A 79 23.57 -37.44 -13.06
N ILE A 80 23.53 -38.77 -13.14
CA ILE A 80 23.32 -39.66 -12.00
C ILE A 80 24.38 -40.76 -12.02
N GLU A 81 25.27 -40.76 -11.02
CA GLU A 81 26.37 -41.69 -11.00
C GLU A 81 26.27 -42.52 -9.74
N SER A 82 25.59 -42.02 -8.72
CA SER A 82 25.47 -42.70 -7.45
C SER A 82 24.05 -42.64 -6.90
N TYR A 83 23.92 -43.14 -5.67
CA TYR A 83 22.64 -43.16 -4.99
C TYR A 83 22.30 -41.80 -4.38
N THR A 84 23.25 -40.84 -4.37
CA THR A 84 23.01 -39.61 -3.62
C THR A 84 23.36 -38.36 -4.42
N ASP A 85 23.88 -38.56 -5.63
CA ASP A 85 24.58 -37.49 -6.30
C ASP A 85 23.60 -36.54 -7.00
N PHE A 86 22.43 -37.04 -7.42
CA PHE A 86 21.56 -36.31 -8.33
C PHE A 86 21.05 -35.03 -7.70
N GLN A 87 20.74 -35.06 -6.38
CA GLN A 87 20.34 -33.84 -5.69
C GLN A 87 21.39 -32.73 -5.82
N HIS A 88 22.65 -33.07 -6.12
CA HIS A 88 23.73 -32.09 -6.20
C HIS A 88 23.98 -31.70 -7.65
N THR A 89 23.50 -32.49 -8.60
CA THR A 89 23.93 -32.29 -9.97
C THR A 89 22.81 -31.62 -10.76
N VAL A 90 21.58 -31.72 -10.26
CA VAL A 90 20.43 -31.30 -11.03
C VAL A 90 20.52 -29.79 -11.23
N ARG A 91 19.97 -29.32 -12.35
CA ARG A 91 20.10 -27.92 -12.67
C ARG A 91 18.70 -27.41 -12.87
N TYR A 92 18.41 -26.15 -12.47
CA TYR A 92 17.08 -25.58 -12.74
C TYR A 92 17.15 -24.06 -12.78
N THR A 93 17.37 -23.43 -11.61
CA THR A 93 17.50 -21.97 -11.58
C THR A 93 18.94 -21.62 -11.96
N CYS A 94 19.15 -20.42 -12.53
CA CYS A 94 20.45 -20.07 -13.08
C CYS A 94 21.45 -19.78 -11.97
N GLU A 95 22.68 -20.28 -12.15
CA GLU A 95 23.76 -19.84 -11.30
C GLU A 95 24.99 -19.61 -12.18
N GLN A 96 26.06 -19.13 -11.54
CA GLN A 96 27.40 -19.12 -12.10
C GLN A 96 28.34 -19.54 -10.99
N ASN A 97 29.08 -20.63 -11.23
CA ASN A 97 30.10 -21.19 -10.33
C ASN A 97 31.09 -21.98 -11.20
N GLU A 98 32.09 -22.64 -10.55
CA GLU A 98 33.15 -23.43 -11.19
C GLU A 98 32.56 -24.52 -12.09
N GLY A 99 31.38 -25.04 -11.75
CA GLY A 99 30.73 -26.17 -12.40
C GLY A 99 30.07 -25.81 -13.73
N MET A 100 29.81 -24.53 -13.95
CA MET A 100 29.14 -24.10 -15.16
C MET A 100 30.10 -23.22 -15.94
N LYS A 101 30.43 -23.60 -17.19
CA LYS A 101 31.38 -22.82 -17.97
C LYS A 101 30.74 -21.51 -18.43
N GLY A 102 29.51 -21.58 -18.95
CA GLY A 102 28.90 -20.46 -19.60
C GLY A 102 27.55 -20.86 -20.16
N TYR A 103 26.71 -19.86 -20.47
CA TYR A 103 25.45 -20.10 -21.13
C TYR A 103 24.91 -18.77 -21.59
N GLY A 104 24.05 -18.80 -22.62
CA GLY A 104 23.42 -17.58 -23.09
C GLY A 104 22.80 -17.81 -24.45
N TRP A 105 22.14 -16.76 -24.95
CA TRP A 105 21.38 -16.85 -26.19
C TRP A 105 22.30 -16.53 -27.35
N ASP A 106 22.28 -17.34 -28.40
CA ASP A 106 23.16 -17.10 -29.53
C ASP A 106 22.45 -16.16 -30.47
N GLU A 107 21.12 -16.27 -30.53
CA GLU A 107 20.26 -15.34 -31.20
C GLU A 107 18.94 -15.29 -30.45
N TYR A 108 18.31 -14.11 -30.40
CA TYR A 108 16.98 -14.03 -29.82
C TYR A 108 16.20 -12.84 -30.36
N ASP A 109 14.92 -13.08 -30.68
CA ASP A 109 13.92 -12.04 -30.81
C ASP A 109 12.68 -12.55 -30.10
N PRO A 110 12.08 -11.76 -29.17
CA PRO A 110 10.93 -12.23 -28.41
C PRO A 110 9.68 -12.48 -29.25
N ARG A 111 9.61 -11.88 -30.45
CA ARG A 111 8.54 -12.13 -31.42
C ARG A 111 8.68 -13.47 -32.14
N ARG A 112 9.92 -13.94 -32.39
CA ARG A 112 10.14 -15.12 -33.21
C ARG A 112 10.67 -16.31 -32.41
N GLY A 113 11.65 -16.05 -31.53
CA GLY A 113 12.27 -17.08 -30.71
C GLY A 113 13.79 -16.95 -30.73
N GLY A 114 14.50 -18.07 -30.55
CA GLY A 114 15.95 -18.01 -30.49
C GLY A 114 16.57 -19.36 -30.16
N ILE A 115 17.91 -19.35 -30.07
CA ILE A 115 18.70 -20.52 -29.73
C ILE A 115 19.57 -20.19 -28.52
N GLN A 116 19.58 -21.08 -27.53
CA GLN A 116 20.39 -20.89 -26.34
C GLN A 116 21.41 -22.02 -26.22
N SER A 117 22.65 -21.68 -25.84
CA SER A 117 23.71 -22.65 -25.53
C SER A 117 23.96 -22.68 -24.03
N ILE A 118 24.18 -23.89 -23.51
CA ILE A 118 24.56 -24.05 -22.12
C ILE A 118 25.71 -25.06 -22.04
N HIS A 119 26.81 -24.65 -21.42
CA HIS A 119 28.00 -25.47 -21.33
C HIS A 119 28.17 -25.85 -19.86
N ASP A 120 27.77 -27.08 -19.53
CA ASP A 120 27.75 -27.54 -18.15
C ASP A 120 28.94 -28.49 -17.90
N ILE A 121 29.95 -27.98 -17.21
CA ILE A 121 31.15 -28.76 -16.91
C ILE A 121 30.80 -29.94 -15.99
N GLN A 122 30.08 -29.66 -14.91
CA GLN A 122 29.82 -30.60 -13.83
C GLN A 122 29.06 -31.79 -14.36
N ASN A 123 28.10 -31.56 -15.26
CA ASN A 123 27.28 -32.63 -15.80
C ASN A 123 27.81 -33.13 -17.15
N GLY A 124 28.98 -32.62 -17.56
CA GLY A 124 29.68 -33.02 -18.77
C GLY A 124 28.85 -32.85 -20.04
N LEU A 125 28.04 -31.79 -20.11
CA LEU A 125 27.05 -31.70 -21.17
C LEU A 125 27.07 -30.33 -21.83
N ASP A 126 26.80 -30.35 -23.14
CA ASP A 126 26.55 -29.13 -23.90
C ASP A 126 25.12 -29.19 -24.38
N ILE A 127 24.31 -28.24 -23.93
CA ILE A 127 22.88 -28.25 -24.22
C ILE A 127 22.49 -27.10 -25.15
N THR A 128 21.65 -27.44 -26.11
CA THR A 128 21.09 -26.40 -26.96
C THR A 128 19.60 -26.37 -26.67
N THR A 129 19.00 -25.19 -26.52
CA THR A 129 17.55 -25.09 -26.44
C THR A 129 17.05 -24.16 -27.52
N SER A 130 16.33 -24.69 -28.50
CA SER A 130 15.82 -23.86 -29.59
C SER A 130 14.34 -23.63 -29.35
N PHE A 131 13.94 -22.36 -29.36
CA PHE A 131 12.56 -22.05 -29.09
C PHE A 131 12.03 -21.21 -30.24
N VAL A 132 10.82 -21.52 -30.71
CA VAL A 132 10.25 -20.80 -31.83
C VAL A 132 8.74 -20.63 -31.68
N LYS A 133 8.22 -19.58 -32.32
CA LYS A 133 6.84 -19.17 -32.12
C LYS A 133 6.11 -19.21 -33.46
N ILE A 134 4.89 -19.77 -33.46
CA ILE A 134 4.14 -19.93 -34.70
C ILE A 134 2.80 -19.22 -34.55
N PRO A 135 2.67 -18.03 -35.18
CA PRO A 135 1.45 -17.22 -35.05
C PRO A 135 0.25 -17.94 -35.65
N GLY A 136 -0.94 -17.53 -35.17
CA GLY A 136 -2.21 -18.08 -35.57
C GLY A 136 -3.17 -18.23 -34.38
N GLY A 137 -4.48 -18.06 -34.65
CA GLY A 137 -5.56 -18.28 -33.69
C GLY A 137 -5.91 -17.00 -32.94
N ALA A 138 -6.68 -17.12 -31.85
CA ALA A 138 -7.04 -15.94 -31.07
C ALA A 138 -6.32 -15.88 -29.73
N HIS A 139 -5.31 -16.74 -29.50
CA HIS A 139 -4.81 -16.93 -28.14
C HIS A 139 -3.29 -16.74 -28.01
N GLY A 140 -2.70 -16.02 -28.97
CA GLY A 140 -1.28 -15.73 -28.92
C GLY A 140 -0.43 -16.81 -29.60
N GLY A 141 -1.06 -17.75 -30.29
CA GLY A 141 -0.31 -18.61 -31.19
C GLY A 141 0.26 -19.84 -30.51
N SER A 142 1.10 -20.54 -31.28
CA SER A 142 1.75 -21.79 -30.87
C SER A 142 3.25 -21.58 -30.74
N TRP A 143 3.94 -22.55 -30.10
CA TRP A 143 5.39 -22.53 -29.99
C TRP A 143 5.90 -23.95 -29.95
N ALA A 144 7.22 -24.09 -30.11
CA ALA A 144 7.91 -25.37 -30.00
C ALA A 144 9.35 -25.13 -29.55
N ALA A 145 9.95 -26.18 -28.98
CA ALA A 145 11.31 -26.12 -28.50
C ALA A 145 12.01 -27.45 -28.76
N ARG A 146 13.22 -27.40 -29.28
CA ARG A 146 14.04 -28.60 -29.29
C ARG A 146 15.05 -28.49 -28.16
N ILE A 147 15.18 -29.56 -27.37
CA ILE A 147 16.21 -29.66 -26.37
C ILE A 147 17.20 -30.69 -26.86
N LYS A 148 18.46 -30.29 -27.05
CA LYS A 148 19.51 -31.20 -27.50
C LYS A 148 20.66 -31.22 -26.50
N GLY A 149 21.04 -32.41 -26.05
CA GLY A 149 22.21 -32.54 -25.18
C GLY A 149 23.33 -33.39 -25.80
N THR A 150 24.57 -32.90 -25.68
CA THR A 150 25.76 -33.58 -26.17
C THR A 150 26.79 -33.73 -25.05
N LEU A 151 27.17 -34.98 -24.74
CA LEU A 151 28.31 -35.22 -23.85
C LEU A 151 29.55 -34.53 -24.40
N ASN A 152 30.34 -33.91 -23.53
CA ASN A 152 31.60 -33.34 -23.96
C ASN A 152 32.68 -34.40 -23.82
N ASP A 153 33.91 -34.00 -24.10
CA ASP A 153 35.03 -34.91 -24.23
C ASP A 153 35.36 -35.61 -22.92
N ASP A 154 34.99 -34.99 -21.80
CA ASP A 154 35.43 -35.45 -20.50
C ASP A 154 34.46 -36.48 -19.94
N ALA A 155 33.20 -36.41 -20.35
CA ALA A 155 32.16 -37.25 -19.79
C ALA A 155 32.40 -38.72 -20.16
N PRO A 156 32.10 -39.69 -19.24
CA PRO A 156 32.00 -41.11 -19.59
C PRO A 156 31.03 -41.32 -20.75
N LYS A 157 31.41 -42.11 -21.77
CA LYS A 157 30.62 -42.17 -23.01
C LYS A 157 29.19 -42.68 -22.71
N ASP A 158 29.06 -43.38 -21.56
CA ASP A 158 27.90 -44.13 -21.13
C ASP A 158 27.28 -43.51 -19.87
N GLN A 159 27.45 -42.20 -19.68
CA GLN A 159 26.84 -41.46 -18.59
C GLN A 159 25.30 -41.51 -18.68
N LYS A 160 24.69 -41.61 -17.50
CA LYS A 160 23.24 -41.54 -17.44
C LYS A 160 22.83 -40.14 -17.00
N THR A 161 21.96 -39.51 -17.80
CA THR A 161 21.48 -38.16 -17.56
C THR A 161 19.97 -38.23 -17.37
N ILE A 162 19.45 -37.72 -16.23
CA ILE A 162 18.01 -37.60 -16.01
C ILE A 162 17.55 -36.27 -16.60
N VAL A 163 16.49 -36.29 -17.41
CA VAL A 163 15.93 -35.05 -17.90
C VAL A 163 14.48 -34.96 -17.48
N VAL A 164 14.07 -33.76 -17.05
CA VAL A 164 12.68 -33.57 -16.61
C VAL A 164 12.10 -32.35 -17.31
N PHE A 165 10.88 -32.51 -17.79
CA PHE A 165 10.11 -31.35 -18.20
C PHE A 165 8.94 -31.19 -17.23
N TYR A 166 8.82 -29.99 -16.66
CA TYR A 166 7.87 -29.74 -15.58
C TYR A 166 6.87 -28.72 -16.08
N VAL A 167 5.57 -29.03 -15.92
CA VAL A 167 4.50 -28.19 -16.42
C VAL A 167 3.53 -27.90 -15.28
N SER A 168 3.19 -26.62 -15.11
CA SER A 168 2.16 -26.29 -14.14
C SER A 168 1.14 -25.35 -14.74
N GLN A 169 -0.07 -25.39 -14.15
CA GLN A 169 -1.12 -24.44 -14.51
C GLN A 169 -1.86 -23.90 -13.27
N GLU A 170 -1.99 -22.57 -13.25
CA GLU A 170 -2.79 -21.85 -12.27
C GLU A 170 -4.09 -21.34 -12.92
N GLY A 171 -5.15 -21.26 -12.09
CA GLY A 171 -6.51 -20.89 -12.49
C GLY A 171 -7.52 -21.69 -11.68
N GLU A 172 -8.71 -21.12 -11.40
CA GLU A 172 -9.73 -21.91 -10.71
C GLU A 172 -10.52 -22.73 -11.71
N ASN A 173 -10.55 -22.29 -12.99
CA ASN A 173 -11.41 -22.86 -14.01
C ASN A 173 -10.63 -23.64 -15.08
N SER A 174 -9.36 -23.92 -14.81
CA SER A 174 -8.51 -24.44 -15.87
C SER A 174 -8.26 -25.92 -15.64
N GLU A 175 -7.98 -26.63 -16.73
CA GLU A 175 -7.75 -28.05 -16.62
C GLU A 175 -6.61 -28.46 -17.53
N LEU A 176 -5.90 -29.50 -17.09
CA LEU A 176 -4.78 -30.04 -17.82
C LEU A 176 -4.64 -31.51 -17.48
N GLU A 177 -4.57 -32.35 -18.53
CA GLU A 177 -4.62 -33.78 -18.34
C GLU A 177 -3.59 -34.47 -19.23
N ALA A 178 -2.90 -35.45 -18.62
CA ALA A 178 -2.05 -36.39 -19.35
C ALA A 178 -2.90 -37.52 -19.95
N VAL A 179 -2.85 -37.67 -21.27
CA VAL A 179 -3.39 -38.84 -21.91
C VAL A 179 -2.53 -40.04 -21.51
N PRO A 180 -3.11 -41.11 -20.92
CA PRO A 180 -2.34 -42.28 -20.49
C PRO A 180 -1.71 -43.09 -21.63
N SER A 181 -0.78 -43.98 -21.29
CA SER A 181 -0.03 -44.68 -22.31
C SER A 181 -0.65 -46.05 -22.55
N GLU A 182 -0.49 -46.59 -23.77
CA GLU A 182 -0.81 -47.97 -24.08
C GLU A 182 -0.01 -48.87 -23.13
N ASN A 183 1.33 -48.73 -23.17
CA ASN A 183 2.24 -49.66 -22.51
C ASN A 183 2.06 -49.64 -20.99
N GLU A 184 2.65 -50.63 -20.34
CA GLU A 184 2.33 -51.02 -18.97
C GLU A 184 2.82 -49.96 -17.95
N PHE A 185 4.04 -49.46 -18.16
CA PHE A 185 4.76 -48.80 -17.09
C PHE A 185 5.18 -47.38 -17.45
N GLY A 186 4.67 -46.86 -18.57
CA GLY A 186 5.13 -45.61 -19.13
C GLY A 186 5.01 -45.54 -20.65
N TYR A 187 5.72 -44.61 -21.28
CA TYR A 187 5.52 -44.29 -22.67
C TYR A 187 6.68 -44.79 -23.53
N GLU A 188 6.35 -45.49 -24.62
CA GLU A 188 7.29 -45.84 -25.68
C GLU A 188 7.36 -44.70 -26.69
N GLY A 189 6.35 -43.81 -26.71
CA GLY A 189 6.27 -42.69 -27.66
C GLY A 189 6.04 -41.32 -27.01
N ASP A 190 5.24 -40.48 -27.67
CA ASP A 190 5.04 -39.10 -27.28
C ASP A 190 4.08 -39.03 -26.09
N VAL A 191 4.30 -38.03 -25.21
CA VAL A 191 3.41 -37.75 -24.09
C VAL A 191 2.53 -36.57 -24.51
N ILE A 192 1.22 -36.73 -24.36
CA ILE A 192 0.32 -35.70 -24.80
C ILE A 192 -0.42 -35.18 -23.59
N LEU A 193 -0.34 -33.86 -23.38
CA LEU A 193 -1.15 -33.18 -22.37
C LEU A 193 -2.17 -32.31 -23.10
N LYS A 194 -3.44 -32.50 -22.73
CA LYS A 194 -4.58 -31.75 -23.26
C LYS A 194 -5.12 -30.85 -22.15
N GLY A 195 -5.29 -29.56 -22.48
CA GLY A 195 -5.68 -28.58 -21.49
C GLY A 195 -6.60 -27.48 -22.02
N ARG A 196 -7.22 -26.76 -21.08
CA ARG A 196 -8.11 -25.66 -21.40
C ARG A 196 -7.95 -24.61 -20.29
N SER A 197 -8.07 -23.34 -20.69
CA SER A 197 -8.24 -22.22 -19.75
C SER A 197 -8.91 -21.05 -20.46
N GLU A 198 -9.54 -20.14 -19.68
CA GLU A 198 -10.19 -18.94 -20.23
C GLU A 198 -9.16 -18.12 -21.00
N ALA A 199 -7.96 -18.02 -20.39
CA ALA A 199 -6.83 -17.33 -20.98
C ALA A 199 -6.42 -17.93 -22.33
N LEU A 200 -6.24 -19.26 -22.39
CA LEU A 200 -5.55 -19.89 -23.51
C LEU A 200 -6.49 -20.63 -24.46
N GLY A 201 -7.79 -20.68 -24.17
CA GLY A 201 -8.68 -21.54 -24.93
C GLY A 201 -8.24 -22.99 -24.81
N ASN A 202 -8.41 -23.74 -25.90
CA ASN A 202 -8.03 -25.15 -25.91
C ASN A 202 -6.63 -25.29 -26.46
N TYR A 203 -5.86 -26.22 -25.89
CA TYR A 203 -4.49 -26.39 -26.35
C TYR A 203 -4.00 -27.81 -26.06
N LYS A 204 -2.86 -28.16 -26.66
CA LYS A 204 -2.29 -29.49 -26.55
C LYS A 204 -0.77 -29.32 -26.53
N LEU A 205 -0.13 -29.93 -25.53
CA LEU A 205 1.30 -29.80 -25.30
C LEU A 205 1.91 -31.19 -25.37
N VAL A 206 2.84 -31.39 -26.31
CA VAL A 206 3.37 -32.71 -26.58
C VAL A 206 4.87 -32.73 -26.23
N VAL A 207 5.31 -33.74 -25.48
CA VAL A 207 6.72 -34.01 -25.25
C VAL A 207 7.11 -35.29 -26.01
N THR A 208 7.87 -35.08 -27.08
CA THR A 208 8.13 -36.13 -28.05
C THR A 208 9.02 -37.22 -27.45
N LYS A 209 8.99 -38.39 -28.10
CA LYS A 209 9.75 -39.55 -27.64
C LYS A 209 11.22 -39.14 -27.65
N GLY A 210 11.64 -38.53 -28.76
CA GLY A 210 13.00 -38.11 -28.99
C GLY A 210 13.97 -39.26 -29.28
N LYS A 211 15.21 -38.88 -29.60
CA LYS A 211 16.31 -39.73 -30.01
C LYS A 211 17.25 -39.95 -28.81
N GLY A 212 17.75 -41.18 -28.64
CA GLY A 212 18.79 -41.42 -27.65
C GLY A 212 18.63 -42.78 -27.00
N VAL A 213 19.74 -43.38 -26.55
CA VAL A 213 19.71 -44.64 -25.82
C VAL A 213 19.00 -44.43 -24.48
N ILE A 214 17.93 -45.20 -24.25
CA ILE A 214 17.26 -45.29 -22.96
C ILE A 214 17.80 -46.51 -22.21
N PRO A 215 18.55 -46.36 -21.09
CA PRO A 215 19.05 -47.51 -20.33
C PRO A 215 17.97 -48.52 -19.90
N GLN A 216 18.27 -49.83 -19.94
CA GLN A 216 17.32 -50.86 -19.54
C GLN A 216 17.88 -51.60 -18.34
N SER A 217 17.03 -51.90 -17.35
CA SER A 217 17.47 -52.48 -16.10
C SER A 217 17.10 -53.96 -16.08
N ASP A 218 18.04 -54.81 -15.70
CA ASP A 218 17.71 -56.20 -15.56
C ASP A 218 17.19 -56.52 -14.15
N HIS A 219 17.01 -55.50 -13.31
CA HIS A 219 16.71 -55.82 -11.93
C HIS A 219 15.30 -56.42 -11.80
N ASP A 220 15.12 -57.20 -10.72
CA ASP A 220 13.81 -57.66 -10.28
C ASP A 220 12.78 -56.55 -10.31
N LEU A 221 13.19 -55.33 -9.91
CA LEU A 221 12.31 -54.20 -9.74
C LEU A 221 11.60 -53.86 -11.06
N SER A 222 12.17 -54.32 -12.17
CA SER A 222 11.65 -54.00 -13.49
C SER A 222 10.32 -54.72 -13.74
N ARG A 223 10.09 -55.82 -12.99
CA ARG A 223 8.85 -56.59 -13.03
C ARG A 223 7.70 -55.69 -12.59
N LEU A 224 8.00 -54.71 -11.71
CA LEU A 224 6.99 -53.84 -11.15
C LEU A 224 7.04 -52.44 -11.72
N ARG A 225 8.22 -51.95 -12.16
CA ARG A 225 8.33 -50.56 -12.57
C ARG A 225 8.71 -50.45 -14.04
N GLY A 226 8.77 -51.58 -14.74
CA GLY A 226 9.27 -51.56 -16.12
C GLY A 226 10.79 -51.58 -16.16
N PRO A 227 11.41 -51.88 -17.34
CA PRO A 227 12.86 -51.89 -17.46
C PRO A 227 13.50 -50.50 -17.67
N GLY A 228 12.67 -49.50 -17.98
CA GLY A 228 13.17 -48.15 -18.22
C GLY A 228 12.45 -47.48 -19.40
N GLN A 229 11.80 -46.35 -19.12
CA GLN A 229 10.95 -45.70 -20.12
C GLN A 229 10.60 -44.31 -19.58
N THR A 230 10.20 -43.42 -20.50
CA THR A 230 9.58 -42.15 -20.13
C THR A 230 8.40 -42.39 -19.20
N VAL A 231 8.30 -41.62 -18.11
CA VAL A 231 7.20 -41.73 -17.16
C VAL A 231 6.61 -40.34 -16.89
N VAL A 232 5.34 -40.30 -16.43
CA VAL A 232 4.63 -39.06 -16.15
C VAL A 232 3.93 -39.20 -14.80
N GLN A 233 4.04 -38.14 -13.98
CA GLN A 233 3.22 -38.01 -12.80
C GLN A 233 2.37 -36.75 -12.94
N SER A 234 1.07 -36.92 -12.68
CA SER A 234 0.16 -35.80 -12.70
C SER A 234 -0.25 -35.57 -11.25
N LEU A 235 -0.03 -34.35 -10.72
CA LEU A 235 -0.23 -34.07 -9.30
C LEU A 235 -1.09 -32.82 -9.22
N THR A 236 -1.59 -32.53 -8.01
CA THR A 236 -2.23 -31.26 -7.72
CA THR A 236 -2.19 -31.23 -7.74
C THR A 236 -1.75 -30.72 -6.36
N TYR A 237 -1.41 -29.42 -6.34
CA TYR A 237 -1.06 -28.69 -5.13
C TYR A 237 -1.81 -27.36 -5.15
N PRO A 238 -1.87 -26.64 -4.01
CA PRO A 238 -2.37 -25.26 -4.00
C PRO A 238 -1.58 -24.41 -4.98
N ASP A 239 -2.29 -23.67 -5.84
CA ASP A 239 -1.72 -22.84 -6.91
C ASP A 239 -0.47 -22.07 -6.48
N GLU A 240 -0.42 -21.65 -5.23
CA GLU A 240 0.55 -20.66 -4.83
C GLU A 240 1.92 -21.30 -4.64
N VAL A 241 1.99 -22.63 -4.73
CA VAL A 241 3.28 -23.28 -4.55
C VAL A 241 3.75 -24.00 -5.82
N LEU A 242 2.98 -23.89 -6.91
CA LEU A 242 3.29 -24.60 -8.13
C LEU A 242 4.72 -24.32 -8.62
N TRP A 243 5.20 -23.09 -8.37
CA TRP A 243 6.48 -22.65 -8.89
C TRP A 243 7.65 -23.44 -8.25
N GLN A 244 7.43 -24.10 -7.10
CA GLN A 244 8.56 -24.75 -6.47
C GLN A 244 8.82 -26.12 -7.07
N ALA A 245 9.30 -26.14 -8.32
CA ALA A 245 9.45 -27.35 -9.08
C ALA A 245 10.46 -28.34 -8.46
N LYS A 246 11.61 -27.81 -8.00
CA LYS A 246 12.66 -28.66 -7.49
C LYS A 246 12.17 -29.43 -6.26
N PRO A 247 11.62 -28.76 -5.22
CA PRO A 247 11.06 -29.46 -4.06
C PRO A 247 9.86 -30.35 -4.40
N ILE A 248 9.00 -29.92 -5.32
CA ILE A 248 7.90 -30.79 -5.71
C ILE A 248 8.47 -32.11 -6.25
N LEU A 249 9.43 -31.97 -7.17
CA LEU A 249 10.11 -33.12 -7.76
C LEU A 249 10.72 -34.00 -6.66
N PHE A 250 11.53 -33.42 -5.78
CA PHE A 250 12.28 -34.25 -4.84
C PHE A 250 11.35 -34.98 -3.85
N GLN A 251 10.17 -34.42 -3.61
CA GLN A 251 9.25 -35.08 -2.71
C GLN A 251 8.73 -36.36 -3.37
N GLN A 252 8.57 -36.33 -4.70
CA GLN A 252 8.12 -37.51 -5.42
C GLN A 252 9.21 -38.57 -5.45
N LEU A 253 10.45 -38.13 -5.71
CA LEU A 253 11.58 -39.04 -5.74
C LEU A 253 11.69 -39.71 -4.38
N LYS A 254 11.52 -38.88 -3.34
CA LYS A 254 11.65 -39.38 -2.00
C LYS A 254 10.56 -40.42 -1.75
N ALA A 255 9.35 -40.22 -2.30
CA ALA A 255 8.24 -41.15 -2.06
C ALA A 255 8.46 -42.49 -2.77
N GLY A 256 9.02 -42.43 -4.00
CA GLY A 256 9.50 -43.60 -4.72
C GLY A 256 10.53 -44.38 -3.90
N ILE A 257 11.54 -43.69 -3.36
CA ILE A 257 12.56 -44.39 -2.61
C ILE A 257 11.92 -45.02 -1.38
N ASP A 258 10.98 -44.29 -0.75
CA ASP A 258 10.36 -44.79 0.46
C ASP A 258 9.70 -46.11 0.16
N TRP A 259 8.97 -46.13 -0.98
CA TRP A 259 8.28 -47.30 -1.49
C TRP A 259 9.26 -48.47 -1.67
N LEU A 260 10.45 -48.20 -2.23
CA LEU A 260 11.46 -49.24 -2.41
C LEU A 260 11.76 -49.93 -1.07
N VAL A 261 12.05 -49.14 -0.03
CA VAL A 261 12.52 -49.65 1.25
C VAL A 261 11.43 -50.50 1.90
N GLU A 262 10.18 -50.03 1.76
CA GLU A 262 9.00 -50.69 2.32
C GLU A 262 8.86 -52.09 1.73
N ASN A 263 9.16 -52.23 0.44
CA ASN A 263 8.89 -53.41 -0.36
C ASN A 263 10.16 -54.24 -0.51
N LYS A 264 11.11 -54.07 0.42
CA LYS A 264 12.25 -54.96 0.61
C LYS A 264 13.25 -54.87 -0.56
N TYR A 265 13.32 -53.75 -1.28
CA TYR A 265 14.48 -53.46 -2.13
C TYR A 265 15.55 -52.75 -1.30
N ASP A 266 16.69 -53.42 -1.12
CA ASP A 266 17.70 -53.00 -0.16
C ASP A 266 19.13 -53.15 -0.70
N VAL A 267 20.12 -53.01 0.19
CA VAL A 267 21.52 -52.90 -0.20
C VAL A 267 22.14 -54.29 -0.37
N ALA A 268 21.34 -55.32 -0.09
CA ALA A 268 21.74 -56.70 -0.34
C ALA A 268 21.91 -56.91 -1.85
N ASP A 269 21.03 -56.26 -2.64
CA ASP A 269 20.98 -56.31 -4.10
C ASP A 269 20.17 -55.11 -4.61
N PRO A 270 20.75 -53.89 -4.65
CA PRO A 270 19.99 -52.70 -4.99
C PRO A 270 19.79 -52.55 -6.50
N PRO A 271 18.69 -51.93 -6.95
CA PRO A 271 18.54 -51.60 -8.36
C PRO A 271 19.59 -50.59 -8.75
N PRO A 272 19.82 -50.37 -10.07
CA PRO A 272 20.71 -49.29 -10.51
C PRO A 272 20.22 -47.91 -10.06
N PRO A 273 21.16 -46.97 -9.72
CA PRO A 273 20.80 -45.62 -9.27
C PRO A 273 19.75 -44.97 -10.17
N TRP A 274 20.03 -44.99 -11.48
CA TRP A 274 19.16 -44.32 -12.42
C TRP A 274 17.75 -44.88 -12.35
N GLN A 275 17.60 -46.09 -11.80
CA GLN A 275 16.27 -46.69 -11.72
C GLN A 275 15.59 -46.36 -10.39
N VAL A 276 16.39 -46.23 -9.34
CA VAL A 276 15.90 -45.69 -8.08
C VAL A 276 15.26 -44.31 -8.30
N TYR A 277 15.78 -43.51 -9.23
CA TYR A 277 15.28 -42.15 -9.41
C TYR A 277 14.40 -42.03 -10.65
N LEU A 278 13.87 -43.17 -11.11
CA LEU A 278 12.81 -43.13 -12.10
C LEU A 278 11.48 -43.12 -11.36
N LEU A 279 10.64 -42.11 -11.62
CA LEU A 279 9.38 -42.07 -10.88
C LEU A 279 8.50 -43.20 -11.40
N ALA A 280 7.60 -43.68 -10.55
CA ALA A 280 6.50 -44.56 -10.96
C ALA A 280 5.57 -43.77 -11.89
N ASN A 281 5.10 -44.41 -12.96
CA ASN A 281 4.21 -43.75 -13.90
C ASN A 281 2.81 -43.62 -13.29
N LYS A 282 2.22 -42.42 -13.34
CA LYS A 282 0.89 -42.13 -12.79
C LYS A 282 0.27 -40.94 -13.50
N PRO A 283 0.04 -41.02 -14.82
CA PRO A 283 -0.52 -39.91 -15.59
C PRO A 283 -1.96 -39.65 -15.16
N GLY A 284 -2.41 -38.41 -15.32
CA GLY A 284 -3.78 -38.09 -15.00
C GLY A 284 -4.09 -36.62 -15.21
N SER A 285 -5.08 -36.14 -14.47
CA SER A 285 -5.33 -34.71 -14.44
C SER A 285 -4.74 -34.14 -13.15
N GLY A 286 -4.51 -32.83 -13.16
CA GLY A 286 -3.89 -32.11 -12.06
C GLY A 286 -3.28 -30.81 -12.55
N ASN A 287 -2.75 -30.00 -11.62
CA ASN A 287 -2.21 -28.70 -11.99
C ASN A 287 -0.68 -28.77 -12.11
N VAL A 288 -0.10 -29.93 -11.75
CA VAL A 288 1.32 -30.16 -12.03
C VAL A 288 1.48 -31.47 -12.80
N HIS A 289 2.34 -31.44 -13.84
CA HIS A 289 2.73 -32.66 -14.57
C HIS A 289 4.26 -32.75 -14.69
N ILE A 290 4.83 -33.85 -14.18
CA ILE A 290 6.25 -34.07 -14.31
C ILE A 290 6.44 -35.14 -15.39
N VAL A 291 7.18 -34.80 -16.46
CA VAL A 291 7.61 -35.72 -17.50
C VAL A 291 9.09 -36.05 -17.29
N GLN A 292 9.42 -37.35 -17.19
CA GLN A 292 10.79 -37.73 -16.88
C GLN A 292 11.30 -38.72 -17.93
N LYS A 293 12.53 -38.51 -18.39
CA LYS A 293 13.27 -39.37 -19.33
C LYS A 293 14.66 -39.65 -18.76
N VAL A 294 15.21 -40.84 -19.06
CA VAL A 294 16.62 -41.04 -18.76
C VAL A 294 17.35 -41.37 -20.06
N PHE A 295 18.49 -40.73 -20.30
CA PHE A 295 19.27 -41.05 -21.47
C PHE A 295 20.63 -41.61 -21.09
N GLU A 296 21.19 -42.48 -21.96
CA GLU A 296 22.59 -42.90 -21.91
C GLU A 296 23.29 -42.33 -23.14
N GLY A 297 24.33 -41.52 -22.90
CA GLY A 297 24.90 -40.72 -23.96
C GLY A 297 24.02 -39.52 -24.35
N ASP A 298 24.18 -39.07 -25.59
CA ASP A 298 23.59 -37.87 -26.13
C ASP A 298 22.09 -38.07 -26.34
N PHE A 299 21.35 -36.97 -26.41
CA PHE A 299 19.91 -37.07 -26.58
C PHE A 299 19.35 -35.80 -27.23
N GLU A 300 18.11 -35.89 -27.70
CA GLU A 300 17.34 -34.71 -28.04
C GLU A 300 15.87 -35.06 -27.92
N PHE A 301 15.03 -34.05 -27.68
CA PHE A 301 13.58 -34.18 -27.71
C PHE A 301 12.93 -32.82 -27.96
N ASP A 302 11.63 -32.86 -28.28
CA ASP A 302 10.95 -31.65 -28.70
C ASP A 302 9.76 -31.43 -27.79
N ILE A 303 9.45 -30.15 -27.56
CA ILE A 303 8.23 -29.75 -26.87
C ILE A 303 7.40 -28.94 -27.85
N LEU A 304 6.17 -29.42 -28.09
CA LEU A 304 5.26 -28.86 -29.07
C LEU A 304 3.97 -28.38 -28.39
N PHE A 305 3.70 -27.08 -28.56
CA PHE A 305 2.52 -26.46 -27.97
C PHE A 305 1.60 -26.05 -29.11
N SER A 306 0.44 -26.70 -29.18
CA SER A 306 -0.48 -26.46 -30.29
C SER A 306 -1.72 -25.77 -29.78
N SER A 307 -1.86 -24.49 -30.13
CA SER A 307 -3.07 -23.75 -29.81
C SER A 307 -4.16 -24.29 -30.72
N GLU A 308 -5.25 -24.79 -30.12
CA GLU A 308 -6.29 -25.42 -30.92
C GLU A 308 -6.98 -24.40 -31.83
N SER A 309 -7.19 -23.18 -31.31
CA SER A 309 -7.85 -22.12 -32.03
C SER A 309 -7.08 -21.68 -33.29
N ALA A 310 -5.87 -22.24 -33.49
CA ALA A 310 -5.02 -21.93 -34.64
C ALA A 310 -5.21 -23.01 -35.69
N GLY A 311 -4.29 -23.09 -36.66
CA GLY A 311 -4.32 -24.08 -37.73
C GLY A 311 -4.25 -25.54 -37.27
N LYS A 312 -3.60 -26.39 -38.06
CA LYS A 312 -3.33 -27.77 -37.66
C LYS A 312 -2.27 -27.73 -36.56
N GLU A 313 -2.12 -28.84 -35.83
CA GLU A 313 -1.19 -28.91 -34.71
C GLU A 313 0.24 -28.77 -35.22
N VAL A 314 1.15 -28.27 -34.36
CA VAL A 314 2.57 -28.07 -34.64
C VAL A 314 3.30 -29.42 -34.68
N THR A 315 4.19 -29.56 -35.67
CA THR A 315 4.90 -30.81 -35.88
C THR A 315 6.39 -30.55 -35.65
N SER A 316 7.16 -31.63 -35.50
CA SER A 316 8.62 -31.53 -35.40
C SER A 316 9.17 -30.94 -36.71
N LYS A 317 8.50 -31.22 -37.84
CA LYS A 317 8.93 -30.71 -39.14
C LYS A 317 8.74 -29.19 -39.15
N ASP A 318 7.65 -28.72 -38.50
CA ASP A 318 7.33 -27.32 -38.37
C ASP A 318 8.45 -26.60 -37.60
N LEU A 319 8.93 -27.27 -36.53
CA LEU A 319 9.89 -26.72 -35.60
C LEU A 319 11.17 -26.35 -36.34
N GLU A 320 11.71 -27.32 -37.10
CA GLU A 320 12.98 -27.18 -37.79
C GLU A 320 12.90 -26.04 -38.81
N ARG A 321 11.76 -25.92 -39.49
CA ARG A 321 11.58 -24.96 -40.56
C ARG A 321 11.56 -23.56 -39.97
N GLU A 322 10.85 -23.43 -38.85
CA GLU A 322 10.69 -22.14 -38.24
C GLU A 322 12.01 -21.71 -37.60
N VAL A 323 12.79 -22.67 -37.06
CA VAL A 323 14.09 -22.35 -36.50
C VAL A 323 14.99 -21.72 -37.57
N LYS A 324 15.09 -22.39 -38.73
CA LYS A 324 15.87 -21.93 -39.86
C LYS A 324 15.42 -20.52 -40.23
N GLN A 325 14.10 -20.32 -40.30
CA GLN A 325 13.51 -19.06 -40.72
C GLN A 325 13.87 -17.93 -39.76
N ALA A 326 13.76 -18.20 -38.45
CA ALA A 326 14.07 -17.22 -37.40
C ALA A 326 15.53 -16.76 -37.47
N THR A 327 16.46 -17.70 -37.69
CA THR A 327 17.87 -17.37 -37.78
C THR A 327 18.16 -16.43 -38.94
N GLU A 328 17.50 -16.68 -40.09
CA GLU A 328 17.70 -15.88 -41.30
C GLU A 328 17.23 -14.46 -41.02
N VAL A 329 16.01 -14.35 -40.49
CA VAL A 329 15.45 -13.06 -40.17
C VAL A 329 16.34 -12.30 -39.18
N PHE A 330 16.87 -12.99 -38.15
CA PHE A 330 17.71 -12.35 -37.14
C PHE A 330 18.99 -11.81 -37.77
N GLY A 331 19.64 -12.65 -38.61
CA GLY A 331 20.78 -12.25 -39.42
C GLY A 331 20.59 -10.90 -40.12
N GLU A 332 19.48 -10.78 -40.88
CA GLU A 332 19.15 -9.65 -41.73
C GLU A 332 18.90 -8.39 -40.89
N ARG A 333 18.16 -8.52 -39.79
CA ARG A 333 17.85 -7.38 -38.95
C ARG A 333 19.13 -6.84 -38.32
N PHE A 334 19.98 -7.76 -37.82
CA PHE A 334 21.14 -7.38 -37.04
C PHE A 334 21.99 -6.44 -37.88
N ALA A 335 22.12 -6.77 -39.17
CA ALA A 335 23.09 -6.05 -39.99
C ALA A 335 22.53 -4.70 -40.44
N ARG A 336 21.20 -4.50 -40.43
CA ARG A 336 20.64 -3.17 -40.68
C ARG A 336 20.76 -2.30 -39.44
N VAL A 337 20.29 -2.84 -38.32
CA VAL A 337 20.18 -2.09 -37.08
C VAL A 337 21.56 -1.89 -36.43
N PHE A 338 22.39 -2.92 -36.41
CA PHE A 338 23.65 -2.89 -35.70
C PHE A 338 24.79 -3.03 -36.71
N ASP A 339 24.92 -1.99 -37.51
CA ASP A 339 25.97 -1.96 -38.50
C ASP A 339 27.25 -1.50 -37.80
N LEU A 340 28.14 -2.44 -37.51
CA LEU A 340 29.32 -2.13 -36.70
C LEU A 340 30.32 -1.33 -37.52
N LYS A 341 30.70 -0.15 -37.01
CA LYS A 341 31.59 0.75 -37.73
C LYS A 341 33.06 0.48 -37.34
N ALA A 342 34.00 0.96 -38.16
CA ALA A 342 35.40 0.64 -37.92
C ALA A 342 35.86 1.15 -36.55
N PRO A 343 36.86 0.50 -35.90
CA PRO A 343 37.54 -0.67 -36.48
C PRO A 343 36.94 -2.00 -36.01
N PHE A 344 35.60 -2.05 -35.94
CA PHE A 344 34.92 -3.22 -35.44
C PHE A 344 34.05 -3.85 -36.51
N GLN A 345 34.47 -3.73 -37.78
CA GLN A 345 33.70 -4.26 -38.90
C GLN A 345 33.91 -5.77 -38.97
N GLY A 346 35.03 -6.27 -38.39
CA GLY A 346 35.46 -7.68 -38.39
C GLY A 346 34.39 -8.67 -37.92
N ASP A 347 34.46 -9.91 -38.41
CA ASP A 347 33.50 -10.96 -38.07
C ASP A 347 33.56 -11.35 -36.59
N ASN A 348 34.73 -11.15 -35.94
CA ASN A 348 34.91 -11.55 -34.55
C ASN A 348 34.12 -10.59 -33.69
N TYR A 349 34.15 -9.29 -34.09
CA TYR A 349 33.37 -8.24 -33.45
C TYR A 349 31.88 -8.45 -33.64
N LYS A 350 31.47 -9.00 -34.79
CA LYS A 350 30.08 -9.23 -35.12
C LYS A 350 29.53 -10.29 -34.17
N LYS A 351 30.30 -11.38 -33.98
CA LYS A 351 29.91 -12.49 -33.10
C LYS A 351 29.74 -11.92 -31.69
N PHE A 352 30.70 -11.11 -31.24
CA PHE A 352 30.66 -10.48 -29.93
C PHE A 352 29.37 -9.70 -29.79
N GLY A 353 29.06 -8.85 -30.80
CA GLY A 353 27.86 -8.01 -30.82
C GLY A 353 26.57 -8.80 -30.70
N LYS A 354 26.44 -9.85 -31.51
CA LYS A 354 25.26 -10.70 -31.51
C LYS A 354 25.14 -11.43 -30.17
N SER A 355 26.27 -11.76 -29.53
CA SER A 355 26.22 -12.36 -28.20
C SER A 355 25.73 -11.37 -27.12
N MET A 356 26.40 -10.22 -27.01
CA MET A 356 25.94 -9.17 -26.12
C MET A 356 24.48 -8.81 -26.42
N PHE A 357 24.11 -8.57 -27.69
CA PHE A 357 22.75 -8.14 -27.89
C PHE A 357 21.75 -9.24 -27.52
N SER A 358 21.98 -10.46 -27.98
CA SER A 358 21.05 -11.56 -27.77
C SER A 358 20.80 -11.85 -26.29
N ASN A 359 21.85 -11.71 -25.45
CA ASN A 359 21.75 -11.96 -24.02
C ASN A 359 20.93 -10.89 -23.28
N LEU A 360 21.14 -9.61 -23.64
CA LEU A 360 20.34 -8.51 -23.14
C LEU A 360 18.86 -8.75 -23.41
N ILE A 361 18.49 -8.90 -24.67
CA ILE A 361 17.08 -8.97 -25.01
C ILE A 361 16.50 -10.31 -24.59
N GLY A 362 17.32 -11.37 -24.67
CA GLY A 362 16.94 -12.69 -24.20
C GLY A 362 16.64 -12.71 -22.69
N GLY A 363 17.06 -11.69 -21.96
CA GLY A 363 16.81 -11.67 -20.53
C GLY A 363 15.42 -11.13 -20.15
N ILE A 364 14.62 -10.74 -21.18
CA ILE A 364 13.27 -10.21 -20.96
C ILE A 364 12.46 -11.23 -20.14
N GLY A 365 11.84 -10.74 -19.07
CA GLY A 365 11.00 -11.59 -18.27
C GLY A 365 9.60 -11.01 -18.13
N TYR A 366 8.62 -11.90 -17.86
CA TYR A 366 7.34 -11.46 -17.35
C TYR A 366 7.24 -11.92 -15.90
N PHE A 367 6.92 -10.99 -15.01
CA PHE A 367 6.84 -11.29 -13.58
C PHE A 367 5.49 -10.87 -13.01
N TYR A 368 5.01 -11.62 -11.99
CA TYR A 368 3.64 -11.49 -11.47
C TYR A 368 3.53 -11.89 -10.00
N GLY A 369 3.03 -10.97 -9.17
CA GLY A 369 2.78 -11.25 -7.76
C GLY A 369 2.77 -9.98 -6.92
N HIS A 370 2.89 -10.16 -5.60
CA HIS A 370 2.86 -9.05 -4.67
C HIS A 370 4.28 -8.54 -4.44
N SER A 371 4.40 -7.22 -4.21
CA SER A 371 5.60 -6.53 -3.74
C SER A 371 5.53 -6.34 -2.23
N LEU A 372 6.69 -6.12 -1.61
CA LEU A 372 6.78 -5.80 -0.19
C LEU A 372 7.13 -4.31 0.00
N VAL A 373 6.17 -3.53 0.50
CA VAL A 373 6.27 -2.08 0.56
C VAL A 373 5.93 -1.61 1.97
N ASP A 374 6.73 -0.69 2.52
CA ASP A 374 6.41 -0.03 3.79
C ASP A 374 5.56 1.19 3.48
N ARG A 375 4.26 1.16 3.80
CA ARG A 375 3.36 2.22 3.41
C ARG A 375 3.02 3.13 4.60
N SER A 376 3.79 3.00 5.69
CA SER A 376 3.65 3.80 6.88
C SER A 376 3.94 5.30 6.64
N TYR A 377 4.78 5.67 5.67
CA TYR A 377 5.17 7.07 5.55
C TYR A 377 5.56 7.65 6.92
N ALA A 378 6.28 6.86 7.73
CA ALA A 378 6.82 7.32 8.99
C ALA A 378 7.36 8.73 8.80
N PRO A 379 7.27 9.61 9.82
CA PRO A 379 7.94 10.92 9.74
C PRO A 379 9.47 10.85 9.69
N GLU A 380 10.08 9.74 10.16
CA GLU A 380 11.54 9.61 10.24
C GLU A 380 12.21 9.58 8.85
N TYR A 381 11.41 9.24 7.83
CA TYR A 381 11.78 9.13 6.42
C TYR A 381 11.81 10.51 5.78
N ASP A 382 11.59 11.56 6.57
CA ASP A 382 11.59 12.90 6.02
C ASP A 382 13.03 13.39 5.93
N GLU A 383 13.89 12.80 6.81
CA GLU A 383 15.31 13.08 6.93
C GLU A 383 15.53 14.59 7.00
N GLU A 384 14.83 15.29 7.90
CA GLU A 384 15.03 16.71 8.05
C GLU A 384 15.94 16.96 9.25
N ASN A 385 16.30 15.90 9.95
CA ASN A 385 17.09 16.05 11.16
C ASN A 385 18.55 15.65 10.88
N GLU A 386 19.48 16.28 11.59
CA GLU A 386 20.81 15.71 11.71
C GLU A 386 20.72 14.31 12.33
N GLY A 387 21.46 13.35 11.78
CA GLY A 387 21.47 11.99 12.30
C GLY A 387 20.28 11.18 11.79
N PHE A 388 19.64 11.70 10.72
CA PHE A 388 18.38 11.17 10.23
C PHE A 388 18.49 9.67 9.95
N TRP A 389 19.70 9.18 9.71
CA TRP A 389 19.84 7.80 9.32
C TRP A 389 19.55 6.86 10.49
N GLU A 390 19.74 7.36 11.73
CA GLU A 390 19.47 6.58 12.93
C GLU A 390 17.96 6.54 13.21
N ASP A 391 17.30 7.67 12.98
CA ASP A 391 15.86 7.76 13.03
C ASP A 391 15.26 6.77 12.02
N ALA A 392 15.68 6.85 10.77
CA ALA A 392 15.02 6.03 9.76
C ALA A 392 15.22 4.53 10.03
N ALA A 393 16.37 4.12 10.57
CA ALA A 393 16.62 2.73 10.91
C ALA A 393 15.57 2.23 11.91
N GLU A 394 15.29 3.04 12.94
CA GLU A 394 14.25 2.74 13.91
C GLU A 394 12.88 2.64 13.26
N ALA A 395 12.52 3.53 12.32
CA ALA A 395 11.24 3.39 11.63
C ALA A 395 11.15 2.06 10.86
N ARG A 396 12.23 1.67 10.17
CA ARG A 396 12.30 0.38 9.49
C ARG A 396 12.18 -0.80 10.48
N ALA A 397 12.70 -0.62 11.70
CA ALA A 397 12.64 -1.69 12.70
C ALA A 397 11.23 -1.86 13.25
N ARG A 398 10.26 -1.07 12.77
CA ARG A 398 8.89 -1.23 13.22
C ARG A 398 8.17 -2.23 12.32
N HIS A 399 8.80 -2.56 11.19
CA HIS A 399 8.37 -3.64 10.30
C HIS A 399 6.90 -3.47 9.91
N GLN A 400 6.50 -2.27 9.50
CA GLN A 400 5.14 -1.98 9.11
C GLN A 400 4.87 -2.44 7.68
N GLU A 401 5.91 -2.93 6.98
CA GLU A 401 5.78 -3.29 5.58
C GLU A 401 4.79 -4.46 5.44
N ALA A 402 4.14 -4.54 4.27
CA ALA A 402 3.14 -5.56 3.99
C ALA A 402 3.08 -5.83 2.48
N LEU A 403 2.67 -7.05 2.07
CA LEU A 403 2.57 -7.37 0.65
C LEU A 403 1.45 -6.55 -0.01
N GLU A 404 1.61 -6.16 -1.26
CA GLU A 404 0.58 -5.41 -1.95
C GLU A 404 0.62 -5.75 -3.45
N GLY A 405 -0.50 -5.54 -4.14
CA GLY A 405 -0.62 -5.90 -5.54
C GLY A 405 -1.83 -6.77 -5.74
N PRO A 406 -1.79 -7.85 -6.58
CA PRO A 406 -0.56 -8.26 -7.26
C PRO A 406 -0.27 -7.30 -8.40
N TYR A 407 1.00 -7.24 -8.81
CA TYR A 407 1.36 -6.44 -9.99
C TYR A 407 1.97 -7.35 -11.06
N GLU A 408 2.05 -6.83 -12.29
CA GLU A 408 2.76 -7.53 -13.36
C GLU A 408 3.82 -6.62 -13.96
N LEU A 409 4.95 -7.20 -14.39
CA LEU A 409 5.96 -6.43 -15.08
C LEU A 409 6.58 -7.28 -16.19
N PHE A 410 6.72 -6.66 -17.36
CA PHE A 410 7.42 -7.19 -18.51
C PHE A 410 8.66 -6.32 -18.73
N THR A 411 9.84 -6.88 -18.46
CA THR A 411 11.06 -6.10 -18.46
C THR A 411 12.29 -6.98 -18.72
N SER A 412 13.37 -6.35 -19.21
CA SER A 412 14.67 -6.98 -19.22
C SER A 412 15.33 -6.79 -17.84
N ILE A 413 16.49 -7.40 -17.59
CA ILE A 413 17.03 -7.55 -16.23
C ILE A 413 18.54 -7.36 -16.29
N PRO A 414 19.21 -7.01 -15.16
CA PRO A 414 20.67 -6.97 -15.14
C PRO A 414 21.37 -8.31 -15.32
N SER A 415 20.85 -9.39 -14.73
CA SER A 415 21.64 -10.59 -14.52
C SER A 415 20.75 -11.81 -14.24
N ARG A 416 20.78 -12.78 -15.15
CA ARG A 416 20.00 -13.97 -14.93
C ARG A 416 20.44 -14.65 -13.65
N PRO A 417 21.72 -14.94 -13.39
CA PRO A 417 22.08 -15.68 -12.17
C PRO A 417 22.01 -14.90 -10.87
N PHE A 418 22.13 -13.57 -10.90
CA PHE A 418 22.20 -12.85 -9.64
C PHE A 418 21.05 -11.86 -9.44
N PHE A 419 20.57 -11.21 -10.51
CA PHE A 419 19.60 -10.16 -10.30
C PHE A 419 18.44 -10.26 -11.27
N PRO A 420 17.66 -11.36 -11.29
CA PRO A 420 16.67 -11.56 -12.35
C PRO A 420 15.34 -10.84 -12.11
N ARG A 421 15.36 -9.52 -12.14
CA ARG A 421 14.18 -8.73 -11.78
C ARG A 421 14.38 -7.32 -12.31
N GLY A 422 13.31 -6.52 -12.35
CA GLY A 422 13.32 -5.17 -12.89
C GLY A 422 14.11 -4.24 -11.98
N PHE A 423 15.08 -3.47 -12.54
CA PHE A 423 15.66 -2.37 -11.80
C PHE A 423 15.44 -1.08 -12.59
N LEU A 424 14.91 -0.04 -11.93
CA LEU A 424 14.38 1.11 -12.64
C LEU A 424 15.43 1.78 -13.51
N TRP A 425 16.51 2.32 -12.93
CA TRP A 425 17.47 3.06 -13.77
C TRP A 425 18.24 2.14 -14.73
N ASP A 426 18.42 0.85 -14.38
CA ASP A 426 19.01 -0.14 -15.26
C ASP A 426 18.23 -0.23 -16.57
N GLU A 427 16.90 -0.22 -16.47
CA GLU A 427 16.08 -0.49 -17.64
C GLU A 427 16.22 0.62 -18.68
N GLY A 428 16.39 1.87 -18.21
CA GLY A 428 16.70 3.00 -19.07
C GLY A 428 17.89 2.71 -20.00
N PHE A 429 18.96 2.08 -19.45
CA PHE A 429 20.08 1.68 -20.29
C PHE A 429 19.72 0.46 -21.14
N HIS A 430 19.12 -0.58 -20.56
CA HIS A 430 18.74 -1.75 -21.34
C HIS A 430 17.92 -1.35 -22.58
N LEU A 431 17.06 -0.34 -22.50
CA LEU A 431 16.09 -0.18 -23.56
C LEU A 431 16.66 0.63 -24.72
N LEU A 432 17.87 1.19 -24.56
CA LEU A 432 18.48 1.91 -25.66
C LEU A 432 18.84 1.02 -26.84
N PRO A 433 19.56 -0.11 -26.66
CA PRO A 433 19.83 -1.00 -27.79
C PRO A 433 18.55 -1.69 -28.26
N ILE A 434 17.69 -2.07 -27.31
CA ILE A 434 16.45 -2.74 -27.66
C ILE A 434 15.60 -1.82 -28.55
N ALA A 435 15.59 -0.51 -28.28
CA ALA A 435 14.74 0.41 -29.02
C ALA A 435 15.14 0.39 -30.48
N ASP A 436 16.45 0.33 -30.73
CA ASP A 436 16.98 0.28 -32.08
C ASP A 436 16.38 -0.94 -32.77
N TRP A 437 16.31 -2.05 -32.04
CA TRP A 437 15.96 -3.33 -32.62
C TRP A 437 14.47 -3.41 -32.89
N ASP A 438 13.67 -2.94 -31.93
CA ASP A 438 12.23 -3.11 -31.95
C ASP A 438 11.61 -2.01 -31.10
N ILE A 439 11.40 -0.83 -31.69
CA ILE A 439 10.88 0.30 -30.93
C ILE A 439 9.55 -0.03 -30.22
N ASP A 440 8.71 -0.84 -30.86
CA ASP A 440 7.41 -1.22 -30.33
C ASP A 440 7.57 -2.09 -29.09
N LEU A 441 8.62 -2.91 -29.06
CA LEU A 441 8.88 -3.74 -27.90
C LEU A 441 9.32 -2.83 -26.75
N ALA A 442 10.14 -1.82 -27.06
CA ALA A 442 10.67 -0.94 -26.01
C ALA A 442 9.53 -0.16 -25.34
N LEU A 443 8.58 0.27 -26.17
CA LEU A 443 7.48 1.08 -25.67
C LEU A 443 6.56 0.22 -24.79
N GLU A 444 6.42 -1.06 -25.15
CA GLU A 444 5.68 -1.99 -24.30
C GLU A 444 6.36 -2.08 -22.94
N ILE A 445 7.69 -2.15 -22.91
CA ILE A 445 8.34 -2.33 -21.62
C ILE A 445 8.18 -1.04 -20.83
N ILE A 446 8.31 0.11 -21.49
CA ILE A 446 8.13 1.39 -20.80
C ILE A 446 6.74 1.42 -20.20
N LYS A 447 5.73 1.13 -21.05
CA LYS A 447 4.35 1.16 -20.64
C LYS A 447 4.18 0.28 -19.40
N SER A 448 4.77 -0.92 -19.44
CA SER A 448 4.71 -1.88 -18.36
C SER A 448 5.26 -1.27 -17.08
N TRP A 449 6.39 -0.56 -17.15
CA TRP A 449 6.97 0.08 -15.98
C TRP A 449 6.05 1.16 -15.44
N TYR A 450 5.50 2.00 -16.35
CA TYR A 450 4.72 3.15 -15.91
C TYR A 450 3.39 2.75 -15.26
N ASN A 451 2.84 1.59 -15.65
CA ASN A 451 1.62 1.08 -15.01
C ASN A 451 1.88 0.61 -13.59
N LEU A 452 3.11 0.71 -13.09
CA LEU A 452 3.35 0.35 -11.70
C LEU A 452 3.29 1.59 -10.81
N MET A 453 3.10 2.77 -11.41
CA MET A 453 3.26 3.99 -10.63
C MET A 453 2.03 4.20 -9.76
N ASP A 454 2.24 4.56 -8.48
CA ASP A 454 1.22 4.85 -7.48
C ASP A 454 0.63 6.25 -7.74
N GLU A 455 -0.41 6.64 -6.97
CA GLU A 455 -1.14 7.86 -7.27
C GLU A 455 -0.24 9.09 -7.02
N ASP A 456 0.75 8.94 -6.13
CA ASP A 456 1.73 9.98 -5.80
C ASP A 456 2.76 10.23 -6.92
N GLY A 457 3.10 9.20 -7.72
CA GLY A 457 4.14 9.27 -8.75
C GLY A 457 5.40 8.43 -8.46
N TRP A 458 5.40 7.61 -7.40
CA TRP A 458 6.49 6.69 -7.07
C TRP A 458 6.39 5.40 -7.86
N ILE A 459 7.55 4.91 -8.32
CA ILE A 459 7.73 3.54 -8.78
C ILE A 459 8.90 2.99 -8.00
N ALA A 460 8.74 1.84 -7.31
CA ALA A 460 9.84 1.22 -6.59
C ALA A 460 10.96 0.90 -7.56
N ARG A 461 12.20 1.10 -7.11
CA ARG A 461 13.37 1.02 -7.95
C ARG A 461 13.71 -0.45 -8.23
N GLU A 462 13.21 -1.38 -7.43
CA GLU A 462 13.49 -2.80 -7.60
C GLU A 462 12.16 -3.56 -7.53
N GLN A 463 11.75 -4.20 -8.63
CA GLN A 463 10.47 -4.87 -8.66
C GLN A 463 10.63 -6.36 -8.39
N ILE A 464 10.37 -6.78 -7.15
CA ILE A 464 10.38 -8.19 -6.79
C ILE A 464 8.93 -8.68 -6.70
N LEU A 465 8.40 -9.24 -7.80
CA LEU A 465 6.99 -9.59 -7.89
C LEU A 465 6.76 -11.10 -7.73
N GLY A 466 6.13 -11.49 -6.62
CA GLY A 466 5.79 -12.88 -6.38
C GLY A 466 6.86 -13.57 -5.53
N ALA A 467 6.45 -14.67 -4.88
CA ALA A 467 7.26 -15.53 -4.03
C ALA A 467 8.44 -16.13 -4.79
N GLU A 468 8.22 -16.54 -6.06
CA GLU A 468 9.34 -17.06 -6.84
C GLU A 468 10.42 -15.98 -6.89
N ALA A 469 10.02 -14.76 -7.30
CA ALA A 469 10.98 -13.68 -7.36
C ALA A 469 11.69 -13.50 -6.00
N ARG A 470 10.94 -13.64 -4.90
CA ARG A 470 11.44 -13.35 -3.57
C ARG A 470 12.45 -14.39 -3.14
N SER A 471 12.34 -15.60 -3.71
CA SER A 471 13.21 -16.71 -3.31
C SER A 471 14.68 -16.40 -3.62
N LYS A 472 14.96 -15.39 -4.47
CA LYS A 472 16.30 -15.04 -4.93
C LYS A 472 16.85 -13.78 -4.24
N VAL A 473 16.16 -13.28 -3.21
CA VAL A 473 16.46 -11.99 -2.60
C VAL A 473 16.41 -12.19 -1.09
N PRO A 474 17.50 -11.97 -0.34
CA PRO A 474 17.46 -12.06 1.14
C PRO A 474 16.42 -11.09 1.74
N LYS A 475 15.80 -11.48 2.86
CA LYS A 475 14.68 -10.77 3.47
C LYS A 475 15.03 -9.29 3.68
N GLU A 476 16.23 -9.01 4.22
CA GLU A 476 16.73 -7.66 4.45
C GLU A 476 16.58 -6.75 3.23
N PHE A 477 16.64 -7.30 2.01
CA PHE A 477 16.71 -6.43 0.86
C PHE A 477 15.37 -6.37 0.10
N GLN A 478 14.31 -6.97 0.64
CA GLN A 478 13.05 -7.10 -0.09
C GLN A 478 12.19 -5.83 -0.02
N THR A 479 12.17 -5.14 1.13
CA THR A 479 11.19 -4.08 1.33
C THR A 479 11.52 -2.87 0.48
N GLN A 480 10.55 -2.37 -0.30
CA GLN A 480 10.67 -1.11 -1.01
C GLN A 480 10.10 0.03 -0.18
N TYR A 481 10.62 1.26 -0.35
CA TYR A 481 10.19 2.40 0.45
C TYR A 481 9.74 3.52 -0.48
N PRO A 482 8.55 4.11 -0.31
CA PRO A 482 8.04 5.10 -1.28
C PRO A 482 8.77 6.45 -1.34
N HIS A 483 9.71 6.68 -0.41
CA HIS A 483 10.54 7.89 -0.50
C HIS A 483 11.86 7.69 -1.26
N TYR A 484 12.17 6.47 -1.73
CA TYR A 484 13.41 6.15 -2.42
C TYR A 484 13.25 6.35 -3.93
N ALA A 485 14.12 7.15 -4.55
CA ALA A 485 14.04 7.40 -5.97
C ALA A 485 15.08 6.56 -6.69
N ASN A 486 15.22 6.79 -8.01
CA ASN A 486 16.24 6.18 -8.85
C ASN A 486 16.36 7.00 -10.13
N PRO A 487 17.56 7.16 -10.72
CA PRO A 487 17.71 7.99 -11.91
C PRO A 487 16.61 7.73 -12.93
N PRO A 488 15.92 8.76 -13.45
CA PRO A 488 14.88 8.59 -14.47
C PRO A 488 15.38 8.30 -15.88
N THR A 489 16.08 7.17 -16.04
CA THR A 489 16.77 6.90 -17.31
C THR A 489 15.80 6.49 -18.41
N LEU A 490 14.56 6.17 -18.04
CA LEU A 490 13.64 5.75 -19.08
C LEU A 490 13.35 6.95 -19.96
N PHE A 491 13.63 8.14 -19.40
CA PHE A 491 13.44 9.39 -20.14
C PHE A 491 14.34 9.43 -21.38
N LEU A 492 15.56 8.90 -21.26
CA LEU A 492 16.48 8.85 -22.38
C LEU A 492 15.87 8.04 -23.53
N VAL A 493 15.15 6.95 -23.20
CA VAL A 493 14.65 6.08 -24.26
C VAL A 493 13.50 6.80 -24.95
N LEU A 494 12.75 7.60 -24.18
CA LEU A 494 11.66 8.40 -24.73
C LEU A 494 12.21 9.48 -25.66
N ASP A 495 13.31 10.11 -25.24
CA ASP A 495 14.05 11.08 -26.04
C ASP A 495 14.38 10.53 -27.44
N ASN A 496 14.86 9.28 -27.52
CA ASN A 496 15.19 8.66 -28.79
C ASN A 496 13.93 8.41 -29.62
N PHE A 497 12.84 8.07 -28.92
CA PHE A 497 11.58 7.78 -29.59
C PHE A 497 11.07 9.05 -30.26
N VAL A 498 11.12 10.17 -29.53
CA VAL A 498 10.68 11.48 -30.00
C VAL A 498 11.45 11.89 -31.27
N GLU A 499 12.79 11.79 -31.27
CA GLU A 499 13.58 12.15 -32.44
C GLU A 499 13.16 11.31 -33.65
N ARG A 500 13.00 9.99 -33.44
CA ARG A 500 12.65 9.09 -34.52
C ARG A 500 11.27 9.42 -35.07
N LEU A 501 10.38 9.93 -34.20
CA LEU A 501 9.00 10.23 -34.54
C LEU A 501 8.94 11.49 -35.38
N ARG A 502 9.69 12.54 -34.99
CA ARG A 502 9.85 13.75 -35.77
C ARG A 502 10.37 13.37 -37.17
N LYS A 503 11.52 12.68 -37.24
CA LYS A 503 12.18 12.25 -38.47
C LYS A 503 11.50 10.97 -39.02
N LEU A 517 4.98 -9.48 -41.11
CA LEU A 517 4.10 -8.74 -40.16
C LEU A 517 4.93 -8.32 -38.96
N ASP A 518 5.90 -9.16 -38.60
CA ASP A 518 6.77 -8.95 -37.45
C ASP A 518 7.70 -7.76 -37.69
N GLU A 519 8.18 -7.59 -38.94
CA GLU A 519 8.94 -6.40 -39.32
C GLU A 519 8.05 -5.14 -39.23
N THR A 520 6.80 -5.23 -39.74
CA THR A 520 5.83 -4.13 -39.71
C THR A 520 5.54 -3.68 -38.28
N LEU A 521 5.23 -4.65 -37.39
CA LEU A 521 4.85 -4.39 -36.01
C LEU A 521 6.02 -3.81 -35.22
N SER A 522 7.24 -4.31 -35.44
CA SER A 522 8.39 -3.84 -34.68
C SER A 522 8.57 -2.32 -34.72
N THR A 523 8.15 -1.65 -35.82
CA THR A 523 8.33 -0.20 -35.93
C THR A 523 7.02 0.55 -36.17
N ALA A 524 5.89 -0.11 -35.95
CA ALA A 524 4.57 0.45 -36.19
C ALA A 524 4.41 1.84 -35.57
N SER A 525 4.98 2.07 -34.38
CA SER A 525 4.72 3.25 -33.57
C SER A 525 5.44 4.48 -34.12
N VAL A 526 6.40 4.29 -35.02
CA VAL A 526 7.11 5.44 -35.57
C VAL A 526 6.69 5.64 -37.03
N ASP A 527 6.29 4.54 -37.68
CA ASP A 527 5.87 4.55 -39.07
C ASP A 527 4.48 5.17 -39.17
N ASN A 528 3.72 5.12 -38.07
CA ASN A 528 2.36 5.61 -37.98
C ASN A 528 2.29 6.71 -36.92
N PRO A 529 2.50 8.00 -37.29
CA PRO A 529 2.70 9.08 -36.32
C PRO A 529 1.41 9.27 -35.52
N GLU A 530 0.28 8.98 -36.15
CA GLU A 530 -0.99 8.94 -35.42
C GLU A 530 -0.79 8.11 -34.13
N VAL A 531 -0.31 6.86 -34.30
CA VAL A 531 -0.16 5.86 -33.24
C VAL A 531 0.86 6.31 -32.18
N GLY A 532 1.99 6.85 -32.64
CA GLY A 532 3.04 7.31 -31.73
C GLY A 532 2.52 8.36 -30.76
N LEU A 533 1.73 9.30 -31.28
CA LEU A 533 1.23 10.43 -30.51
C LEU A 533 0.21 9.95 -29.48
N GLU A 534 -0.62 8.99 -29.88
CA GLU A 534 -1.58 8.45 -28.94
C GLU A 534 -0.83 7.89 -27.72
N TYR A 535 0.28 7.17 -27.96
CA TYR A 535 1.06 6.56 -26.90
C TYR A 535 1.56 7.63 -25.93
N LEU A 536 2.07 8.72 -26.52
CA LEU A 536 2.57 9.85 -25.76
C LEU A 536 1.45 10.55 -25.00
N ARG A 537 0.31 10.83 -25.66
CA ARG A 537 -0.84 11.43 -25.00
C ARG A 537 -1.19 10.67 -23.72
N ARG A 538 -1.25 9.34 -23.82
CA ARG A 538 -1.69 8.50 -22.70
C ARG A 538 -0.62 8.46 -21.60
N LEU A 539 0.66 8.51 -21.99
CA LEU A 539 1.77 8.33 -21.06
C LEU A 539 2.13 9.66 -20.38
N TYR A 540 2.07 10.74 -21.16
CA TYR A 540 2.50 12.07 -20.75
C TYR A 540 2.06 12.39 -19.31
N PRO A 541 0.78 12.27 -18.94
CA PRO A 541 0.38 12.58 -17.56
C PRO A 541 1.29 11.92 -16.53
N LEU A 542 1.71 10.67 -16.81
CA LEU A 542 2.43 9.88 -15.82
C LEU A 542 3.85 10.43 -15.67
N LEU A 543 4.44 10.82 -16.80
CA LEU A 543 5.76 11.42 -16.75
C LEU A 543 5.70 12.67 -15.88
N ARG A 544 4.69 13.52 -16.14
CA ARG A 544 4.52 14.75 -15.39
C ARG A 544 4.36 14.44 -13.90
N ARG A 545 3.60 13.39 -13.59
CA ARG A 545 3.35 13.05 -12.20
C ARG A 545 4.70 12.79 -11.54
N GLN A 546 5.53 11.99 -12.25
CA GLN A 546 6.81 11.53 -11.74
C GLN A 546 7.74 12.71 -11.48
N PHE A 547 7.77 13.65 -12.44
CA PHE A 547 8.49 14.91 -12.32
C PHE A 547 8.12 15.67 -11.06
N ASP A 548 6.80 15.79 -10.78
CA ASP A 548 6.29 16.49 -9.61
C ASP A 548 6.66 15.71 -8.35
N TRP A 549 6.64 14.38 -8.46
CA TRP A 549 7.00 13.52 -7.32
C TRP A 549 8.43 13.81 -6.86
N PHE A 550 9.34 13.92 -7.85
CA PHE A 550 10.75 14.20 -7.67
C PHE A 550 10.94 15.51 -6.92
N ARG A 551 10.20 16.54 -7.38
CA ARG A 551 10.27 17.88 -6.84
C ARG A 551 9.76 17.91 -5.41
N LYS A 552 8.67 17.15 -5.10
CA LYS A 552 8.06 17.13 -3.78
C LYS A 552 8.96 16.37 -2.80
N THR A 553 9.41 15.15 -3.16
CA THR A 553 9.99 14.21 -2.19
C THR A 553 11.51 14.32 -2.13
N GLN A 554 12.15 14.71 -3.25
CA GLN A 554 13.60 14.72 -3.31
C GLN A 554 14.13 16.15 -3.29
N ALA A 555 13.36 17.08 -2.70
CA ALA A 555 13.73 18.49 -2.72
C ALA A 555 14.89 18.78 -1.76
N GLY A 556 15.77 19.70 -2.17
CA GLY A 556 16.80 20.19 -1.27
C GLY A 556 16.43 21.52 -0.63
N ASP A 557 17.24 21.94 0.35
CA ASP A 557 16.94 23.10 1.18
C ASP A 557 17.81 24.30 0.79
N ILE A 558 17.21 25.27 0.11
CA ILE A 558 17.89 26.53 -0.19
C ILE A 558 17.66 27.56 0.92
N LYS A 559 16.38 27.83 1.27
CA LYS A 559 15.93 29.04 1.96
C LYS A 559 16.29 28.99 3.46
N SER A 560 16.59 27.81 3.98
CA SER A 560 16.80 27.67 5.41
C SER A 560 18.25 27.96 5.78
N TYR A 561 19.11 28.18 4.77
CA TYR A 561 20.53 28.45 5.05
C TYR A 561 20.95 29.77 4.40
N ASP A 562 22.20 30.19 4.70
CA ASP A 562 22.85 31.31 4.02
C ASP A 562 23.31 30.86 2.63
N ARG A 563 22.36 30.78 1.68
CA ARG A 563 22.63 30.29 0.34
C ARG A 563 21.98 31.22 -0.67
N GLU A 564 22.78 32.00 -1.39
CA GLU A 564 22.23 32.78 -2.49
C GLU A 564 22.44 32.00 -3.78
N ALA A 565 21.43 32.06 -4.67
CA ALA A 565 21.44 31.39 -5.95
C ALA A 565 20.33 32.01 -6.81
N TYR A 566 20.40 31.83 -8.12
CA TYR A 566 19.54 32.48 -9.08
C TYR A 566 18.07 32.18 -8.80
N SER A 567 17.75 30.93 -8.44
CA SER A 567 16.40 30.47 -8.15
C SER A 567 16.31 29.90 -6.74
N THR A 568 15.16 30.06 -6.09
CA THR A 568 15.01 29.63 -4.70
C THR A 568 14.36 28.25 -4.65
N LYS A 569 13.84 27.80 -5.82
CA LYS A 569 13.18 26.51 -6.01
C LYS A 569 14.17 25.35 -6.25
N GLU A 570 15.10 25.46 -7.21
CA GLU A 570 15.78 24.30 -7.76
C GLU A 570 16.96 23.82 -6.90
N ALA A 571 16.78 22.70 -6.21
CA ALA A 571 17.84 22.08 -5.42
C ALA A 571 17.38 20.71 -4.97
N TYR A 572 18.25 19.70 -5.04
CA TYR A 572 17.76 18.33 -4.86
C TYR A 572 18.66 17.52 -3.95
N ARG A 573 18.05 16.70 -3.12
CA ARG A 573 18.79 15.82 -2.22
C ARG A 573 18.14 14.44 -2.28
N TRP A 574 18.95 13.44 -2.66
CA TRP A 574 18.52 12.04 -2.64
C TRP A 574 18.12 11.66 -1.22
N ARG A 575 16.91 11.14 -1.07
CA ARG A 575 16.61 10.50 0.19
C ARG A 575 17.28 9.13 0.21
N GLY A 576 17.59 8.67 1.42
CA GLY A 576 17.92 7.28 1.63
C GLY A 576 19.40 7.07 1.97
N ARG A 577 20.11 8.15 2.29
CA ARG A 577 21.53 7.88 2.38
C ARG A 577 21.96 7.44 3.77
N THR A 578 22.96 6.59 3.79
CA THR A 578 23.51 6.19 5.07
C THR A 578 24.90 6.81 5.10
N VAL A 579 25.68 6.45 6.13
CA VAL A 579 26.98 7.05 6.37
C VAL A 579 27.90 6.78 5.18
N SER A 580 27.80 5.59 4.57
CA SER A 580 28.75 5.21 3.53
C SER A 580 28.07 5.03 2.17
N HIS A 581 26.75 5.18 2.12
CA HIS A 581 26.04 4.80 0.92
C HIS A 581 25.05 5.87 0.51
N CYS A 582 24.80 5.91 -0.80
CA CYS A 582 23.61 6.51 -1.38
C CYS A 582 23.06 5.55 -2.45
N LEU A 583 22.33 4.52 -2.00
CA LEU A 583 21.87 3.46 -2.89
C LEU A 583 20.94 4.01 -3.95
N THR A 584 20.19 5.08 -3.65
CA THR A 584 19.11 5.50 -4.56
C THR A 584 19.61 6.22 -5.80
N SER A 585 20.79 6.87 -5.69
CA SER A 585 21.42 7.56 -6.81
C SER A 585 21.89 6.57 -7.87
N GLY A 586 22.10 5.32 -7.48
CA GLY A 586 22.50 4.30 -8.43
C GLY A 586 23.97 4.01 -8.26
N LEU A 587 24.69 4.96 -7.64
CA LEU A 587 26.13 4.83 -7.47
C LEU A 587 26.42 4.51 -6.01
N ASP A 588 26.17 3.27 -5.65
CA ASP A 588 26.12 2.79 -4.28
C ASP A 588 27.06 3.57 -3.37
N ASP A 589 28.38 3.53 -3.58
CA ASP A 589 29.34 3.86 -2.53
C ASP A 589 30.27 4.96 -3.02
N TYR A 590 29.78 5.67 -4.02
CA TYR A 590 30.50 6.85 -4.44
C TYR A 590 30.54 7.79 -3.25
N PRO A 591 31.73 8.34 -2.92
CA PRO A 591 31.89 9.25 -1.78
C PRO A 591 30.99 10.48 -1.89
N ARG A 592 30.37 10.84 -0.76
CA ARG A 592 29.44 11.95 -0.66
C ARG A 592 29.76 12.73 0.62
N PRO A 593 29.21 13.95 0.83
CA PRO A 593 29.58 14.75 2.00
C PRO A 593 29.50 13.91 3.27
N GLN A 594 30.46 14.08 4.21
CA GLN A 594 30.50 13.40 5.52
C GLN A 594 30.35 14.42 6.65
N PRO A 595 29.38 14.30 7.59
CA PRO A 595 28.35 13.26 7.56
C PRO A 595 27.23 13.64 6.59
N PRO A 596 26.31 12.70 6.33
CA PRO A 596 25.15 13.02 5.52
C PRO A 596 24.46 14.08 6.37
N HIS A 597 23.69 14.94 5.70
CA HIS A 597 23.18 16.13 6.34
C HIS A 597 21.95 16.62 5.57
N PRO A 598 20.92 17.11 6.27
CA PRO A 598 19.69 17.54 5.60
C PRO A 598 19.94 18.71 4.65
N GLY A 599 21.12 19.34 4.78
CA GLY A 599 21.47 20.46 3.90
C GLY A 599 22.17 20.03 2.60
N GLU A 600 22.62 18.75 2.54
CA GLU A 600 23.25 18.18 1.36
C GLU A 600 22.47 18.61 0.13
N LEU A 601 23.19 18.85 -0.97
CA LEU A 601 22.60 18.94 -2.29
C LEU A 601 23.43 18.10 -3.25
N HIS A 602 22.77 17.31 -4.10
CA HIS A 602 23.44 16.37 -4.98
C HIS A 602 23.36 16.82 -6.44
N VAL A 603 24.53 16.95 -7.10
CA VAL A 603 24.56 17.47 -8.47
C VAL A 603 23.98 16.46 -9.48
N ASP A 604 24.21 15.16 -9.25
CA ASP A 604 23.71 14.12 -10.14
C ASP A 604 22.20 14.19 -10.20
N LEU A 605 21.57 14.25 -9.01
CA LEU A 605 20.12 14.31 -8.94
C LEU A 605 19.57 15.53 -9.70
N MET A 606 20.14 16.72 -9.48
CA MET A 606 19.68 17.93 -10.15
C MET A 606 19.76 17.75 -11.67
N SER A 607 20.86 17.13 -12.13
CA SER A 607 21.05 16.90 -13.55
C SER A 607 19.99 15.95 -14.09
N TRP A 608 19.62 14.95 -13.28
CA TRP A 608 18.56 14.06 -13.74
C TRP A 608 17.27 14.85 -13.99
N VAL A 609 16.96 15.79 -13.08
CA VAL A 609 15.77 16.64 -13.22
C VAL A 609 15.83 17.42 -14.53
N GLY A 610 17.00 17.98 -14.83
CA GLY A 610 17.28 18.61 -16.12
C GLY A 610 16.92 17.69 -17.28
N VAL A 611 17.33 16.42 -17.17
CA VAL A 611 17.03 15.48 -18.23
C VAL A 611 15.51 15.34 -18.41
N MET A 612 14.76 15.29 -17.28
CA MET A 612 13.33 15.10 -17.31
C MET A 612 12.62 16.31 -17.94
N VAL A 613 13.05 17.53 -17.57
CA VAL A 613 12.37 18.73 -18.03
C VAL A 613 12.50 18.82 -19.55
N LYS A 614 13.71 18.59 -20.06
CA LYS A 614 13.95 18.68 -21.50
C LYS A 614 12.99 17.76 -22.23
N SER A 615 12.77 16.56 -21.67
CA SER A 615 11.93 15.56 -22.30
C SER A 615 10.49 16.06 -22.29
N LEU A 616 10.08 16.58 -21.14
CA LEU A 616 8.73 17.09 -20.99
C LEU A 616 8.45 18.24 -21.97
N ILE A 617 9.46 19.09 -22.23
CA ILE A 617 9.34 20.10 -23.27
C ILE A 617 9.15 19.45 -24.65
N SER A 618 10.02 18.51 -25.04
CA SER A 618 9.90 17.80 -26.31
C SER A 618 8.46 17.32 -26.49
N ILE A 619 7.95 16.58 -25.51
CA ILE A 619 6.74 15.79 -25.66
C ILE A 619 5.53 16.71 -25.51
N GLY A 620 5.61 17.60 -24.52
CA GLY A 620 4.52 18.53 -24.23
C GLY A 620 4.30 19.49 -25.38
N SER A 621 5.40 19.96 -26.01
CA SER A 621 5.29 20.71 -27.24
C SER A 621 4.40 19.95 -28.21
N LEU A 622 4.71 18.66 -28.42
CA LEU A 622 4.10 17.86 -29.47
C LEU A 622 2.64 17.58 -29.14
N LEU A 623 2.26 17.73 -27.87
CA LEU A 623 0.88 17.51 -27.46
C LEU A 623 0.15 18.85 -27.29
N GLY A 624 0.86 19.98 -27.48
CA GLY A 624 0.29 21.31 -27.37
C GLY A 624 -0.17 21.64 -25.96
N ALA A 625 0.61 21.23 -24.94
CA ALA A 625 0.30 21.58 -23.56
C ALA A 625 1.04 22.86 -23.18
N THR A 626 0.50 24.00 -23.64
CA THR A 626 1.22 25.26 -23.65
C THR A 626 1.51 25.71 -22.22
N GLU A 627 0.51 25.60 -21.31
CA GLU A 627 0.72 26.06 -19.95
C GLU A 627 1.92 25.30 -19.37
N ASP A 628 1.95 23.99 -19.67
CA ASP A 628 2.94 23.03 -19.20
C ASP A 628 4.35 23.40 -19.67
N VAL A 629 4.50 23.64 -20.99
CA VAL A 629 5.80 23.94 -21.57
C VAL A 629 6.43 25.21 -20.96
N GLU A 630 5.60 26.21 -20.64
CA GLU A 630 6.15 27.47 -20.18
C GLU A 630 6.71 27.28 -18.77
N PHE A 631 6.02 26.47 -17.95
CA PHE A 631 6.48 26.11 -16.62
C PHE A 631 7.78 25.32 -16.71
N TYR A 632 7.83 24.34 -17.61
CA TYR A 632 9.04 23.57 -17.78
C TYR A 632 10.19 24.52 -18.13
N THR A 633 9.91 25.48 -19.01
CA THR A 633 10.94 26.36 -19.53
C THR A 633 11.55 27.21 -18.42
N LYS A 634 10.70 27.68 -17.50
CA LYS A 634 11.21 28.42 -16.34
C LYS A 634 12.09 27.51 -15.48
N VAL A 635 11.73 26.21 -15.39
CA VAL A 635 12.46 25.26 -14.56
C VAL A 635 13.83 24.93 -15.17
N LEU A 636 13.85 24.67 -16.50
CA LEU A 636 15.11 24.44 -17.19
C LEU A 636 16.06 25.61 -16.97
N ASP A 637 15.55 26.83 -17.23
CA ASP A 637 16.34 28.04 -17.08
C ASP A 637 16.92 28.08 -15.66
N ALA A 638 16.06 27.80 -14.67
CA ALA A 638 16.49 27.91 -13.29
C ALA A 638 17.55 26.85 -12.96
N ILE A 639 17.38 25.61 -13.47
CA ILE A 639 18.30 24.54 -13.12
C ILE A 639 19.67 24.86 -13.71
N GLU A 640 19.65 25.32 -14.98
CA GLU A 640 20.87 25.79 -15.62
C GLU A 640 21.67 26.77 -14.73
N HIS A 641 21.01 27.77 -14.13
CA HIS A 641 21.71 28.75 -13.33
C HIS A 641 22.15 28.13 -12.00
N ASN A 642 21.23 27.33 -11.43
CA ASN A 642 21.44 26.84 -10.08
C ASN A 642 22.59 25.85 -10.04
N LEU A 643 22.75 25.09 -11.15
CA LEU A 643 23.90 24.21 -11.34
C LEU A 643 25.19 24.99 -11.08
N ASP A 644 25.33 26.12 -11.75
CA ASP A 644 26.52 26.95 -11.60
C ASP A 644 26.58 27.50 -10.18
N ASP A 645 25.46 28.07 -9.70
CA ASP A 645 25.49 28.84 -8.46
C ASP A 645 25.75 27.97 -7.26
N LEU A 646 25.31 26.70 -7.25
CA LEU A 646 25.43 25.87 -6.06
C LEU A 646 26.42 24.72 -6.25
N HIS A 647 26.71 24.33 -7.50
CA HIS A 647 27.43 23.08 -7.71
C HIS A 647 28.78 23.30 -8.37
N TRP A 648 28.97 24.43 -9.06
CA TRP A 648 30.22 24.66 -9.77
C TRP A 648 31.33 25.13 -8.83
N SER A 649 32.47 24.41 -8.83
CA SER A 649 33.65 24.79 -8.08
C SER A 649 34.71 25.39 -9.02
N GLU A 650 35.01 26.68 -8.79
CA GLU A 650 36.06 27.34 -9.55
C GLU A 650 37.43 26.78 -9.17
N LYS A 651 37.73 26.64 -7.86
CA LYS A 651 39.00 26.10 -7.37
C LYS A 651 39.32 24.77 -8.06
N GLU A 652 38.40 23.79 -8.03
CA GLU A 652 38.71 22.45 -8.48
C GLU A 652 38.41 22.26 -9.96
N GLY A 653 37.54 23.10 -10.53
CA GLY A 653 37.26 23.06 -11.95
C GLY A 653 36.34 21.91 -12.37
N CYS A 654 35.19 21.78 -11.70
CA CYS A 654 34.23 20.74 -12.05
C CYS A 654 33.02 20.95 -11.14
N TYR A 655 31.94 20.20 -11.36
CA TYR A 655 30.75 20.23 -10.51
C TYR A 655 30.94 19.37 -9.25
N CYS A 656 30.30 19.76 -8.15
CA CYS A 656 30.44 19.06 -6.89
C CYS A 656 29.11 18.99 -6.13
N ASP A 657 29.00 17.97 -5.27
CA ASP A 657 27.93 17.95 -4.29
C ASP A 657 28.15 19.08 -3.27
N ALA A 658 27.08 19.49 -2.59
CA ALA A 658 27.20 20.50 -1.55
C ALA A 658 26.70 19.95 -0.21
N THR A 659 27.01 20.68 0.84
CA THR A 659 26.61 20.34 2.19
C THR A 659 26.45 21.64 2.98
N ILE A 660 26.42 21.52 4.31
CA ILE A 660 26.36 22.67 5.17
C ILE A 660 27.45 22.48 6.22
N ASP A 661 28.25 23.54 6.39
CA ASP A 661 29.43 23.67 7.23
C ASP A 661 29.12 23.29 8.67
N GLU A 662 30.16 22.88 9.42
CA GLU A 662 30.13 22.83 10.88
C GLU A 662 29.62 24.17 11.46
N PHE A 663 29.76 25.27 10.70
CA PHE A 663 29.40 26.62 11.12
C PHE A 663 28.22 27.13 10.29
N GLU A 664 27.47 26.21 9.66
CA GLU A 664 26.16 26.48 9.07
C GLU A 664 26.25 27.20 7.73
N GLU A 665 27.42 27.15 7.08
CA GLU A 665 27.57 27.77 5.78
C GLU A 665 27.64 26.69 4.69
N HIS A 666 27.24 27.04 3.46
CA HIS A 666 27.28 26.18 2.27
C HIS A 666 28.73 25.83 1.92
N LYS A 667 29.04 24.53 1.75
CA LYS A 667 30.40 24.12 1.39
C LYS A 667 30.25 23.25 0.14
N LEU A 668 31.16 23.41 -0.81
CA LEU A 668 31.30 22.42 -1.87
C LEU A 668 32.17 21.26 -1.37
N VAL A 669 31.76 20.03 -1.71
CA VAL A 669 32.52 18.83 -1.38
C VAL A 669 32.84 18.16 -2.71
N CYS A 670 34.14 18.13 -3.05
CA CYS A 670 34.54 17.66 -4.37
C CYS A 670 35.28 16.34 -4.26
N HIS A 671 34.73 15.35 -4.95
CA HIS A 671 35.40 14.09 -5.16
C HIS A 671 35.34 13.89 -6.67
N LYS A 672 36.48 14.05 -7.35
CA LYS A 672 36.50 14.06 -8.80
C LYS A 672 36.23 12.65 -9.32
N GLY A 673 35.27 12.53 -10.23
CA GLY A 673 34.81 11.22 -10.62
C GLY A 673 33.53 11.39 -11.42
N TYR A 674 32.79 10.29 -11.57
CA TYR A 674 31.64 10.36 -12.46
C TYR A 674 30.70 11.49 -12.03
N ILE A 675 30.54 11.68 -10.72
CA ILE A 675 29.60 12.65 -10.16
C ILE A 675 29.90 14.01 -10.78
N SER A 676 31.21 14.37 -10.79
CA SER A 676 31.77 15.65 -11.21
C SER A 676 31.34 16.07 -12.63
N LEU A 677 31.05 15.10 -13.50
CA LEU A 677 30.80 15.38 -14.91
C LEU A 677 29.31 15.30 -15.22
N PHE A 678 28.47 15.27 -14.18
CA PHE A 678 27.10 14.89 -14.46
C PHE A 678 26.41 15.86 -15.41
N PRO A 679 26.52 17.20 -15.23
CA PRO A 679 25.81 18.13 -16.13
C PRO A 679 26.21 17.87 -17.57
N PHE A 680 27.45 17.40 -17.79
CA PHE A 680 27.95 17.04 -19.10
C PHE A 680 27.29 15.75 -19.60
N LEU A 681 27.26 14.70 -18.75
CA LEU A 681 26.83 13.37 -19.16
C LEU A 681 25.36 13.35 -19.55
N THR A 682 24.64 14.36 -19.07
CA THR A 682 23.19 14.46 -19.20
C THR A 682 22.81 15.44 -20.31
N GLY A 683 23.82 16.06 -20.95
CA GLY A 683 23.64 16.96 -22.09
C GLY A 683 23.00 18.30 -21.75
N LEU A 684 23.43 18.96 -20.66
CA LEU A 684 22.86 20.23 -20.21
C LEU A 684 23.80 21.41 -20.45
N LEU A 685 25.05 21.14 -20.87
CA LEU A 685 26.02 22.21 -21.05
C LEU A 685 26.00 22.67 -22.49
N LYS A 686 26.10 23.99 -22.71
CA LYS A 686 26.10 24.50 -24.08
C LYS A 686 27.45 24.09 -24.70
N PRO A 687 27.46 23.61 -25.97
CA PRO A 687 28.68 23.17 -26.64
C PRO A 687 29.86 24.13 -26.74
N ASP A 688 29.69 25.35 -26.23
CA ASP A 688 30.64 26.46 -26.38
C ASP A 688 31.14 26.92 -25.01
N SER A 689 30.74 26.22 -23.95
CA SER A 689 30.95 26.64 -22.58
C SER A 689 32.40 26.45 -22.10
N PRO A 690 32.95 27.41 -21.31
CA PRO A 690 34.28 27.26 -20.71
C PRO A 690 34.32 26.13 -19.67
N LYS A 691 33.14 25.82 -19.14
CA LYS A 691 33.00 24.81 -18.10
C LYS A 691 33.18 23.43 -18.75
N LEU A 692 32.60 23.30 -19.95
CA LEU A 692 32.72 22.11 -20.77
C LEU A 692 34.20 21.79 -21.04
N GLY A 693 34.94 22.81 -21.49
CA GLY A 693 36.37 22.70 -21.72
C GLY A 693 37.10 22.16 -20.49
N LYS A 694 36.80 22.70 -19.30
CA LYS A 694 37.48 22.31 -18.07
C LYS A 694 37.19 20.85 -17.76
N LEU A 695 35.99 20.42 -18.15
CA LEU A 695 35.54 19.08 -17.86
C LEU A 695 36.27 18.13 -18.80
N LEU A 696 36.46 18.54 -20.05
CA LEU A 696 37.15 17.70 -21.02
C LEU A 696 38.59 17.48 -20.60
N ALA A 697 39.16 18.46 -19.91
CA ALA A 697 40.50 18.34 -19.36
C ALA A 697 40.52 17.22 -18.32
N LEU A 698 39.46 17.15 -17.51
CA LEU A 698 39.40 16.17 -16.44
C LEU A 698 39.25 14.78 -17.04
N ILE A 699 38.35 14.70 -18.03
CA ILE A 699 37.99 13.44 -18.64
C ILE A 699 39.25 12.83 -19.26
N GLY A 700 40.04 13.68 -19.94
CA GLY A 700 41.22 13.23 -20.67
C GLY A 700 42.46 13.01 -19.78
N ASP A 701 42.42 13.47 -18.53
CA ASP A 701 43.60 13.44 -17.67
C ASP A 701 43.86 12.04 -17.11
N GLU A 702 45.02 11.48 -17.52
CA GLU A 702 45.41 10.14 -17.09
C GLU A 702 45.54 10.05 -15.56
N SER A 703 45.94 11.14 -14.91
CA SER A 703 46.29 11.00 -13.50
C SER A 703 45.04 11.12 -12.65
N GLU A 704 43.90 11.41 -13.31
CA GLU A 704 42.57 11.47 -12.73
C GLU A 704 41.69 10.30 -13.20
N LEU A 705 40.86 10.55 -14.25
CA LEU A 705 39.81 9.61 -14.63
C LEU A 705 40.18 8.67 -15.78
N TRP A 706 41.20 9.03 -16.57
CA TRP A 706 41.37 8.36 -17.85
C TRP A 706 42.33 7.18 -17.70
N SER A 707 41.79 5.99 -17.91
CA SER A 707 42.58 4.76 -17.81
C SER A 707 42.62 4.17 -19.21
N PRO A 708 43.56 3.26 -19.46
CA PRO A 708 43.65 2.63 -20.78
C PRO A 708 42.37 1.90 -21.12
N TYR A 709 41.49 1.65 -20.12
CA TYR A 709 40.39 0.70 -20.23
C TYR A 709 39.02 1.39 -20.14
N GLY A 710 39.01 2.71 -19.91
CA GLY A 710 37.79 3.53 -19.88
C GLY A 710 37.94 4.56 -18.78
N LEU A 711 36.86 5.31 -18.49
CA LEU A 711 36.95 6.28 -17.40
C LEU A 711 36.78 5.59 -16.04
N ARG A 712 37.62 5.97 -15.06
CA ARG A 712 37.49 5.52 -13.67
C ARG A 712 36.26 6.16 -13.01
N SER A 713 35.56 5.40 -12.15
CA SER A 713 34.39 5.95 -11.48
C SER A 713 34.82 7.11 -10.60
N LEU A 714 36.02 7.01 -10.02
CA LEU A 714 36.59 8.00 -9.14
C LEU A 714 38.07 8.24 -9.49
N SER A 715 38.53 9.47 -9.30
CA SER A 715 39.91 9.87 -9.61
C SER A 715 40.96 9.14 -8.76
N LYS A 716 42.14 8.91 -9.35
CA LYS A 716 43.26 8.28 -8.67
C LYS A 716 43.75 9.24 -7.58
N LYS A 717 43.40 10.53 -7.75
CA LYS A 717 43.87 11.54 -6.82
C LYS A 717 42.96 11.66 -5.60
N ASP A 718 41.76 11.07 -5.65
CA ASP A 718 40.83 11.19 -4.54
C ASP A 718 41.28 10.34 -3.35
N GLU A 719 41.13 10.85 -2.12
CA GLU A 719 41.56 10.13 -0.92
C GLU A 719 40.80 8.83 -0.74
N PHE A 720 39.63 8.71 -1.35
CA PHE A 720 38.79 7.52 -1.21
C PHE A 720 38.98 6.53 -2.35
N TYR A 721 39.88 6.83 -3.30
CA TYR A 721 40.18 5.87 -4.38
C TYR A 721 40.54 4.49 -3.80
N GLY A 722 39.82 3.47 -4.30
CA GLY A 722 40.09 2.07 -3.99
C GLY A 722 40.01 1.76 -2.50
N THR A 723 39.05 2.38 -1.80
CA THR A 723 38.82 2.18 -0.38
C THR A 723 37.53 1.39 -0.17
N ALA A 724 37.40 0.72 0.99
CA ALA A 724 36.17 0.04 1.37
C ALA A 724 35.82 -1.04 0.34
N GLU A 725 34.60 -1.00 -0.19
CA GLU A 725 34.18 -2.07 -1.08
C GLU A 725 34.61 -1.74 -2.49
N ASN A 726 35.00 -0.48 -2.71
CA ASN A 726 35.55 -0.09 -3.99
C ASN A 726 34.55 -0.36 -5.11
N TYR A 727 33.26 -0.20 -4.82
CA TYR A 727 32.28 -0.53 -5.84
C TYR A 727 32.27 0.55 -6.92
N TRP A 728 32.16 1.81 -6.49
CA TRP A 728 32.19 2.92 -7.42
C TRP A 728 33.33 3.86 -7.02
N ARG A 729 34.42 3.29 -6.48
CA ARG A 729 35.48 4.16 -6.04
C ARG A 729 36.75 3.93 -6.83
N SER A 730 36.59 3.46 -8.08
CA SER A 730 37.70 3.28 -9.02
C SER A 730 37.24 2.54 -10.28
N PRO A 731 36.45 1.45 -10.22
CA PRO A 731 36.19 0.66 -11.43
C PRO A 731 35.52 1.42 -12.58
N VAL A 732 35.63 0.81 -13.76
CA VAL A 732 35.11 1.35 -15.00
C VAL A 732 33.74 0.72 -15.27
N TRP A 733 32.71 1.57 -15.38
CA TRP A 733 31.34 1.11 -15.55
C TRP A 733 30.82 1.56 -16.91
N ILE A 734 30.29 0.62 -17.69
CA ILE A 734 30.01 0.83 -19.09
C ILE A 734 28.83 1.80 -19.25
N ASN A 735 27.87 1.78 -18.32
CA ASN A 735 26.72 2.67 -18.50
C ASN A 735 27.14 4.15 -18.51
N ILE A 736 27.94 4.58 -17.53
CA ILE A 736 28.41 5.94 -17.42
C ILE A 736 29.39 6.29 -18.54
N ASN A 737 30.28 5.35 -18.87
CA ASN A 737 31.15 5.54 -20.02
C ASN A 737 30.32 5.75 -21.29
N TYR A 738 29.20 5.02 -21.46
CA TYR A 738 28.33 5.16 -22.63
C TYR A 738 27.84 6.60 -22.73
N LEU A 739 27.43 7.18 -21.59
CA LEU A 739 26.86 8.51 -21.58
C LEU A 739 27.96 9.49 -22.01
N ALA A 740 29.15 9.32 -21.44
CA ALA A 740 30.29 10.14 -21.83
C ALA A 740 30.54 10.03 -23.33
N ILE A 741 30.46 8.82 -23.89
CA ILE A 741 30.83 8.63 -25.28
C ILE A 741 29.84 9.37 -26.16
N VAL A 742 28.53 9.22 -25.88
CA VAL A 742 27.45 9.79 -26.67
C VAL A 742 27.53 11.32 -26.70
N GLN A 743 27.96 11.89 -25.56
CA GLN A 743 28.02 13.33 -25.38
C GLN A 743 29.27 13.89 -26.07
N LEU A 744 30.39 13.14 -26.02
CA LEU A 744 31.62 13.58 -26.66
C LEU A 744 31.37 13.64 -28.15
N TYR A 745 30.69 12.61 -28.66
CA TYR A 745 30.42 12.52 -30.08
C TYR A 745 29.50 13.67 -30.49
N ASN A 746 28.68 14.14 -29.55
CA ASN A 746 27.77 15.23 -29.83
C ASN A 746 28.56 16.51 -30.10
N ILE A 747 29.60 16.72 -29.30
CA ILE A 747 30.42 17.90 -29.44
C ILE A 747 31.26 17.78 -30.72
N ALA A 748 31.68 16.56 -31.03
CA ALA A 748 32.62 16.34 -32.11
C ALA A 748 31.95 16.57 -33.48
N THR A 749 30.61 16.59 -33.50
CA THR A 749 29.87 16.62 -34.74
C THR A 749 29.18 17.99 -34.91
N GLN A 750 29.63 18.96 -34.12
CA GLN A 750 29.11 20.30 -34.26
C GLN A 750 30.28 21.27 -34.38
N ASP A 751 30.09 22.35 -35.16
CA ASP A 751 31.00 23.49 -35.11
C ASP A 751 31.06 23.99 -33.66
N GLY A 752 32.29 24.30 -33.20
CA GLY A 752 32.53 24.81 -31.85
C GLY A 752 34.00 24.74 -31.42
N PRO A 753 34.39 25.45 -30.33
CA PRO A 753 35.78 25.41 -29.84
C PRO A 753 36.33 24.04 -29.41
N TYR A 754 35.47 23.05 -29.16
CA TYR A 754 35.94 21.83 -28.55
C TYR A 754 35.83 20.65 -29.50
N LYS A 755 35.28 20.90 -30.69
CA LYS A 755 35.04 19.89 -31.72
C LYS A 755 36.21 18.90 -31.86
N GLU A 756 37.43 19.41 -31.99
CA GLU A 756 38.60 18.58 -32.32
C GLU A 756 39.00 17.75 -31.09
N THR A 757 38.99 18.39 -29.90
CA THR A 757 39.29 17.74 -28.63
C THR A 757 38.32 16.59 -28.40
N ALA A 758 37.02 16.90 -28.52
CA ALA A 758 35.98 15.91 -28.32
C ALA A 758 36.16 14.75 -29.30
N ARG A 759 36.43 15.05 -30.56
CA ARG A 759 36.66 14.02 -31.55
C ARG A 759 37.76 13.05 -31.07
N ASP A 760 38.88 13.58 -30.53
CA ASP A 760 40.01 12.75 -30.15
C ASP A 760 39.56 11.82 -29.03
N LEU A 761 38.90 12.40 -28.01
CA LEU A 761 38.40 11.66 -26.83
C LEU A 761 37.33 10.64 -27.23
N TYR A 762 36.35 11.03 -28.06
CA TYR A 762 35.35 10.09 -28.54
C TYR A 762 36.04 8.88 -29.19
N THR A 763 37.03 9.13 -30.06
CA THR A 763 37.67 8.08 -30.84
C THR A 763 38.34 7.08 -29.89
N ARG A 764 39.07 7.59 -28.92
CA ARG A 764 39.87 6.72 -28.07
C ARG A 764 38.97 6.02 -27.06
N LEU A 765 37.99 6.75 -26.51
CA LEU A 765 37.16 6.16 -25.49
C LEU A 765 36.34 5.02 -26.10
N ARG A 766 35.70 5.29 -27.24
CA ARG A 766 34.93 4.28 -27.93
C ARG A 766 35.78 3.02 -28.06
N LYS A 767 37.00 3.18 -28.57
CA LYS A 767 37.88 2.05 -28.80
C LYS A 767 38.22 1.36 -27.47
N ASN A 768 38.54 2.14 -26.41
CA ASN A 768 39.02 1.56 -25.17
C ASN A 768 37.93 0.70 -24.52
N ILE A 769 36.70 1.22 -24.47
CA ILE A 769 35.58 0.53 -23.85
C ILE A 769 35.27 -0.74 -24.63
N VAL A 770 35.12 -0.63 -25.96
CA VAL A 770 34.78 -1.81 -26.74
C VAL A 770 35.86 -2.90 -26.59
N GLU A 771 37.13 -2.53 -26.69
CA GLU A 771 38.18 -3.53 -26.60
C GLU A 771 38.21 -4.17 -25.21
N THR A 772 37.89 -3.39 -24.17
CA THR A 772 37.94 -3.95 -22.84
C THR A 772 36.84 -5.01 -22.69
N VAL A 773 35.63 -4.66 -23.09
CA VAL A 773 34.54 -5.60 -22.92
C VAL A 773 34.82 -6.83 -23.78
N TYR A 774 35.34 -6.58 -25.00
CA TYR A 774 35.60 -7.66 -25.93
C TYR A 774 36.74 -8.58 -25.50
N ARG A 775 37.93 -8.04 -25.12
CA ARG A 775 39.02 -8.87 -24.63
C ARG A 775 38.51 -9.86 -23.57
N ASN A 776 37.73 -9.34 -22.59
CA ASN A 776 37.23 -10.15 -21.48
C ASN A 776 36.26 -11.21 -22.00
N TRP A 777 35.42 -10.82 -22.97
CA TRP A 777 34.40 -11.72 -23.49
C TRP A 777 35.07 -12.90 -24.16
N GLU A 778 36.12 -12.62 -24.93
CA GLU A 778 36.94 -13.61 -25.59
C GLU A 778 37.52 -14.58 -24.54
N GLU A 779 38.21 -14.06 -23.53
CA GLU A 779 38.96 -14.91 -22.62
C GLU A 779 38.03 -15.67 -21.67
N THR A 780 36.84 -15.15 -21.34
CA THR A 780 36.02 -15.68 -20.25
C THR A 780 34.60 -16.10 -20.70
N GLY A 781 34.15 -15.65 -21.87
CA GLY A 781 32.79 -15.88 -22.28
C GLY A 781 31.76 -14.91 -21.67
N PHE A 782 32.15 -14.12 -20.66
CA PHE A 782 31.15 -13.31 -19.95
C PHE A 782 31.29 -11.82 -20.23
N ALA A 783 30.14 -11.13 -20.22
CA ALA A 783 30.05 -9.70 -19.95
C ALA A 783 30.10 -9.51 -18.44
N TRP A 784 30.87 -8.52 -17.98
CA TRP A 784 31.04 -8.33 -16.56
C TRP A 784 30.42 -7.00 -16.13
N GLU A 785 30.17 -6.87 -14.83
CA GLU A 785 29.42 -5.77 -14.24
C GLU A 785 30.23 -4.47 -14.34
N GLN A 786 31.55 -4.62 -14.19
CA GLN A 786 32.49 -3.51 -14.18
C GLN A 786 33.87 -4.04 -14.55
N TYR A 787 34.80 -3.11 -14.83
CA TYR A 787 36.14 -3.44 -15.31
C TYR A 787 37.20 -2.70 -14.50
N ASN A 788 38.21 -3.49 -14.16
CA ASN A 788 39.32 -3.02 -13.34
C ASN A 788 40.14 -2.00 -14.12
N PRO A 789 40.41 -0.79 -13.61
CA PRO A 789 41.15 0.21 -14.39
C PRO A 789 42.66 0.02 -14.45
N GLU A 790 43.24 -0.86 -13.60
CA GLU A 790 44.66 -1.12 -13.52
C GLU A 790 45.00 -2.26 -14.50
N THR A 791 44.16 -3.31 -14.52
CA THR A 791 44.47 -4.50 -15.30
C THR A 791 43.53 -4.72 -16.48
N GLY A 792 42.36 -4.08 -16.47
CA GLY A 792 41.37 -4.25 -17.52
C GLY A 792 40.52 -5.50 -17.34
N LYS A 793 40.75 -6.25 -16.24
CA LYS A 793 39.98 -7.47 -16.02
C LYS A 793 38.57 -7.14 -15.55
N GLY A 794 37.62 -7.92 -16.06
CA GLY A 794 36.26 -7.85 -15.57
C GLY A 794 36.19 -8.42 -14.15
N GLN A 795 35.29 -7.84 -13.35
CA GLN A 795 35.20 -8.14 -11.93
C GLN A 795 33.76 -7.91 -11.49
N ARG A 796 33.49 -8.17 -10.20
CA ARG A 796 32.13 -8.32 -9.68
C ARG A 796 31.42 -9.43 -10.46
N THR A 797 30.16 -9.21 -10.83
CA THR A 797 29.39 -10.37 -11.26
C THR A 797 29.49 -10.60 -12.77
N GLN A 798 29.39 -11.86 -13.17
CA GLN A 798 29.35 -12.25 -14.57
C GLN A 798 27.95 -12.15 -15.12
N HIS A 799 27.78 -12.41 -16.42
CA HIS A 799 26.49 -12.49 -17.06
C HIS A 799 25.76 -11.18 -16.88
N PHE A 800 26.45 -10.04 -17.00
CA PHE A 800 25.80 -8.77 -16.74
C PHE A 800 25.28 -8.14 -18.04
N THR A 801 24.12 -8.63 -18.47
CA THR A 801 23.55 -8.17 -19.72
C THR A 801 22.09 -7.83 -19.48
N GLY A 802 21.82 -6.73 -18.73
CA GLY A 802 22.79 -5.83 -18.12
C GLY A 802 23.26 -4.76 -19.11
N TRP A 803 23.66 -3.58 -18.59
CA TRP A 803 24.01 -2.39 -19.38
C TRP A 803 25.36 -2.54 -20.07
N THR A 804 26.11 -3.56 -19.66
CA THR A 804 27.34 -3.88 -20.35
C THR A 804 27.08 -4.02 -21.84
N SER A 805 25.85 -4.38 -22.20
CA SER A 805 25.45 -4.67 -23.57
C SER A 805 25.36 -3.40 -24.43
N LEU A 806 25.38 -2.19 -23.82
CA LEU A 806 25.37 -0.94 -24.58
C LEU A 806 26.51 -0.90 -25.60
N VAL A 807 27.48 -1.78 -25.36
CA VAL A 807 28.69 -1.88 -26.16
CA VAL A 807 28.69 -1.88 -26.16
C VAL A 807 28.30 -2.12 -27.62
N VAL A 808 27.12 -2.70 -27.85
CA VAL A 808 26.63 -2.95 -29.19
C VAL A 808 26.32 -1.60 -29.82
N LYS A 809 25.67 -0.72 -29.06
CA LYS A 809 25.31 0.59 -29.54
C LYS A 809 26.56 1.43 -29.79
N ILE A 810 27.60 1.27 -28.95
CA ILE A 810 28.85 2.01 -29.04
C ILE A 810 29.59 1.67 -30.34
N MET A 811 29.58 0.38 -30.67
CA MET A 811 30.28 -0.13 -31.84
C MET A 811 29.58 0.38 -33.10
N SER A 812 28.26 0.55 -33.08
CA SER A 812 27.52 0.84 -34.31
C SER A 812 27.42 2.34 -34.60
N GLY A 813 27.66 3.16 -33.58
CA GLY A 813 27.89 4.60 -33.70
C GLY A 813 26.69 5.39 -34.20
N HIS A 814 26.98 6.46 -34.96
CA HIS A 814 26.02 7.32 -35.66
C HIS A 814 24.91 7.83 -34.75
N HIS A 815 25.30 8.38 -33.59
CA HIS A 815 24.38 8.88 -32.56
C HIS A 815 23.67 10.17 -33.01
N GLU B 35 -9.01 13.85 44.13
CA GLU B 35 -8.25 14.35 45.34
C GLU B 35 -9.07 14.07 46.61
N SER B 36 -10.39 14.35 46.57
CA SER B 36 -11.35 13.97 47.60
C SER B 36 -11.58 12.45 47.62
N ILE B 37 -11.76 11.90 48.83
CA ILE B 37 -12.07 10.49 49.01
C ILE B 37 -13.23 10.06 48.12
N LEU B 38 -14.35 10.80 48.15
CA LEU B 38 -15.52 10.40 47.36
C LEU B 38 -15.23 10.46 45.87
N HIS B 39 -14.63 11.55 45.40
CA HIS B 39 -14.35 11.68 43.96
C HIS B 39 -13.47 10.51 43.47
N SER B 40 -12.39 10.20 44.20
CA SER B 40 -11.57 9.04 43.89
C SER B 40 -12.38 7.76 43.78
N GLU B 41 -13.24 7.51 44.78
CA GLU B 41 -13.91 6.23 44.88
C GLU B 41 -14.79 6.06 43.65
N ILE B 42 -15.60 7.10 43.33
CA ILE B 42 -16.47 7.03 42.16
C ILE B 42 -15.61 6.77 40.92
N GLY B 43 -14.44 7.43 40.88
CA GLY B 43 -13.47 7.20 39.82
C GLY B 43 -13.18 5.72 39.63
N ARG B 44 -12.70 5.06 40.71
CA ARG B 44 -12.29 3.66 40.72
C ARG B 44 -13.46 2.79 40.26
N LEU B 45 -14.68 3.14 40.67
CA LEU B 45 -15.84 2.31 40.38
C LEU B 45 -16.25 2.45 38.91
N ASN B 46 -16.05 3.64 38.36
CA ASN B 46 -16.32 3.84 36.94
C ASN B 46 -15.28 3.07 36.16
N ASN B 47 -14.07 3.11 36.69
CA ASN B 47 -12.92 2.55 36.04
C ASN B 47 -13.11 1.03 35.97
N GLN B 48 -13.59 0.43 37.05
CA GLN B 48 -13.79 -1.01 37.09
C GLN B 48 -15.00 -1.40 36.24
N SER B 49 -16.03 -0.55 36.26
CA SER B 49 -17.24 -0.81 35.49
C SER B 49 -16.94 -0.77 33.98
N LEU B 50 -16.06 0.14 33.53
CA LEU B 50 -15.97 0.39 32.09
C LEU B 50 -14.75 -0.26 31.44
N LEU B 51 -13.92 -0.97 32.24
CA LEU B 51 -12.65 -1.51 31.80
C LEU B 51 -12.78 -2.33 30.51
N TRP B 52 -13.61 -3.37 30.55
CA TRP B 52 -13.72 -4.26 29.41
C TRP B 52 -14.81 -3.81 28.47
N GLY B 53 -14.63 -4.13 27.19
CA GLY B 53 -15.68 -3.87 26.23
C GLY B 53 -15.29 -4.33 24.83
N PRO B 54 -16.20 -4.23 23.83
CA PRO B 54 -15.81 -4.50 22.45
C PRO B 54 -15.21 -3.18 21.94
N TYR B 55 -14.06 -2.77 22.50
CA TYR B 55 -13.61 -1.40 22.31
C TYR B 55 -12.75 -1.24 21.05
N ARG B 56 -13.10 -2.00 19.99
CA ARG B 56 -12.34 -2.02 18.75
C ARG B 56 -13.33 -1.82 17.61
N PRO B 57 -14.02 -0.65 17.52
CA PRO B 57 -15.02 -0.43 16.48
C PRO B 57 -14.63 -0.65 15.01
N ASN B 58 -13.33 -0.60 14.72
CA ASN B 58 -12.73 -0.71 13.40
C ASN B 58 -12.82 -2.15 12.86
N ILE B 59 -13.02 -3.13 13.76
CA ILE B 59 -13.24 -4.51 13.34
C ILE B 59 -14.68 -4.94 13.65
N TYR B 60 -15.18 -5.92 12.88
CA TYR B 60 -16.52 -6.51 13.07
C TYR B 60 -16.73 -6.96 14.51
N PHE B 61 -15.80 -7.72 15.07
CA PHE B 61 -15.98 -8.06 16.46
C PHE B 61 -14.64 -8.43 17.10
N GLY B 62 -14.42 -7.87 18.28
CA GLY B 62 -13.28 -8.15 19.13
C GLY B 62 -13.36 -7.31 20.40
N THR B 63 -12.49 -7.60 21.37
CA THR B 63 -12.57 -6.91 22.63
C THR B 63 -11.16 -6.48 22.99
N ARG B 64 -11.04 -5.52 23.92
CA ARG B 64 -9.80 -5.17 24.60
C ARG B 64 -10.17 -4.29 25.78
N PRO B 65 -9.34 -4.25 26.85
CA PRO B 65 -9.63 -3.42 28.01
C PRO B 65 -9.18 -1.97 27.83
N ARG B 66 -9.57 -1.05 28.72
CA ARG B 66 -9.04 0.30 28.56
C ARG B 66 -7.63 0.34 29.17
N ILE B 67 -6.71 -0.38 28.54
CA ILE B 67 -5.30 -0.41 28.94
C ILE B 67 -4.45 -0.43 27.66
N GLY B 68 -3.42 0.41 27.61
CA GLY B 68 -2.61 0.56 26.41
C GLY B 68 -1.96 -0.75 25.95
N LYS B 69 -1.27 -1.44 26.86
CA LYS B 69 -0.60 -2.67 26.50
C LYS B 69 -1.27 -3.84 27.21
N SER B 70 -2.09 -4.62 26.49
CA SER B 70 -2.77 -5.67 27.20
C SER B 70 -3.31 -6.72 26.24
N LEU B 71 -4.33 -7.46 26.71
CA LEU B 71 -4.94 -8.55 25.96
C LEU B 71 -5.95 -7.97 24.98
N MET B 72 -5.92 -8.42 23.72
CA MET B 72 -6.88 -8.03 22.70
C MET B 72 -7.39 -9.29 22.02
N THR B 73 -8.62 -9.25 21.53
CA THR B 73 -9.23 -10.35 20.80
C THR B 73 -9.85 -9.79 19.52
N GLY B 74 -9.96 -10.66 18.51
CA GLY B 74 -10.67 -10.35 17.27
C GLY B 74 -11.11 -11.63 16.57
N LEU B 75 -12.21 -11.52 15.84
CA LEU B 75 -12.80 -12.64 15.16
C LEU B 75 -12.64 -12.48 13.65
N MET B 76 -12.40 -13.59 12.95
CA MET B 76 -12.47 -13.62 11.49
C MET B 76 -13.25 -14.84 11.03
N TRP B 77 -13.92 -14.72 9.88
CA TRP B 77 -14.60 -15.84 9.25
C TRP B 77 -14.52 -15.66 7.74
N GLY B 78 -14.75 -16.74 7.00
CA GLY B 78 -14.94 -16.67 5.56
C GLY B 78 -15.20 -18.06 5.01
N LYS B 79 -15.92 -18.11 3.88
CA LYS B 79 -16.19 -19.38 3.22
C LYS B 79 -14.96 -19.80 2.42
N ILE B 80 -14.79 -21.13 2.27
CA ILE B 80 -13.69 -21.68 1.49
C ILE B 80 -14.23 -22.69 0.49
N GLU B 81 -13.85 -22.49 -0.77
CA GLU B 81 -14.39 -23.29 -1.86
C GLU B 81 -13.28 -23.78 -2.79
N SER B 82 -12.22 -22.96 -2.96
CA SER B 82 -11.10 -23.24 -3.85
C SER B 82 -9.80 -23.05 -3.09
N TYR B 83 -8.66 -23.22 -3.76
CA TYR B 83 -7.38 -23.03 -3.11
C TYR B 83 -6.98 -21.56 -3.11
N THR B 84 -7.79 -20.69 -3.73
CA THR B 84 -7.35 -19.34 -4.03
C THR B 84 -8.32 -18.28 -3.53
N ASP B 85 -9.52 -18.69 -3.07
CA ASP B 85 -10.63 -17.76 -2.81
C ASP B 85 -10.58 -17.16 -1.40
N PHE B 86 -10.06 -17.93 -0.43
CA PHE B 86 -10.21 -17.58 0.98
C PHE B 86 -9.66 -16.18 1.24
N GLN B 87 -8.53 -15.85 0.63
CA GLN B 87 -7.90 -14.56 0.83
C GLN B 87 -8.86 -13.41 0.46
N HIS B 88 -9.84 -13.65 -0.42
CA HIS B 88 -10.79 -12.63 -0.83
C HIS B 88 -12.05 -12.63 0.04
N THR B 89 -12.36 -13.77 0.64
CA THR B 89 -13.64 -13.90 1.33
C THR B 89 -13.53 -13.50 2.80
N VAL B 90 -12.34 -13.67 3.41
CA VAL B 90 -12.18 -13.51 4.85
C VAL B 90 -12.58 -12.09 5.31
N ARG B 91 -13.14 -12.02 6.53
CA ARG B 91 -13.57 -10.76 7.12
C ARG B 91 -12.74 -10.52 8.37
N TYR B 92 -12.35 -9.25 8.54
CA TYR B 92 -11.71 -8.81 9.76
C TYR B 92 -11.98 -7.33 10.01
N THR B 93 -11.45 -6.41 9.18
CA THR B 93 -11.71 -5.00 9.43
C THR B 93 -13.04 -4.64 8.79
N CYS B 94 -13.82 -3.73 9.39
CA CYS B 94 -15.13 -3.30 8.87
C CYS B 94 -15.02 -2.62 7.51
N GLU B 95 -15.82 -3.05 6.52
CA GLU B 95 -15.94 -2.37 5.22
C GLU B 95 -17.41 -2.15 4.86
N GLN B 96 -17.67 -1.38 3.78
CA GLN B 96 -19.02 -1.26 3.25
C GLN B 96 -18.97 -1.25 1.73
N ASN B 97 -19.45 -2.35 1.13
CA ASN B 97 -19.39 -2.67 -0.28
C ASN B 97 -20.60 -3.55 -0.61
N GLU B 98 -20.89 -3.77 -1.91
CA GLU B 98 -22.00 -4.59 -2.41
C GLU B 98 -22.04 -5.99 -1.78
N GLY B 99 -20.89 -6.48 -1.25
CA GLY B 99 -20.76 -7.83 -0.73
C GLY B 99 -21.26 -8.01 0.70
N MET B 100 -21.59 -6.89 1.34
CA MET B 100 -22.04 -6.90 2.73
C MET B 100 -23.38 -6.19 2.77
N LYS B 101 -24.42 -6.81 3.34
CA LYS B 101 -25.76 -6.24 3.32
C LYS B 101 -25.86 -5.11 4.34
N GLY B 102 -25.32 -5.36 5.54
CA GLY B 102 -25.37 -4.44 6.66
C GLY B 102 -24.87 -5.11 7.95
N TYR B 103 -24.56 -4.28 8.96
CA TYR B 103 -24.15 -4.77 10.27
C TYR B 103 -24.25 -3.64 11.27
N GLY B 104 -24.33 -4.01 12.55
CA GLY B 104 -24.60 -3.05 13.60
C GLY B 104 -25.07 -3.71 14.88
N TRP B 105 -25.09 -2.91 15.95
CA TRP B 105 -25.66 -3.35 17.21
C TRP B 105 -27.17 -3.11 17.22
N ASP B 106 -27.92 -4.14 17.61
CA ASP B 106 -29.36 -4.00 17.78
C ASP B 106 -29.62 -3.38 19.15
N GLU B 107 -28.67 -3.64 20.06
CA GLU B 107 -28.79 -3.23 21.44
C GLU B 107 -27.39 -3.24 22.06
N TYR B 108 -27.03 -2.16 22.74
CA TYR B 108 -25.75 -2.18 23.41
C TYR B 108 -25.70 -1.19 24.57
N ASP B 109 -25.04 -1.62 25.64
CA ASP B 109 -24.76 -0.78 26.79
C ASP B 109 -23.36 -1.14 27.28
N PRO B 110 -22.43 -0.14 27.27
CA PRO B 110 -21.03 -0.41 27.61
C PRO B 110 -20.80 -1.01 28.98
N ARG B 111 -21.84 -0.98 29.85
CA ARG B 111 -21.71 -1.49 31.21
C ARG B 111 -22.19 -2.94 31.28
N ARG B 112 -23.00 -3.31 30.30
CA ARG B 112 -23.73 -4.57 30.41
C ARG B 112 -23.30 -5.48 29.26
N GLY B 113 -23.30 -4.89 28.06
CA GLY B 113 -22.99 -5.64 26.86
C GLY B 113 -24.08 -5.42 25.82
N GLY B 114 -24.16 -6.31 24.83
CA GLY B 114 -25.12 -6.13 23.76
C GLY B 114 -25.05 -7.25 22.72
N ILE B 115 -25.65 -6.98 21.57
CA ILE B 115 -25.90 -7.97 20.56
C ILE B 115 -25.71 -7.29 19.23
N GLN B 116 -24.86 -7.90 18.39
CA GLN B 116 -24.50 -7.42 17.07
C GLN B 116 -24.98 -8.39 15.99
N SER B 117 -25.58 -7.80 14.96
CA SER B 117 -26.00 -8.52 13.78
C SER B 117 -25.10 -8.16 12.61
N ILE B 118 -24.65 -9.18 11.85
CA ILE B 118 -23.82 -9.04 10.67
C ILE B 118 -24.46 -9.81 9.52
N HIS B 119 -24.84 -9.10 8.45
CA HIS B 119 -25.45 -9.72 7.27
C HIS B 119 -24.48 -9.70 6.08
N ASP B 120 -23.79 -10.82 5.91
CA ASP B 120 -22.72 -11.02 4.94
C ASP B 120 -23.28 -11.71 3.70
N ILE B 121 -23.30 -10.99 2.57
CA ILE B 121 -23.88 -11.55 1.36
C ILE B 121 -22.84 -12.50 0.74
N GLN B 122 -21.58 -12.05 0.70
CA GLN B 122 -20.53 -12.77 0.00
C GLN B 122 -20.26 -14.14 0.66
N ASN B 123 -20.45 -14.22 1.98
CA ASN B 123 -20.11 -15.45 2.66
C ASN B 123 -21.35 -16.28 2.96
N GLY B 124 -22.50 -15.78 2.47
CA GLY B 124 -23.79 -16.45 2.61
C GLY B 124 -24.18 -16.69 4.06
N LEU B 125 -23.80 -15.78 4.96
CA LEU B 125 -23.95 -15.96 6.40
C LEU B 125 -24.66 -14.76 7.04
N ASP B 126 -25.46 -15.05 8.09
CA ASP B 126 -25.95 -14.07 9.04
C ASP B 126 -25.35 -14.43 10.40
N ILE B 127 -24.53 -13.52 10.93
CA ILE B 127 -23.79 -13.78 12.14
C ILE B 127 -24.35 -12.94 13.29
N THR B 128 -24.28 -13.52 14.49
CA THR B 128 -24.74 -12.90 15.70
C THR B 128 -23.57 -12.93 16.70
N THR B 129 -23.15 -11.75 17.13
CA THR B 129 -22.16 -11.70 18.20
C THR B 129 -22.87 -11.11 19.39
N SER B 130 -22.86 -11.82 20.50
CA SER B 130 -23.48 -11.21 21.65
C SER B 130 -22.46 -11.22 22.77
N PHE B 131 -22.38 -10.11 23.50
CA PHE B 131 -21.29 -9.88 24.42
C PHE B 131 -21.90 -9.43 25.75
N VAL B 132 -21.43 -10.00 26.85
CA VAL B 132 -21.94 -9.64 28.17
C VAL B 132 -20.78 -9.47 29.15
N LYS B 133 -20.96 -8.51 30.06
CA LYS B 133 -20.01 -8.30 31.15
C LYS B 133 -20.52 -8.87 32.48
N ILE B 134 -19.59 -9.39 33.28
CA ILE B 134 -19.92 -10.07 34.51
C ILE B 134 -19.01 -9.49 35.59
N PRO B 135 -19.57 -8.65 36.47
CA PRO B 135 -18.75 -7.94 37.45
C PRO B 135 -18.22 -8.89 38.53
N GLY B 136 -17.10 -8.52 39.17
CA GLY B 136 -16.47 -9.37 40.17
C GLY B 136 -14.95 -9.25 40.14
N GLY B 137 -14.37 -9.12 41.33
CA GLY B 137 -12.92 -9.14 41.48
C GLY B 137 -12.34 -7.74 41.47
N ALA B 138 -11.01 -7.64 41.37
CA ALA B 138 -10.31 -6.36 41.38
C ALA B 138 -9.87 -5.94 39.98
N HIS B 139 -10.24 -6.67 38.93
CA HIS B 139 -9.53 -6.46 37.68
C HIS B 139 -10.50 -6.17 36.55
N GLY B 140 -11.68 -5.62 36.87
CA GLY B 140 -12.62 -5.22 35.85
C GLY B 140 -13.58 -6.35 35.48
N GLY B 141 -13.51 -7.48 36.22
CA GLY B 141 -14.55 -8.51 36.13
C GLY B 141 -14.33 -9.42 34.93
N SER B 142 -15.41 -9.98 34.39
CA SER B 142 -15.29 -11.07 33.44
C SER B 142 -16.24 -10.77 32.29
N TRP B 143 -16.24 -11.66 31.28
CA TRP B 143 -17.06 -11.42 30.12
C TRP B 143 -17.20 -12.69 29.29
N ALA B 144 -18.18 -12.67 28.38
CA ALA B 144 -18.41 -13.78 27.48
C ALA B 144 -19.06 -13.25 26.21
N ALA B 145 -18.82 -13.99 25.12
CA ALA B 145 -19.52 -13.77 23.88
C ALA B 145 -19.96 -15.11 23.31
N ARG B 146 -21.06 -15.06 22.57
CA ARG B 146 -21.45 -16.20 21.78
C ARG B 146 -21.43 -15.72 20.33
N ILE B 147 -20.82 -16.55 19.46
CA ILE B 147 -20.76 -16.33 18.02
C ILE B 147 -21.64 -17.38 17.35
N LYS B 148 -22.59 -16.93 16.53
CA LYS B 148 -23.56 -17.82 15.91
C LYS B 148 -23.65 -17.47 14.43
N GLY B 149 -23.54 -18.49 13.57
CA GLY B 149 -23.61 -18.29 12.13
C GLY B 149 -24.68 -19.16 11.49
N THR B 150 -25.47 -18.54 10.59
CA THR B 150 -26.59 -19.18 9.96
C THR B 150 -26.56 -18.83 8.49
N LEU B 151 -26.44 -19.86 7.64
CA LEU B 151 -26.43 -19.67 6.20
C LEU B 151 -27.79 -19.12 5.82
N ASN B 152 -27.82 -18.11 4.92
CA ASN B 152 -29.06 -17.64 4.32
C ASN B 152 -29.52 -18.65 3.27
N ASP B 153 -30.62 -18.32 2.59
CA ASP B 153 -31.27 -19.24 1.65
C ASP B 153 -30.42 -19.50 0.41
N ASP B 154 -29.62 -18.51 -0.01
CA ASP B 154 -28.93 -18.59 -1.29
C ASP B 154 -27.69 -19.48 -1.22
N ALA B 155 -27.22 -19.84 -0.02
CA ALA B 155 -25.92 -20.47 0.15
C ALA B 155 -26.02 -21.98 -0.05
N PRO B 156 -24.96 -22.66 -0.58
CA PRO B 156 -24.90 -24.12 -0.54
C PRO B 156 -25.13 -24.59 0.90
N LYS B 157 -26.05 -25.55 1.07
CA LYS B 157 -26.46 -26.03 2.38
C LYS B 157 -25.26 -26.65 3.13
N ASP B 158 -24.21 -27.03 2.39
CA ASP B 158 -23.08 -27.73 3.00
C ASP B 158 -21.82 -26.88 2.97
N GLN B 159 -21.97 -25.55 2.82
CA GLN B 159 -20.85 -24.63 2.76
C GLN B 159 -19.91 -24.79 3.96
N LYS B 160 -18.62 -24.74 3.66
CA LYS B 160 -17.57 -24.82 4.66
C LYS B 160 -17.16 -23.40 5.05
N THR B 161 -17.09 -23.17 6.36
CA THR B 161 -16.75 -21.87 6.89
C THR B 161 -15.57 -22.05 7.84
N ILE B 162 -14.55 -21.22 7.65
CA ILE B 162 -13.43 -21.16 8.57
C ILE B 162 -13.75 -19.99 9.48
N VAL B 163 -13.57 -20.22 10.78
CA VAL B 163 -13.74 -19.19 11.79
C VAL B 163 -12.49 -19.15 12.63
N VAL B 164 -11.89 -17.96 12.72
CA VAL B 164 -10.72 -17.83 13.57
C VAL B 164 -11.04 -16.88 14.72
N PHE B 165 -10.49 -17.24 15.88
CA PHE B 165 -10.49 -16.36 17.02
C PHE B 165 -9.05 -16.06 17.38
N TYR B 166 -8.71 -14.77 17.36
CA TYR B 166 -7.33 -14.30 17.47
C TYR B 166 -7.19 -13.61 18.82
N VAL B 167 -6.10 -13.91 19.54
CA VAL B 167 -5.85 -13.35 20.86
C VAL B 167 -4.38 -12.97 20.93
N SER B 168 -4.12 -11.71 21.33
CA SER B 168 -2.78 -11.15 21.43
C SER B 168 -2.58 -10.50 22.80
N GLN B 169 -1.33 -10.44 23.29
CA GLN B 169 -1.08 -9.80 24.59
C GLN B 169 0.23 -9.03 24.58
N GLU B 170 0.11 -7.73 24.82
CA GLU B 170 1.26 -6.87 24.86
C GLU B 170 1.54 -6.52 26.32
N GLY B 171 2.80 -6.24 26.61
CA GLY B 171 3.14 -5.69 27.91
C GLY B 171 4.22 -6.51 28.58
N GLU B 172 5.06 -5.83 29.37
CA GLU B 172 6.10 -6.43 30.20
C GLU B 172 5.42 -7.30 31.28
N ASN B 173 6.13 -8.38 31.68
CA ASN B 173 5.78 -9.24 32.80
C ASN B 173 4.35 -9.77 32.64
N SER B 174 4.13 -10.50 31.54
CA SER B 174 2.81 -11.05 31.25
C SER B 174 2.93 -12.36 30.48
N GLU B 175 2.06 -13.32 30.80
CA GLU B 175 2.13 -14.65 30.21
C GLU B 175 0.81 -14.99 29.55
N LEU B 176 0.86 -15.81 28.53
CA LEU B 176 -0.37 -16.33 27.97
C LEU B 176 0.03 -17.64 27.31
N GLU B 177 -0.73 -18.70 27.59
CA GLU B 177 -0.31 -20.05 27.32
C GLU B 177 -1.54 -20.88 27.08
N ALA B 178 -1.55 -21.59 25.94
CA ALA B 178 -2.63 -22.52 25.65
C ALA B 178 -2.30 -23.89 26.24
N VAL B 179 -3.31 -24.47 26.91
CA VAL B 179 -3.22 -25.79 27.48
C VAL B 179 -3.33 -26.78 26.31
N PRO B 180 -2.39 -27.76 26.21
CA PRO B 180 -2.42 -28.77 25.14
C PRO B 180 -3.69 -29.61 25.20
N SER B 181 -4.16 -30.11 24.05
CA SER B 181 -5.23 -31.12 24.03
C SER B 181 -4.75 -32.47 24.55
N GLU B 182 -5.70 -33.38 24.81
CA GLU B 182 -5.43 -34.79 25.12
C GLU B 182 -5.09 -35.54 23.83
N ASN B 183 -5.77 -35.18 22.71
CA ASN B 183 -5.71 -35.82 21.40
C ASN B 183 -4.52 -35.35 20.54
N GLU B 184 -4.32 -36.02 19.39
CA GLU B 184 -3.05 -35.97 18.68
C GLU B 184 -2.94 -34.73 17.78
N PHE B 185 -3.98 -34.46 17.00
CA PHE B 185 -3.88 -33.47 15.95
C PHE B 185 -4.67 -32.20 16.25
N GLY B 186 -5.24 -32.11 17.46
CA GLY B 186 -6.06 -30.98 17.84
C GLY B 186 -7.03 -31.27 18.97
N TYR B 187 -8.13 -30.51 19.01
CA TYR B 187 -9.04 -30.44 20.15
C TYR B 187 -10.42 -30.95 19.71
N GLU B 188 -11.03 -31.78 20.57
CA GLU B 188 -12.37 -32.32 20.38
C GLU B 188 -13.28 -31.69 21.43
N GLY B 189 -12.63 -31.10 22.44
CA GLY B 189 -13.28 -30.36 23.52
C GLY B 189 -13.13 -28.85 23.33
N ASP B 190 -12.92 -28.15 24.45
CA ASP B 190 -12.75 -26.71 24.51
C ASP B 190 -11.25 -26.42 24.45
N VAL B 191 -10.90 -25.17 24.08
CA VAL B 191 -9.53 -24.64 24.17
C VAL B 191 -9.44 -23.72 25.38
N ILE B 192 -8.42 -23.96 26.20
CA ILE B 192 -8.23 -23.13 27.38
C ILE B 192 -6.89 -22.43 27.30
N LEU B 193 -6.93 -21.10 27.44
CA LEU B 193 -5.73 -20.28 27.57
C LEU B 193 -5.68 -19.80 29.01
N LYS B 194 -4.48 -19.84 29.60
CA LYS B 194 -4.26 -19.31 30.94
C LYS B 194 -3.25 -18.16 30.81
N GLY B 195 -3.57 -17.02 31.45
CA GLY B 195 -2.70 -15.87 31.30
C GLY B 195 -2.68 -15.04 32.57
N ARG B 196 -1.81 -14.02 32.57
CA ARG B 196 -1.50 -13.26 33.76
C ARG B 196 -0.85 -11.94 33.32
N SER B 197 -1.33 -10.80 33.83
CA SER B 197 -0.59 -9.55 33.66
C SER B 197 -0.67 -8.75 34.95
N GLU B 198 0.16 -7.71 35.07
CA GLU B 198 0.05 -6.84 36.25
C GLU B 198 -1.37 -6.32 36.29
N ALA B 199 -1.83 -5.74 35.17
CA ALA B 199 -3.14 -5.10 35.10
C ALA B 199 -4.29 -6.07 35.32
N LEU B 200 -4.28 -7.25 34.69
CA LEU B 200 -5.49 -8.07 34.69
C LEU B 200 -5.48 -9.18 35.76
N GLY B 201 -4.35 -9.36 36.46
CA GLY B 201 -4.19 -10.48 37.37
C GLY B 201 -4.13 -11.80 36.61
N ASN B 202 -4.58 -12.89 37.27
CA ASN B 202 -4.73 -14.15 36.55
C ASN B 202 -6.11 -14.17 35.93
N TYR B 203 -6.19 -14.80 34.77
CA TYR B 203 -7.46 -14.94 34.10
C TYR B 203 -7.37 -16.23 33.31
N LYS B 204 -8.51 -16.63 32.76
CA LYS B 204 -8.60 -17.83 31.97
C LYS B 204 -9.55 -17.51 30.82
N LEU B 205 -9.09 -17.77 29.61
CA LEU B 205 -9.88 -17.52 28.42
C LEU B 205 -10.16 -18.88 27.79
N VAL B 206 -11.39 -19.08 27.34
CA VAL B 206 -11.86 -20.38 26.91
C VAL B 206 -12.65 -20.24 25.60
N VAL B 207 -12.25 -21.00 24.59
CA VAL B 207 -13.06 -21.08 23.38
C VAL B 207 -13.72 -22.46 23.34
N THR B 208 -15.05 -22.45 23.32
CA THR B 208 -15.80 -23.65 23.61
C THR B 208 -15.87 -24.51 22.34
N LYS B 209 -16.08 -25.82 22.53
CA LYS B 209 -16.22 -26.80 21.48
C LYS B 209 -17.12 -26.24 20.41
N GLY B 210 -18.32 -25.84 20.81
CA GLY B 210 -19.26 -25.22 19.90
C GLY B 210 -20.20 -26.28 19.35
N LYS B 211 -21.25 -25.83 18.68
CA LYS B 211 -22.25 -26.71 18.12
C LYS B 211 -22.11 -26.54 16.62
N GLY B 212 -22.37 -27.61 15.86
CA GLY B 212 -22.38 -27.59 14.39
C GLY B 212 -21.46 -28.67 13.80
N VAL B 213 -21.67 -29.00 12.51
CA VAL B 213 -20.98 -30.07 11.81
C VAL B 213 -19.52 -29.69 11.50
N ILE B 214 -18.57 -30.54 11.92
CA ILE B 214 -17.16 -30.44 11.57
C ILE B 214 -16.82 -31.38 10.40
N PRO B 215 -16.56 -30.91 9.15
CA PRO B 215 -16.32 -31.80 8.03
C PRO B 215 -15.07 -32.66 8.24
N GLN B 216 -15.09 -33.91 7.73
CA GLN B 216 -14.00 -34.84 7.93
C GLN B 216 -13.29 -35.15 6.60
N SER B 217 -12.04 -35.59 6.70
CA SER B 217 -11.29 -35.88 5.48
C SER B 217 -10.70 -37.28 5.52
N ASP B 218 -10.87 -37.98 4.40
CA ASP B 218 -10.32 -39.31 4.25
C ASP B 218 -9.18 -39.28 3.24
N HIS B 219 -8.89 -38.08 2.70
CA HIS B 219 -7.68 -37.79 1.94
C HIS B 219 -6.42 -38.05 2.78
N ASP B 220 -5.32 -38.39 2.10
CA ASP B 220 -4.16 -38.99 2.73
C ASP B 220 -3.43 -37.96 3.60
N LEU B 221 -3.60 -36.66 3.25
CA LEU B 221 -3.15 -35.50 4.04
C LEU B 221 -3.53 -35.60 5.51
N SER B 222 -4.63 -36.31 5.81
CA SER B 222 -5.13 -36.54 7.15
C SER B 222 -4.12 -37.27 8.05
N ARG B 223 -3.14 -37.96 7.46
CA ARG B 223 -2.15 -38.72 8.22
C ARG B 223 -1.23 -37.77 8.98
N LEU B 224 -1.13 -36.54 8.49
CA LEU B 224 -0.24 -35.53 9.04
C LEU B 224 -1.04 -34.42 9.72
N ARG B 225 -2.24 -34.14 9.20
CA ARG B 225 -3.05 -33.01 9.63
C ARG B 225 -4.35 -33.44 10.30
N GLY B 226 -4.51 -34.74 10.61
CA GLY B 226 -5.74 -35.24 11.21
C GLY B 226 -6.94 -35.11 10.27
N PRO B 227 -8.08 -35.74 10.61
CA PRO B 227 -9.24 -35.75 9.71
C PRO B 227 -9.99 -34.41 9.70
N GLY B 228 -9.69 -33.55 10.68
CA GLY B 228 -10.33 -32.25 10.81
C GLY B 228 -10.87 -31.98 12.21
N GLN B 229 -10.46 -30.83 12.78
CA GLN B 229 -10.66 -30.52 14.19
C GLN B 229 -10.22 -29.09 14.51
N THR B 230 -10.62 -28.61 15.70
CA THR B 230 -10.13 -27.37 16.29
C THR B 230 -8.61 -27.46 16.47
N VAL B 231 -7.91 -26.37 16.11
CA VAL B 231 -6.48 -26.29 16.30
C VAL B 231 -6.16 -24.92 16.88
N VAL B 232 -4.97 -24.83 17.50
CA VAL B 232 -4.45 -23.61 18.07
C VAL B 232 -2.96 -23.51 17.75
N GLN B 233 -2.53 -22.38 17.19
CA GLN B 233 -1.11 -22.08 17.17
C GLN B 233 -0.81 -20.97 18.16
N SER B 234 0.20 -21.21 18.99
CA SER B 234 0.73 -20.23 19.91
C SER B 234 2.08 -19.72 19.39
N LEU B 235 2.13 -18.40 19.13
CA LEU B 235 3.23 -17.77 18.42
C LEU B 235 3.78 -16.58 19.20
N THR B 236 5.01 -16.18 18.85
CA THR B 236 5.61 -14.96 19.34
C THR B 236 5.82 -14.02 18.16
N TYR B 237 5.25 -12.82 18.22
CA TYR B 237 5.49 -11.82 17.18
C TYR B 237 5.99 -10.57 17.86
N PRO B 238 6.63 -9.63 17.14
CA PRO B 238 7.13 -8.42 17.80
C PRO B 238 5.94 -7.52 18.15
N ASP B 239 6.09 -6.78 19.26
CA ASP B 239 5.00 -5.97 19.80
C ASP B 239 4.24 -5.17 18.73
N GLU B 240 4.93 -4.60 17.73
CA GLU B 240 4.37 -3.57 16.88
C GLU B 240 3.47 -4.18 15.82
N VAL B 241 3.42 -5.52 15.72
CA VAL B 241 2.65 -6.07 14.62
C VAL B 241 1.41 -6.79 15.14
N LEU B 242 1.26 -6.87 16.48
CA LEU B 242 0.24 -7.68 17.13
C LEU B 242 -1.14 -7.29 16.60
N TRP B 243 -1.29 -6.06 16.12
CA TRP B 243 -2.62 -5.64 15.69
C TRP B 243 -2.96 -6.16 14.28
N GLN B 244 -1.92 -6.54 13.51
CA GLN B 244 -2.11 -7.00 12.16
C GLN B 244 -2.55 -8.47 12.14
N ALA B 245 -3.75 -8.74 12.69
CA ALA B 245 -4.28 -10.10 12.75
C ALA B 245 -4.34 -10.80 11.38
N LYS B 246 -4.85 -10.09 10.35
CA LYS B 246 -5.18 -10.82 9.12
C LYS B 246 -3.88 -11.20 8.42
N PRO B 247 -2.90 -10.27 8.29
CA PRO B 247 -1.59 -10.63 7.77
C PRO B 247 -0.88 -11.73 8.56
N ILE B 248 -1.02 -11.72 9.89
CA ILE B 248 -0.39 -12.79 10.65
C ILE B 248 -1.05 -14.14 10.35
N LEU B 249 -2.37 -14.17 10.20
CA LEU B 249 -3.04 -15.40 9.87
C LEU B 249 -2.53 -15.89 8.52
N PHE B 250 -2.47 -14.97 7.55
CA PHE B 250 -2.15 -15.40 6.20
C PHE B 250 -0.71 -15.87 6.14
N GLN B 251 0.15 -15.28 6.97
CA GLN B 251 1.53 -15.73 7.08
C GLN B 251 1.52 -17.19 7.55
N GLN B 252 0.74 -17.48 8.59
CA GLN B 252 0.69 -18.83 9.12
C GLN B 252 0.10 -19.79 8.10
N LEU B 253 -0.89 -19.34 7.32
CA LEU B 253 -1.52 -20.21 6.35
C LEU B 253 -0.54 -20.52 5.21
N LYS B 254 0.19 -19.51 4.71
CA LYS B 254 1.22 -19.68 3.69
C LYS B 254 2.29 -20.64 4.20
N ALA B 255 2.73 -20.48 5.45
CA ALA B 255 3.72 -21.36 6.04
C ALA B 255 3.24 -22.81 5.91
N GLY B 256 1.96 -23.03 6.26
CA GLY B 256 1.38 -24.35 6.29
C GLY B 256 1.24 -24.93 4.88
N ILE B 257 1.15 -24.06 3.87
CA ILE B 257 1.00 -24.52 2.50
C ILE B 257 2.37 -24.87 1.94
N ASP B 258 3.41 -24.13 2.36
CA ASP B 258 4.76 -24.45 1.92
C ASP B 258 5.20 -25.80 2.48
N TRP B 259 4.60 -26.16 3.61
CA TRP B 259 5.06 -27.29 4.37
C TRP B 259 4.63 -28.55 3.62
N LEU B 260 3.64 -28.36 2.73
CA LEU B 260 3.04 -29.43 1.95
C LEU B 260 4.08 -30.07 1.03
N VAL B 261 4.90 -29.24 0.39
CA VAL B 261 5.81 -29.70 -0.63
C VAL B 261 7.05 -30.35 0.00
N GLU B 262 7.21 -30.32 1.33
CA GLU B 262 8.39 -30.87 1.96
C GLU B 262 7.98 -32.05 2.84
N ASN B 263 6.78 -32.60 2.59
CA ASN B 263 6.23 -33.61 3.49
C ASN B 263 5.49 -34.70 2.72
N LYS B 264 5.41 -35.88 3.38
CA LYS B 264 5.07 -37.15 2.75
C LYS B 264 3.56 -37.35 2.79
N TYR B 265 2.90 -37.22 1.64
CA TYR B 265 1.46 -37.49 1.53
C TYR B 265 1.10 -37.53 0.04
N ASP B 266 0.09 -38.32 -0.33
CA ASP B 266 -0.27 -38.58 -1.71
C ASP B 266 -0.86 -37.31 -2.36
N VAL B 267 -0.29 -36.88 -3.49
CA VAL B 267 -0.70 -35.61 -4.07
C VAL B 267 -1.34 -35.88 -5.42
N ALA B 268 -1.69 -37.14 -5.67
CA ALA B 268 -2.35 -37.54 -6.92
C ALA B 268 -3.75 -36.92 -6.99
N ASP B 269 -4.50 -37.08 -5.89
CA ASP B 269 -5.86 -36.59 -5.80
C ASP B 269 -5.87 -35.26 -5.05
N PRO B 270 -6.59 -34.25 -5.59
CA PRO B 270 -6.76 -32.95 -4.91
C PRO B 270 -7.34 -33.12 -3.50
N PRO B 271 -6.70 -32.56 -2.44
CA PRO B 271 -7.28 -32.60 -1.09
C PRO B 271 -8.36 -31.53 -0.99
N PRO B 272 -9.21 -31.50 0.08
CA PRO B 272 -10.26 -30.48 0.16
C PRO B 272 -9.65 -29.11 0.51
N PRO B 273 -10.08 -28.01 -0.18
CA PRO B 273 -9.63 -26.66 0.12
C PRO B 273 -9.53 -26.38 1.63
N TRP B 274 -10.60 -26.70 2.38
CA TRP B 274 -10.62 -26.42 3.80
C TRP B 274 -9.46 -27.08 4.55
N GLN B 275 -9.02 -28.28 4.15
CA GLN B 275 -8.08 -29.01 4.99
C GLN B 275 -6.66 -28.54 4.68
N VAL B 276 -6.48 -28.03 3.47
CA VAL B 276 -5.24 -27.41 3.06
C VAL B 276 -5.02 -26.14 3.88
N TYR B 277 -6.13 -25.46 4.19
CA TYR B 277 -6.14 -24.21 4.95
C TYR B 277 -6.36 -24.42 6.46
N LEU B 278 -6.32 -25.68 6.92
CA LEU B 278 -6.39 -25.96 8.34
C LEU B 278 -4.99 -25.97 8.93
N LEU B 279 -4.72 -25.02 9.84
CA LEU B 279 -3.42 -24.88 10.47
C LEU B 279 -3.00 -26.15 11.22
N ALA B 280 -1.68 -26.32 11.39
CA ALA B 280 -1.16 -27.38 12.24
C ALA B 280 -1.31 -26.96 13.69
N ASN B 281 -1.76 -27.89 14.53
CA ASN B 281 -1.87 -27.70 15.97
C ASN B 281 -0.50 -27.57 16.62
N LYS B 282 -0.25 -26.47 17.32
CA LYS B 282 1.05 -26.12 17.92
C LYS B 282 0.81 -25.26 19.16
N PRO B 283 0.00 -25.72 20.13
CA PRO B 283 -0.37 -24.90 21.29
C PRO B 283 0.81 -24.89 22.25
N GLY B 284 1.01 -23.75 22.90
CA GLY B 284 2.06 -23.50 23.87
C GLY B 284 1.98 -22.06 24.38
N SER B 285 3.10 -21.56 24.87
CA SER B 285 3.05 -20.17 25.32
C SER B 285 3.31 -19.25 24.13
N GLY B 286 2.86 -18.00 24.22
CA GLY B 286 3.19 -17.01 23.21
C GLY B 286 2.42 -15.73 23.47
N ASN B 287 2.59 -14.72 22.59
CA ASN B 287 1.81 -13.49 22.73
C ASN B 287 0.77 -13.38 21.62
N VAL B 288 0.71 -14.41 20.76
CA VAL B 288 -0.36 -14.55 19.79
C VAL B 288 -0.86 -15.99 19.85
N HIS B 289 -2.19 -16.17 19.80
CA HIS B 289 -2.80 -17.47 19.82
C HIS B 289 -3.89 -17.47 18.77
N ILE B 290 -3.79 -18.38 17.79
CA ILE B 290 -4.83 -18.50 16.76
C ILE B 290 -5.65 -19.75 17.03
N VAL B 291 -6.95 -19.55 17.26
CA VAL B 291 -7.87 -20.65 17.41
C VAL B 291 -8.67 -20.78 16.12
N GLN B 292 -8.52 -21.93 15.45
CA GLN B 292 -9.21 -22.11 14.18
C GLN B 292 -10.18 -23.29 14.26
N LYS B 293 -11.29 -23.17 13.51
CA LYS B 293 -12.40 -24.10 13.48
C LYS B 293 -13.00 -24.08 12.08
N VAL B 294 -13.32 -25.26 11.58
CA VAL B 294 -14.00 -25.32 10.30
C VAL B 294 -15.36 -25.96 10.55
N PHE B 295 -16.35 -25.46 9.82
CA PHE B 295 -17.71 -25.85 10.08
C PHE B 295 -18.39 -26.10 8.74
N GLU B 296 -19.34 -27.06 8.76
CA GLU B 296 -20.16 -27.31 7.60
C GLU B 296 -21.61 -27.02 7.95
N GLY B 297 -22.22 -26.14 7.15
CA GLY B 297 -23.50 -25.56 7.54
C GLY B 297 -23.36 -24.53 8.66
N ASP B 298 -24.36 -24.50 9.55
CA ASP B 298 -24.54 -23.53 10.62
C ASP B 298 -23.69 -23.91 11.82
N PHE B 299 -23.33 -22.91 12.63
CA PHE B 299 -22.39 -23.15 13.70
C PHE B 299 -22.64 -22.18 14.85
N GLU B 300 -22.11 -22.52 16.02
CA GLU B 300 -21.96 -21.52 17.05
C GLU B 300 -20.91 -22.00 18.07
N PHE B 301 -20.26 -21.05 18.75
CA PHE B 301 -19.44 -21.36 19.90
C PHE B 301 -19.38 -20.14 20.81
N ASP B 302 -18.73 -20.32 21.98
CA ASP B 302 -18.70 -19.32 23.04
C ASP B 302 -17.25 -18.97 23.36
N ILE B 303 -17.01 -17.68 23.67
CA ILE B 303 -15.75 -17.29 24.29
C ILE B 303 -16.02 -16.87 25.73
N LEU B 304 -15.26 -17.44 26.67
CA LEU B 304 -15.56 -17.24 28.07
C LEU B 304 -14.30 -16.74 28.74
N PHE B 305 -14.34 -15.50 29.26
CA PHE B 305 -13.23 -14.86 29.96
C PHE B 305 -13.54 -14.80 31.46
N SER B 306 -12.69 -15.47 32.24
CA SER B 306 -12.86 -15.62 33.68
C SER B 306 -11.73 -14.93 34.43
N SER B 307 -12.07 -13.82 35.10
CA SER B 307 -11.15 -13.10 35.97
C SER B 307 -10.97 -13.93 37.23
N GLU B 308 -9.74 -14.30 37.55
CA GLU B 308 -9.54 -15.23 38.65
C GLU B 308 -10.02 -14.61 39.96
N SER B 309 -9.69 -13.33 40.18
CA SER B 309 -10.07 -12.58 41.37
C SER B 309 -11.59 -12.46 41.55
N ALA B 310 -12.40 -12.64 40.49
CA ALA B 310 -13.85 -12.73 40.64
C ALA B 310 -14.27 -14.02 41.34
N GLY B 311 -13.30 -14.90 41.62
CA GLY B 311 -13.46 -16.06 42.46
C GLY B 311 -14.54 -17.03 41.99
N LYS B 312 -14.94 -16.92 40.72
CA LYS B 312 -15.95 -17.77 40.09
C LYS B 312 -15.72 -17.79 38.58
N GLU B 313 -15.68 -19.00 38.02
CA GLU B 313 -15.48 -19.20 36.60
C GLU B 313 -16.79 -18.98 35.84
N VAL B 314 -16.69 -18.37 34.65
CA VAL B 314 -17.84 -18.06 33.82
C VAL B 314 -18.16 -19.29 32.99
N THR B 315 -19.45 -19.57 32.80
CA THR B 315 -19.90 -20.75 32.08
C THR B 315 -20.85 -20.31 30.97
N SER B 316 -21.27 -21.27 30.13
CA SER B 316 -22.16 -20.96 29.03
C SER B 316 -23.57 -20.66 29.55
N LYS B 317 -23.94 -21.22 30.71
CA LYS B 317 -25.27 -20.98 31.27
C LYS B 317 -25.31 -19.57 31.86
N ASP B 318 -24.22 -19.19 32.56
CA ASP B 318 -23.96 -17.81 32.97
C ASP B 318 -24.17 -16.85 31.79
N LEU B 319 -23.57 -17.18 30.64
CA LEU B 319 -23.65 -16.37 29.44
C LEU B 319 -25.11 -16.23 28.98
N GLU B 320 -25.87 -17.34 28.98
CA GLU B 320 -27.23 -17.31 28.42
C GLU B 320 -28.11 -16.45 29.32
N ARG B 321 -27.89 -16.58 30.63
CA ARG B 321 -28.69 -15.89 31.63
C ARG B 321 -28.45 -14.39 31.51
N GLU B 322 -27.18 -13.99 31.37
CA GLU B 322 -26.81 -12.59 31.46
C GLU B 322 -27.17 -11.85 30.17
N VAL B 323 -27.12 -12.56 29.05
CA VAL B 323 -27.64 -12.00 27.81
C VAL B 323 -29.09 -11.58 28.02
N LYS B 324 -29.96 -12.52 28.43
CA LYS B 324 -31.40 -12.31 28.56
C LYS B 324 -31.67 -11.15 29.52
N GLN B 325 -30.93 -11.12 30.63
CA GLN B 325 -31.09 -10.14 31.69
C GLN B 325 -30.78 -8.75 31.13
N ALA B 326 -29.69 -8.65 30.39
CA ALA B 326 -29.26 -7.37 29.84
C ALA B 326 -30.20 -6.86 28.71
N THR B 327 -30.75 -7.76 27.89
CA THR B 327 -31.77 -7.36 26.92
C THR B 327 -32.96 -6.68 27.60
N GLU B 328 -33.36 -7.21 28.77
CA GLU B 328 -34.54 -6.73 29.48
C GLU B 328 -34.23 -5.34 30.04
N VAL B 329 -33.08 -5.21 30.71
CA VAL B 329 -32.66 -3.93 31.26
C VAL B 329 -32.62 -2.87 30.16
N PHE B 330 -32.17 -3.25 28.96
CA PHE B 330 -31.99 -2.28 27.88
C PHE B 330 -33.34 -1.72 27.43
N GLY B 331 -34.33 -2.60 27.23
CA GLY B 331 -35.67 -2.19 26.82
C GLY B 331 -36.29 -1.23 27.82
N GLU B 332 -36.08 -1.53 29.13
CA GLU B 332 -36.60 -0.74 30.24
C GLU B 332 -35.98 0.65 30.21
N ARG B 333 -34.64 0.71 30.21
CA ARG B 333 -33.93 1.98 30.25
C ARG B 333 -34.25 2.83 29.02
N PHE B 334 -34.38 2.20 27.84
CA PHE B 334 -34.71 2.93 26.63
C PHE B 334 -36.12 3.54 26.70
N ALA B 335 -37.04 2.85 27.36
CA ALA B 335 -38.40 3.37 27.48
C ALA B 335 -38.45 4.66 28.32
N ARG B 336 -37.65 4.68 29.40
CA ARG B 336 -37.54 5.80 30.33
C ARG B 336 -36.72 6.91 29.67
N VAL B 337 -35.61 6.57 29.00
CA VAL B 337 -34.64 7.58 28.60
C VAL B 337 -35.01 8.22 27.26
N PHE B 338 -35.56 7.45 26.30
CA PHE B 338 -35.98 8.01 25.03
C PHE B 338 -37.47 7.72 24.83
N ASP B 339 -38.31 8.44 25.59
CA ASP B 339 -39.77 8.41 25.49
C ASP B 339 -40.17 9.09 24.17
N LEU B 340 -40.35 8.29 23.12
CA LEU B 340 -40.58 8.88 21.80
C LEU B 340 -41.94 9.57 21.83
N LYS B 341 -42.00 10.78 21.27
CA LYS B 341 -43.23 11.54 21.35
C LYS B 341 -43.94 11.50 20.00
N ALA B 342 -45.23 11.89 20.00
CA ALA B 342 -46.01 11.89 18.77
C ALA B 342 -45.35 12.76 17.71
N PRO B 343 -45.40 12.39 16.40
CA PRO B 343 -46.06 11.16 15.95
C PRO B 343 -45.20 9.91 15.81
N PHE B 344 -44.24 9.68 16.72
CA PHE B 344 -43.31 8.59 16.50
C PHE B 344 -43.37 7.59 17.65
N GLN B 345 -44.60 7.31 18.08
CA GLN B 345 -44.84 6.35 19.15
C GLN B 345 -44.93 4.92 18.60
N GLY B 346 -44.97 4.77 17.26
CA GLY B 346 -45.03 3.46 16.62
C GLY B 346 -43.96 2.47 17.09
N ASP B 347 -44.29 1.16 17.01
CA ASP B 347 -43.32 0.12 17.31
C ASP B 347 -42.16 0.20 16.30
N ASN B 348 -42.46 0.71 15.09
CA ASN B 348 -41.49 0.79 14.00
C ASN B 348 -40.41 1.83 14.30
N TYR B 349 -40.81 2.96 14.91
CA TYR B 349 -39.88 4.02 15.28
C TYR B 349 -39.07 3.61 16.51
N LYS B 350 -39.70 2.90 17.44
CA LYS B 350 -39.00 2.41 18.60
C LYS B 350 -37.82 1.53 18.16
N LYS B 351 -38.04 0.66 17.16
CA LYS B 351 -37.04 -0.29 16.68
C LYS B 351 -35.93 0.48 15.97
N PHE B 352 -36.35 1.48 15.18
CA PHE B 352 -35.45 2.40 14.49
C PHE B 352 -34.55 3.13 15.49
N GLY B 353 -35.17 3.76 16.50
CA GLY B 353 -34.45 4.51 17.49
C GLY B 353 -33.46 3.65 18.27
N LYS B 354 -33.83 2.38 18.51
CA LYS B 354 -32.97 1.54 19.32
C LYS B 354 -31.73 1.20 18.52
N SER B 355 -31.91 1.20 17.20
CA SER B 355 -30.82 0.83 16.33
C SER B 355 -29.87 2.03 16.21
N MET B 356 -30.44 3.19 15.85
CA MET B 356 -29.72 4.46 15.76
C MET B 356 -28.90 4.70 17.02
N PHE B 357 -29.55 4.58 18.18
CA PHE B 357 -28.83 4.80 19.41
C PHE B 357 -27.77 3.73 19.67
N SER B 358 -28.16 2.44 19.61
CA SER B 358 -27.25 1.34 19.91
C SER B 358 -25.98 1.43 19.07
N ASN B 359 -26.14 1.77 17.79
CA ASN B 359 -24.99 1.86 16.91
C ASN B 359 -24.04 2.95 17.38
N LEU B 360 -24.60 4.06 17.90
CA LEU B 360 -23.83 5.23 18.29
C LEU B 360 -23.00 4.85 19.51
N ILE B 361 -23.67 4.39 20.55
CA ILE B 361 -22.97 4.06 21.77
C ILE B 361 -22.06 2.86 21.54
N GLY B 362 -22.41 2.06 20.53
CA GLY B 362 -21.68 0.83 20.26
C GLY B 362 -20.37 1.12 19.54
N GLY B 363 -20.22 2.33 19.03
CA GLY B 363 -18.99 2.72 18.34
C GLY B 363 -17.87 3.16 19.29
N ILE B 364 -18.09 3.11 20.59
CA ILE B 364 -17.06 3.61 21.46
C ILE B 364 -15.80 2.74 21.31
N GLY B 365 -14.67 3.39 21.07
CA GLY B 365 -13.43 2.66 21.06
C GLY B 365 -12.45 3.18 22.11
N TYR B 366 -11.52 2.29 22.49
CA TYR B 366 -10.34 2.67 23.24
C TYR B 366 -9.13 2.69 22.31
N PHE B 367 -8.47 3.86 22.23
CA PHE B 367 -7.32 4.01 21.35
C PHE B 367 -6.05 4.34 22.13
N TYR B 368 -4.91 3.75 21.75
CA TYR B 368 -3.67 3.99 22.46
C TYR B 368 -2.50 4.06 21.50
N GLY B 369 -1.65 5.08 21.70
CA GLY B 369 -0.39 5.17 20.96
C GLY B 369 0.09 6.60 20.72
N HIS B 370 1.01 6.77 19.75
CA HIS B 370 1.58 8.07 19.47
C HIS B 370 0.72 8.82 18.46
N SER B 371 0.85 10.15 18.51
CA SER B 371 0.16 11.04 17.61
C SER B 371 1.22 11.74 16.72
N LEU B 372 0.82 12.17 15.52
CA LEU B 372 1.76 12.90 14.67
C LEU B 372 1.42 14.40 14.68
N VAL B 373 2.33 15.19 15.22
CA VAL B 373 2.13 16.61 15.46
C VAL B 373 3.35 17.40 14.99
N ASP B 374 3.11 18.55 14.34
CA ASP B 374 4.14 19.52 13.94
C ASP B 374 4.31 20.53 15.06
N ARG B 375 5.44 20.45 15.77
CA ARG B 375 5.65 21.31 16.93
C ARG B 375 6.65 22.42 16.63
N SER B 376 6.71 22.85 15.36
CA SER B 376 7.71 23.80 14.93
C SER B 376 7.32 25.21 15.38
N TYR B 377 6.00 25.46 15.37
CA TYR B 377 5.42 26.79 15.56
C TYR B 377 6.04 27.78 14.59
N ALA B 378 6.19 27.38 13.33
CA ALA B 378 6.72 28.25 12.28
C ALA B 378 5.96 29.58 12.21
N PRO B 379 6.68 30.72 12.04
CA PRO B 379 6.04 32.02 11.81
C PRO B 379 5.02 32.11 10.68
N GLU B 380 5.08 31.18 9.72
CA GLU B 380 4.16 31.22 8.59
C GLU B 380 2.79 30.85 9.11
N TYR B 381 2.77 30.02 10.15
CA TYR B 381 1.55 29.50 10.72
C TYR B 381 0.71 30.62 11.38
N ASP B 382 1.34 31.78 11.65
CA ASP B 382 0.67 32.95 12.17
C ASP B 382 -0.29 33.56 11.12
N GLU B 383 -0.12 33.25 9.85
CA GLU B 383 -1.07 33.63 8.81
C GLU B 383 -1.28 35.15 8.74
N GLU B 384 -0.18 35.90 8.73
CA GLU B 384 -0.27 37.35 8.74
C GLU B 384 -0.42 37.98 7.36
N ASN B 385 0.18 37.40 6.32
CA ASN B 385 0.26 38.07 5.02
C ASN B 385 -0.81 37.56 4.07
N GLU B 386 -1.08 38.33 3.01
CA GLU B 386 -1.83 37.83 1.87
C GLU B 386 -1.06 36.65 1.26
N GLY B 387 -1.79 35.70 0.67
CA GLY B 387 -1.22 34.44 0.19
C GLY B 387 -0.60 33.60 1.31
N PHE B 388 -1.16 33.64 2.54
CA PHE B 388 -0.61 32.96 3.71
C PHE B 388 -0.60 31.44 3.50
N TRP B 389 -1.45 30.93 2.60
CA TRP B 389 -1.59 29.49 2.40
C TRP B 389 -0.37 28.94 1.67
N GLU B 390 0.19 29.76 0.78
CA GLU B 390 1.45 29.48 0.10
C GLU B 390 2.56 29.37 1.14
N ASP B 391 2.60 30.35 2.07
CA ASP B 391 3.59 30.38 3.14
C ASP B 391 3.46 29.11 4.00
N ALA B 392 2.22 28.68 4.23
CA ALA B 392 1.92 27.59 5.12
C ALA B 392 2.39 26.28 4.48
N ALA B 393 2.17 26.17 3.17
CA ALA B 393 2.59 24.98 2.42
C ALA B 393 4.12 24.81 2.49
N GLU B 394 4.87 25.93 2.46
CA GLU B 394 6.32 25.95 2.56
C GLU B 394 6.77 25.39 3.90
N ALA B 395 6.16 25.87 4.98
CA ALA B 395 6.51 25.37 6.30
C ALA B 395 6.18 23.89 6.42
N ARG B 396 5.07 23.43 5.80
CA ARG B 396 4.70 22.02 5.81
C ARG B 396 5.82 21.23 5.12
N ALA B 397 6.37 21.80 4.03
CA ALA B 397 7.36 21.10 3.22
C ALA B 397 8.69 20.98 3.96
N ARG B 398 8.83 21.66 5.10
CA ARG B 398 10.05 21.55 5.89
C ARG B 398 10.00 20.32 6.81
N HIS B 399 8.85 19.60 6.86
CA HIS B 399 8.52 18.35 7.56
C HIS B 399 9.12 18.28 8.97
N GLN B 400 8.65 19.15 9.86
CA GLN B 400 9.14 19.15 11.22
C GLN B 400 8.32 18.20 12.09
N GLU B 401 7.25 17.60 11.57
CA GLU B 401 6.39 16.80 12.42
C GLU B 401 7.09 15.56 12.99
N ALA B 402 6.72 15.20 14.21
CA ALA B 402 7.18 13.96 14.83
C ALA B 402 6.03 13.27 15.57
N LEU B 403 6.23 11.97 15.86
CA LEU B 403 5.35 11.23 16.72
C LEU B 403 5.56 11.68 18.16
N GLU B 404 4.46 11.87 18.91
CA GLU B 404 4.54 12.16 20.34
C GLU B 404 3.51 11.32 21.05
N GLY B 405 3.68 11.22 22.37
CA GLY B 405 2.87 10.34 23.18
C GLY B 405 3.74 9.35 23.97
N PRO B 406 3.28 8.11 24.24
CA PRO B 406 1.98 7.64 23.73
C PRO B 406 0.80 8.34 24.43
N TYR B 407 -0.36 8.29 23.82
CA TYR B 407 -1.54 8.90 24.41
C TYR B 407 -2.66 7.87 24.41
N GLU B 408 -3.73 8.14 25.17
CA GLU B 408 -4.91 7.30 25.17
C GLU B 408 -6.16 8.17 24.96
N LEU B 409 -7.18 7.60 24.31
CA LEU B 409 -8.46 8.25 24.10
C LEU B 409 -9.57 7.20 24.08
N PHE B 410 -10.58 7.42 24.94
CA PHE B 410 -11.78 6.62 25.01
C PHE B 410 -12.93 7.47 24.48
N THR B 411 -13.50 7.09 23.33
CA THR B 411 -14.36 8.03 22.61
C THR B 411 -15.30 7.27 21.69
N SER B 412 -16.44 7.88 21.34
CA SER B 412 -17.26 7.36 20.25
C SER B 412 -16.63 7.83 18.94
N ILE B 413 -17.17 7.40 17.78
CA ILE B 413 -16.55 7.65 16.48
C ILE B 413 -17.65 7.98 15.49
N PRO B 414 -17.34 8.63 14.35
CA PRO B 414 -18.34 8.85 13.31
C PRO B 414 -18.77 7.62 12.53
N SER B 415 -17.88 6.65 12.35
CA SER B 415 -18.12 5.60 11.37
C SER B 415 -17.15 4.44 11.53
N ARG B 416 -17.68 3.24 11.71
CA ARG B 416 -16.84 2.08 11.92
C ARG B 416 -16.04 1.72 10.67
N PRO B 417 -16.65 1.68 9.47
CA PRO B 417 -15.88 1.38 8.26
C PRO B 417 -15.00 2.48 7.70
N PHE B 418 -15.34 3.75 7.92
CA PHE B 418 -14.64 4.81 7.22
C PHE B 418 -13.80 5.66 8.16
N PHE B 419 -14.30 5.94 9.37
CA PHE B 419 -13.63 6.93 10.19
C PHE B 419 -13.51 6.43 11.62
N PRO B 420 -12.82 5.30 11.87
CA PRO B 420 -12.76 4.74 13.23
C PRO B 420 -11.77 5.47 14.15
N ARG B 421 -12.01 6.77 14.38
CA ARG B 421 -11.15 7.56 15.24
C ARG B 421 -11.95 8.73 15.81
N GLY B 422 -11.36 9.46 16.80
CA GLY B 422 -11.98 10.60 17.42
C GLY B 422 -11.87 11.86 16.57
N PHE B 423 -13.02 12.52 16.35
CA PHE B 423 -13.08 13.87 15.80
C PHE B 423 -13.67 14.82 16.84
N LEU B 424 -12.97 15.94 17.07
CA LEU B 424 -13.26 16.84 18.18
C LEU B 424 -14.67 17.43 18.10
N TRP B 425 -15.12 18.00 16.98
CA TRP B 425 -16.43 18.62 17.08
C TRP B 425 -17.57 17.60 16.94
N ASP B 426 -17.26 16.45 16.33
CA ASP B 426 -18.19 15.34 16.19
C ASP B 426 -18.58 14.82 17.58
N GLU B 427 -17.59 14.77 18.50
CA GLU B 427 -17.80 14.20 19.82
C GLU B 427 -18.85 14.99 20.62
N GLY B 428 -18.86 16.32 20.46
CA GLY B 428 -19.87 17.13 21.10
C GLY B 428 -21.28 16.64 20.74
N PHE B 429 -21.52 16.37 19.45
CA PHE B 429 -22.82 15.87 19.06
C PHE B 429 -23.11 14.45 19.50
N HIS B 430 -22.12 13.53 19.39
CA HIS B 430 -22.28 12.16 19.87
C HIS B 430 -22.69 12.08 21.34
N LEU B 431 -22.10 12.95 22.17
CA LEU B 431 -22.27 12.82 23.60
C LEU B 431 -23.66 13.30 24.04
N LEU B 432 -24.40 14.00 23.18
CA LEU B 432 -25.69 14.51 23.61
C LEU B 432 -26.64 13.36 23.94
N PRO B 433 -26.86 12.38 23.04
CA PRO B 433 -27.66 11.19 23.38
C PRO B 433 -26.98 10.31 24.43
N ILE B 434 -25.64 10.22 24.38
CA ILE B 434 -25.00 9.34 25.34
C ILE B 434 -25.15 9.91 26.75
N ALA B 435 -25.11 11.23 26.90
CA ALA B 435 -25.21 11.86 28.21
C ALA B 435 -26.57 11.51 28.82
N ASP B 436 -27.62 11.50 27.97
CA ASP B 436 -28.98 11.11 28.35
C ASP B 436 -28.99 9.71 28.96
N TRP B 437 -28.35 8.77 28.27
CA TRP B 437 -28.29 7.38 28.68
C TRP B 437 -27.50 7.18 29.98
N ASP B 438 -26.33 7.81 30.09
CA ASP B 438 -25.27 7.45 31.02
C ASP B 438 -24.36 8.67 31.13
N ILE B 439 -24.73 9.59 32.04
CA ILE B 439 -24.01 10.84 32.19
C ILE B 439 -22.59 10.55 32.66
N ASP B 440 -22.40 9.48 33.46
CA ASP B 440 -21.07 9.16 33.95
C ASP B 440 -20.13 8.71 32.81
N LEU B 441 -20.69 8.04 31.79
CA LEU B 441 -19.94 7.59 30.63
C LEU B 441 -19.53 8.81 29.81
N ALA B 442 -20.45 9.77 29.66
CA ALA B 442 -20.14 10.94 28.87
C ALA B 442 -19.04 11.73 29.59
N LEU B 443 -19.08 11.71 30.92
CA LEU B 443 -18.08 12.46 31.66
C LEU B 443 -16.69 11.81 31.51
N GLU B 444 -16.64 10.46 31.38
CA GLU B 444 -15.38 9.77 31.17
C GLU B 444 -14.81 10.15 29.81
N ILE B 445 -15.71 10.30 28.85
CA ILE B 445 -15.27 10.59 27.50
C ILE B 445 -14.74 12.02 27.44
N ILE B 446 -15.42 12.96 28.13
CA ILE B 446 -15.00 14.35 28.11
C ILE B 446 -13.66 14.49 28.84
N LYS B 447 -13.48 13.81 29.97
CA LYS B 447 -12.24 13.86 30.75
C LYS B 447 -11.13 13.27 29.90
N SER B 448 -11.47 12.26 29.09
CA SER B 448 -10.51 11.63 28.20
C SER B 448 -10.06 12.62 27.12
N TRP B 449 -10.98 13.25 26.40
CA TRP B 449 -10.58 14.28 25.46
C TRP B 449 -9.74 15.38 26.11
N TYR B 450 -10.16 15.91 27.26
CA TYR B 450 -9.52 17.08 27.83
C TYR B 450 -8.13 16.73 28.36
N ASN B 451 -7.90 15.44 28.60
CA ASN B 451 -6.58 14.95 28.97
C ASN B 451 -5.59 15.00 27.80
N LEU B 452 -6.08 15.27 26.58
CA LEU B 452 -5.19 15.38 25.45
C LEU B 452 -4.87 16.85 25.19
N MET B 453 -5.26 17.72 26.11
CA MET B 453 -4.99 19.14 25.89
C MET B 453 -3.53 19.42 26.26
N ASP B 454 -2.83 20.19 25.42
CA ASP B 454 -1.46 20.56 25.75
C ASP B 454 -1.46 21.78 26.67
N GLU B 455 -0.29 22.40 26.86
CA GLU B 455 -0.11 23.43 27.87
C GLU B 455 -0.60 24.79 27.39
N ASP B 456 -0.89 24.95 26.10
CA ASP B 456 -1.41 26.23 25.61
C ASP B 456 -2.92 26.17 25.52
N GLY B 457 -3.44 24.94 25.52
CA GLY B 457 -4.86 24.70 25.48
C GLY B 457 -5.34 24.16 24.15
N TRP B 458 -4.42 23.58 23.36
CA TRP B 458 -4.75 22.90 22.11
C TRP B 458 -5.02 21.41 22.31
N ILE B 459 -6.13 20.96 21.68
CA ILE B 459 -6.45 19.56 21.48
C ILE B 459 -6.52 19.35 19.97
N ALA B 460 -5.80 18.36 19.43
CA ALA B 460 -5.84 18.08 18.00
C ALA B 460 -7.28 17.71 17.59
N ARG B 461 -7.71 18.18 16.40
CA ARG B 461 -9.08 17.98 15.93
C ARG B 461 -9.36 16.55 15.53
N GLU B 462 -8.33 15.79 15.13
CA GLU B 462 -8.49 14.42 14.67
C GLU B 462 -7.48 13.58 15.44
N GLN B 463 -7.93 12.66 16.29
CA GLN B 463 -7.03 11.92 17.15
C GLN B 463 -6.71 10.55 16.57
N ILE B 464 -5.49 10.42 16.04
CA ILE B 464 -5.09 9.19 15.37
C ILE B 464 -4.01 8.51 16.21
N LEU B 465 -4.41 7.68 17.18
CA LEU B 465 -3.44 7.20 18.15
C LEU B 465 -3.08 5.74 17.86
N GLY B 466 -1.82 5.50 17.52
CA GLY B 466 -1.35 4.15 17.24
C GLY B 466 -1.26 3.79 15.75
N ALA B 467 -0.34 2.84 15.48
CA ALA B 467 -0.09 2.29 14.15
C ALA B 467 -1.39 1.79 13.51
N GLU B 468 -2.23 1.12 14.31
CA GLU B 468 -3.49 0.53 13.88
C GLU B 468 -4.43 1.63 13.41
N ALA B 469 -4.58 2.70 14.22
CA ALA B 469 -5.41 3.84 13.86
C ALA B 469 -4.90 4.45 12.58
N ARG B 470 -3.56 4.43 12.47
CA ARG B 470 -2.85 5.14 11.42
C ARG B 470 -3.04 4.42 10.09
N SER B 471 -3.15 3.08 10.16
CA SER B 471 -3.23 2.26 8.97
C SER B 471 -4.49 2.55 8.13
N LYS B 472 -5.46 3.31 8.65
CA LYS B 472 -6.69 3.50 7.90
C LYS B 472 -6.72 4.92 7.36
N VAL B 473 -5.69 5.70 7.71
CA VAL B 473 -5.68 7.14 7.41
C VAL B 473 -4.57 7.50 6.42
N PRO B 474 -4.93 7.98 5.21
CA PRO B 474 -3.96 8.50 4.25
C PRO B 474 -3.02 9.54 4.87
N LYS B 475 -1.72 9.48 4.51
CA LYS B 475 -0.65 10.21 5.19
C LYS B 475 -0.89 11.72 5.18
N GLU B 476 -1.48 12.25 4.10
CA GLU B 476 -1.67 13.69 4.06
C GLU B 476 -2.57 14.13 5.20
N PHE B 477 -3.48 13.27 5.68
CA PHE B 477 -4.35 13.71 6.75
C PHE B 477 -3.83 13.41 8.15
N GLN B 478 -2.63 12.80 8.30
CA GLN B 478 -2.20 12.36 9.62
C GLN B 478 -1.68 13.50 10.48
N THR B 479 -0.92 14.45 9.90
CA THR B 479 -0.20 15.42 10.72
C THR B 479 -1.21 16.39 11.37
N GLN B 480 -1.01 16.70 12.66
CA GLN B 480 -1.84 17.67 13.38
C GLN B 480 -1.06 18.96 13.64
N TYR B 481 -1.75 20.11 13.56
CA TYR B 481 -1.12 21.42 13.68
C TYR B 481 -1.70 22.20 14.87
N PRO B 482 -0.83 22.61 15.82
CA PRO B 482 -1.24 23.31 17.02
C PRO B 482 -1.90 24.68 16.89
N HIS B 483 -2.14 25.14 15.66
CA HIS B 483 -2.90 26.35 15.44
C HIS B 483 -4.24 26.03 14.78
N TYR B 484 -4.55 24.74 14.64
CA TYR B 484 -5.79 24.31 13.99
C TYR B 484 -6.91 24.03 15.01
N ALA B 485 -8.01 24.78 14.92
CA ALA B 485 -9.11 24.62 15.86
C ALA B 485 -10.17 23.66 15.32
N ASN B 486 -11.24 23.48 16.12
CA ASN B 486 -12.42 22.76 15.72
C ASN B 486 -13.54 23.29 16.60
N PRO B 487 -14.82 23.38 16.14
CA PRO B 487 -15.88 23.96 16.96
C PRO B 487 -15.93 23.25 18.30
N PRO B 488 -16.02 24.01 19.42
CA PRO B 488 -15.97 23.44 20.75
C PRO B 488 -17.35 22.95 21.22
N THR B 489 -17.87 21.93 20.52
CA THR B 489 -19.21 21.42 20.77
C THR B 489 -19.27 20.59 22.05
N LEU B 490 -18.11 20.17 22.58
CA LEU B 490 -18.12 19.51 23.87
C LEU B 490 -18.74 20.41 24.96
N PHE B 491 -18.73 21.73 24.72
CA PHE B 491 -19.32 22.67 25.65
C PHE B 491 -20.84 22.47 25.73
N LEU B 492 -21.48 22.06 24.63
CA LEU B 492 -22.92 21.86 24.64
C LEU B 492 -23.26 20.74 25.63
N VAL B 493 -22.44 19.68 25.66
CA VAL B 493 -22.70 18.59 26.56
C VAL B 493 -22.58 19.10 28.01
N LEU B 494 -21.55 19.91 28.27
CA LEU B 494 -21.39 20.35 29.64
C LEU B 494 -22.57 21.23 30.02
N ASP B 495 -23.20 21.92 29.05
CA ASP B 495 -24.34 22.77 29.32
C ASP B 495 -25.50 21.96 29.89
N ASN B 496 -25.76 20.81 29.25
CA ASN B 496 -26.78 19.86 29.70
C ASN B 496 -26.45 19.34 31.09
N PHE B 497 -25.18 18.96 31.29
CA PHE B 497 -24.79 18.43 32.58
C PHE B 497 -25.03 19.47 33.67
N VAL B 498 -24.61 20.72 33.45
CA VAL B 498 -24.78 21.81 34.40
C VAL B 498 -26.27 21.96 34.72
N GLU B 499 -27.13 21.95 33.69
CA GLU B 499 -28.58 21.96 33.82
C GLU B 499 -29.05 20.89 34.79
N ARG B 500 -28.54 19.66 34.63
CA ARG B 500 -28.96 18.51 35.41
C ARG B 500 -28.45 18.58 36.84
N LEU B 501 -27.29 19.19 37.06
CA LEU B 501 -26.82 19.41 38.43
C LEU B 501 -27.75 20.37 39.16
N ARG B 502 -28.17 21.47 38.50
CA ARG B 502 -29.09 22.44 39.06
C ARG B 502 -30.48 21.82 39.36
N LYS B 503 -31.09 21.06 38.45
CA LYS B 503 -32.44 20.49 38.60
C LYS B 503 -32.57 19.45 39.75
N THR B 520 -26.71 2.53 41.17
CA THR B 520 -26.43 2.59 39.69
C THR B 520 -25.45 3.72 39.31
N LEU B 521 -24.28 3.33 38.80
CA LEU B 521 -23.13 4.19 38.57
C LEU B 521 -23.36 5.17 37.43
N SER B 522 -24.27 4.84 36.51
CA SER B 522 -24.64 5.68 35.39
C SER B 522 -24.84 7.14 35.76
N THR B 523 -25.37 7.42 36.97
CA THR B 523 -25.78 8.78 37.31
C THR B 523 -25.21 9.21 38.67
N ALA B 524 -24.23 8.48 39.19
CA ALA B 524 -23.65 8.76 40.50
C ALA B 524 -23.24 10.22 40.64
N SER B 525 -22.96 10.87 39.51
CA SER B 525 -22.42 12.22 39.47
C SER B 525 -23.51 13.28 39.62
N VAL B 526 -24.77 12.98 39.29
CA VAL B 526 -25.87 13.93 39.51
C VAL B 526 -26.64 13.58 40.79
N ASP B 527 -26.68 12.28 41.12
CA ASP B 527 -27.46 11.79 42.25
C ASP B 527 -26.91 12.37 43.55
N ASN B 528 -25.58 12.43 43.64
CA ASN B 528 -24.92 13.21 44.66
C ASN B 528 -24.21 14.35 43.94
N PRO B 529 -24.80 15.57 43.87
CA PRO B 529 -24.24 16.64 43.05
C PRO B 529 -22.92 17.22 43.58
N GLU B 530 -22.52 16.84 44.80
CA GLU B 530 -21.18 17.17 45.27
C GLU B 530 -20.10 16.57 44.37
N VAL B 531 -20.36 15.35 43.86
CA VAL B 531 -19.47 14.62 42.97
C VAL B 531 -19.40 15.37 41.64
N GLY B 532 -20.58 15.70 41.08
CA GLY B 532 -20.70 16.53 39.89
C GLY B 532 -19.86 17.79 40.00
N LEU B 533 -20.03 18.51 41.09
CA LEU B 533 -19.44 19.82 41.30
C LEU B 533 -17.93 19.69 41.39
N GLU B 534 -17.41 18.57 41.90
CA GLU B 534 -15.96 18.45 42.04
C GLU B 534 -15.35 18.16 40.67
N TYR B 535 -16.06 17.35 39.88
CA TYR B 535 -15.68 17.11 38.51
C TYR B 535 -15.63 18.44 37.74
N LEU B 536 -16.60 19.36 37.91
CA LEU B 536 -16.49 20.66 37.26
C LEU B 536 -15.27 21.44 37.77
N ARG B 537 -15.04 21.39 39.08
CA ARG B 537 -13.95 22.14 39.66
C ARG B 537 -12.64 21.70 39.02
N ARG B 538 -12.50 20.41 38.72
CA ARG B 538 -11.23 19.91 38.20
C ARG B 538 -11.08 20.15 36.71
N LEU B 539 -12.21 20.22 35.97
CA LEU B 539 -12.19 20.40 34.53
C LEU B 539 -12.12 21.90 34.15
N TYR B 540 -12.53 22.81 35.04
CA TYR B 540 -12.78 24.21 34.68
C TYR B 540 -11.52 24.99 34.25
N PRO B 541 -10.35 24.84 34.92
CA PRO B 541 -9.12 25.47 34.44
C PRO B 541 -8.82 25.15 32.97
N LEU B 542 -9.06 23.89 32.55
CA LEU B 542 -8.83 23.46 31.18
C LEU B 542 -9.82 24.11 30.21
N LEU B 543 -11.11 24.21 30.58
CA LEU B 543 -12.09 24.95 29.81
C LEU B 543 -11.66 26.41 29.66
N ARG B 544 -11.12 27.00 30.73
CA ARG B 544 -10.61 28.36 30.66
C ARG B 544 -9.38 28.41 29.72
N ARG B 545 -8.50 27.43 29.89
CA ARG B 545 -7.32 27.44 29.05
C ARG B 545 -7.73 27.37 27.58
N GLN B 546 -8.68 26.51 27.24
CA GLN B 546 -9.06 26.37 25.85
C GLN B 546 -9.77 27.63 25.36
N PHE B 547 -10.44 28.35 26.26
CA PHE B 547 -11.08 29.61 25.87
C PHE B 547 -10.01 30.65 25.52
N ASP B 548 -9.00 30.72 26.40
CA ASP B 548 -7.88 31.62 26.20
C ASP B 548 -7.21 31.31 24.86
N TRP B 549 -6.99 30.02 24.62
CA TRP B 549 -6.33 29.53 23.42
C TRP B 549 -7.05 30.02 22.15
N PHE B 550 -8.39 29.91 22.11
CA PHE B 550 -9.20 30.38 20.98
C PHE B 550 -9.03 31.89 20.77
N ARG B 551 -9.17 32.66 21.85
CA ARG B 551 -9.07 34.11 21.74
C ARG B 551 -7.66 34.56 21.32
N LYS B 552 -6.63 33.75 21.62
CA LYS B 552 -5.27 34.12 21.28
C LYS B 552 -4.99 33.69 19.85
N THR B 553 -5.25 32.41 19.53
CA THR B 553 -4.71 31.82 18.31
C THR B 553 -5.66 32.02 17.14
N GLN B 554 -6.93 32.37 17.42
CA GLN B 554 -7.88 32.51 16.31
C GLN B 554 -8.39 33.94 16.22
N ALA B 555 -7.62 34.88 16.75
CA ALA B 555 -8.07 36.27 16.83
C ALA B 555 -8.23 36.80 15.41
N GLY B 556 -9.25 37.65 15.16
CA GLY B 556 -9.36 38.43 13.93
C GLY B 556 -8.77 39.84 14.07
N ASP B 557 -8.83 40.66 13.01
CA ASP B 557 -8.20 41.98 13.08
C ASP B 557 -9.20 43.12 12.82
N ILE B 558 -9.51 43.87 13.89
CA ILE B 558 -10.34 45.05 13.72
C ILE B 558 -9.42 46.26 13.56
N LYS B 559 -8.34 46.33 14.36
CA LYS B 559 -7.56 47.54 14.64
C LYS B 559 -6.73 48.00 13.42
N SER B 560 -6.16 47.05 12.69
CA SER B 560 -5.26 47.46 11.64
C SER B 560 -5.98 47.80 10.33
N TYR B 561 -7.31 47.81 10.28
CA TYR B 561 -7.98 48.20 9.04
C TYR B 561 -9.00 49.31 9.34
N ASP B 562 -9.69 49.75 8.29
CA ASP B 562 -10.73 50.77 8.47
C ASP B 562 -12.03 50.08 8.86
N ARG B 563 -12.14 49.74 10.15
CA ARG B 563 -13.23 48.90 10.62
C ARG B 563 -13.77 49.43 11.94
N GLU B 564 -15.07 49.77 11.96
CA GLU B 564 -15.76 50.36 13.11
C GLU B 564 -16.50 49.23 13.84
N ALA B 565 -16.29 49.14 15.16
CA ALA B 565 -16.88 48.08 15.96
C ALA B 565 -17.10 48.56 17.38
N TYR B 566 -18.20 48.10 17.97
CA TYR B 566 -18.49 48.36 19.37
C TYR B 566 -17.33 47.94 20.26
N SER B 567 -16.69 46.81 19.98
CA SER B 567 -15.49 46.42 20.69
C SER B 567 -14.42 46.18 19.66
N THR B 568 -13.18 46.50 20.00
CA THR B 568 -12.10 46.35 19.03
C THR B 568 -11.33 45.06 19.30
N LYS B 569 -11.86 44.22 20.20
CA LYS B 569 -11.12 43.03 20.61
C LYS B 569 -11.79 41.75 20.08
N GLU B 570 -13.14 41.75 19.97
CA GLU B 570 -13.93 40.56 19.71
C GLU B 570 -14.15 40.37 18.22
N ALA B 571 -13.19 39.73 17.54
CA ALA B 571 -13.32 39.30 16.15
C ALA B 571 -12.42 38.08 15.90
N TYR B 572 -12.85 37.18 15.01
CA TYR B 572 -12.26 35.83 14.99
C TYR B 572 -12.13 35.34 13.55
N ARG B 573 -11.00 34.66 13.29
CA ARG B 573 -10.68 34.13 11.97
C ARG B 573 -10.10 32.73 12.12
N TRP B 574 -10.78 31.75 11.51
CA TRP B 574 -10.34 30.36 11.50
C TRP B 574 -8.98 30.31 10.83
N ARG B 575 -7.95 29.97 11.59
CA ARG B 575 -6.72 29.59 10.95
C ARG B 575 -6.94 28.29 10.16
N GLY B 576 -6.11 28.07 9.13
CA GLY B 576 -6.02 26.79 8.47
C GLY B 576 -6.67 26.80 7.08
N ARG B 577 -7.17 27.92 6.58
CA ARG B 577 -7.90 27.77 5.34
C ARG B 577 -6.97 27.83 4.13
N THR B 578 -7.42 27.15 3.06
CA THR B 578 -6.79 27.11 1.75
C THR B 578 -7.80 27.77 0.83
N VAL B 579 -7.55 27.77 -0.49
CA VAL B 579 -8.39 28.56 -1.38
C VAL B 579 -9.85 28.09 -1.43
N SER B 580 -10.10 26.78 -1.43
CA SER B 580 -11.44 26.27 -1.70
C SER B 580 -12.08 25.59 -0.48
N HIS B 581 -11.42 25.69 0.69
CA HIS B 581 -11.72 24.84 1.84
C HIS B 581 -11.49 25.60 3.15
N CYS B 582 -12.13 25.07 4.20
CA CYS B 582 -11.90 25.47 5.57
C CYS B 582 -12.16 24.29 6.51
N LEU B 583 -11.19 23.36 6.54
CA LEU B 583 -11.37 22.09 7.23
C LEU B 583 -11.57 22.25 8.74
N THR B 584 -10.99 23.31 9.33
CA THR B 584 -11.02 23.47 10.78
C THR B 584 -12.41 23.90 11.25
N SER B 585 -13.17 24.57 10.37
CA SER B 585 -14.48 25.06 10.77
C SER B 585 -15.47 23.89 10.87
N GLY B 586 -15.15 22.79 10.17
CA GLY B 586 -16.02 21.62 10.13
C GLY B 586 -16.97 21.60 8.94
N LEU B 587 -17.18 22.73 8.28
CA LEU B 587 -17.97 22.78 7.06
C LEU B 587 -17.01 22.93 5.87
N ASP B 588 -16.36 21.81 5.50
CA ASP B 588 -15.12 21.78 4.74
C ASP B 588 -15.15 22.76 3.57
N ASP B 589 -16.21 22.73 2.76
CA ASP B 589 -16.21 23.43 1.48
C ASP B 589 -17.33 24.46 1.40
N TYR B 590 -17.91 24.80 2.56
CA TYR B 590 -18.86 25.88 2.57
C TYR B 590 -18.18 27.12 1.99
N PRO B 591 -18.84 27.82 1.03
CA PRO B 591 -18.21 28.98 0.38
C PRO B 591 -17.77 30.05 1.38
N ARG B 592 -16.53 30.52 1.20
CA ARG B 592 -15.94 31.52 2.09
C ARG B 592 -15.55 32.76 1.27
N PRO B 593 -15.01 33.84 1.89
CA PRO B 593 -14.48 34.97 1.13
C PRO B 593 -13.37 34.56 0.15
N GLN B 594 -13.42 35.09 -1.08
CA GLN B 594 -12.42 34.81 -2.10
C GLN B 594 -11.61 36.07 -2.42
N PRO B 595 -10.25 36.05 -2.31
CA PRO B 595 -9.53 34.84 -1.86
C PRO B 595 -9.49 34.83 -0.35
N PRO B 596 -8.92 33.79 0.29
CA PRO B 596 -8.59 33.85 1.72
C PRO B 596 -7.69 35.07 1.96
N HIS B 597 -7.81 35.69 3.12
CA HIS B 597 -7.17 36.96 3.43
C HIS B 597 -7.04 37.07 4.95
N PRO B 598 -5.90 37.60 5.49
CA PRO B 598 -5.75 37.79 6.94
C PRO B 598 -6.79 38.73 7.59
N GLY B 599 -7.54 39.46 6.76
CA GLY B 599 -8.57 40.35 7.29
C GLY B 599 -9.98 39.73 7.29
N GLU B 600 -10.09 38.45 6.86
CA GLU B 600 -11.34 37.72 6.97
C GLU B 600 -11.81 37.70 8.42
N LEU B 601 -13.14 37.68 8.58
CA LEU B 601 -13.78 37.39 9.87
C LEU B 601 -14.84 36.32 9.65
N HIS B 602 -14.83 35.28 10.50
CA HIS B 602 -15.80 34.21 10.38
C HIS B 602 -16.92 34.29 11.44
N VAL B 603 -18.18 34.33 10.98
CA VAL B 603 -19.33 34.53 11.86
C VAL B 603 -19.56 33.25 12.66
N ASP B 604 -19.26 32.09 12.06
CA ASP B 604 -19.44 30.83 12.77
C ASP B 604 -18.47 30.73 13.96
N LEU B 605 -17.20 31.13 13.75
CA LEU B 605 -16.20 31.07 14.81
C LEU B 605 -16.57 32.05 15.92
N MET B 606 -17.14 33.21 15.57
CA MET B 606 -17.54 34.16 16.60
C MET B 606 -18.69 33.57 17.43
N SER B 607 -19.59 32.85 16.75
CA SER B 607 -20.68 32.17 17.42
C SER B 607 -20.17 31.13 18.43
N TRP B 608 -19.20 30.30 18.03
CA TRP B 608 -18.69 29.29 18.95
C TRP B 608 -18.02 29.96 20.14
N VAL B 609 -17.34 31.08 19.93
CA VAL B 609 -16.80 31.75 21.10
C VAL B 609 -17.91 32.21 22.05
N GLY B 610 -19.02 32.73 21.49
CA GLY B 610 -20.23 33.01 22.24
C GLY B 610 -20.67 31.80 23.06
N VAL B 611 -20.71 30.64 22.42
CA VAL B 611 -21.14 29.42 23.07
C VAL B 611 -20.26 29.11 24.28
N MET B 612 -18.93 29.20 24.09
CA MET B 612 -18.01 28.89 25.18
C MET B 612 -18.19 29.82 26.37
N VAL B 613 -18.34 31.13 26.07
CA VAL B 613 -18.46 32.13 27.11
C VAL B 613 -19.78 31.94 27.89
N LYS B 614 -20.88 31.62 27.18
CA LYS B 614 -22.11 31.31 27.91
C LYS B 614 -21.88 30.17 28.89
N SER B 615 -21.22 29.08 28.46
CA SER B 615 -20.97 27.94 29.34
C SER B 615 -20.12 28.32 30.56
N LEU B 616 -19.05 29.09 30.32
CA LEU B 616 -18.13 29.45 31.38
C LEU B 616 -18.82 30.33 32.42
N ILE B 617 -19.77 31.19 31.98
CA ILE B 617 -20.62 31.93 32.90
C ILE B 617 -21.38 30.97 33.83
N SER B 618 -21.98 29.90 33.29
CA SER B 618 -22.71 28.92 34.09
C SER B 618 -21.79 28.19 35.06
N ILE B 619 -20.74 27.55 34.53
CA ILE B 619 -19.91 26.67 35.33
C ILE B 619 -19.21 27.54 36.37
N GLY B 620 -18.73 28.72 35.93
CA GLY B 620 -17.99 29.63 36.78
C GLY B 620 -18.87 30.16 37.93
N SER B 621 -20.11 30.52 37.58
CA SER B 621 -21.04 31.04 38.55
C SER B 621 -21.32 29.98 39.63
N LEU B 622 -21.45 28.72 39.22
CA LEU B 622 -21.74 27.59 40.09
C LEU B 622 -20.55 27.23 40.98
N LEU B 623 -19.37 27.75 40.66
CA LEU B 623 -18.17 27.35 41.39
C LEU B 623 -17.72 28.54 42.24
N GLY B 624 -18.44 29.67 42.09
CA GLY B 624 -18.14 30.92 42.78
C GLY B 624 -16.86 31.61 42.31
N ALA B 625 -16.49 31.41 41.04
CA ALA B 625 -15.42 32.18 40.41
C ALA B 625 -15.94 33.55 39.97
N THR B 626 -16.21 34.43 40.94
CA THR B 626 -16.93 35.68 40.67
C THR B 626 -16.02 36.63 39.93
N GLU B 627 -14.71 36.51 40.20
CA GLU B 627 -13.66 37.22 39.48
C GLU B 627 -13.80 37.00 37.96
N ASP B 628 -13.94 35.72 37.57
CA ASP B 628 -14.00 35.36 36.16
C ASP B 628 -15.32 35.81 35.54
N VAL B 629 -16.43 35.67 36.31
CA VAL B 629 -17.78 35.89 35.77
C VAL B 629 -17.92 37.34 35.30
N GLU B 630 -17.23 38.28 35.95
CA GLU B 630 -17.23 39.67 35.53
C GLU B 630 -16.65 39.79 34.10
N PHE B 631 -15.57 39.07 33.87
CA PHE B 631 -14.83 39.14 32.62
C PHE B 631 -15.62 38.49 31.48
N TYR B 632 -16.23 37.31 31.74
CA TYR B 632 -17.01 36.60 30.75
C TYR B 632 -18.18 37.46 30.29
N THR B 633 -18.78 38.12 31.26
CA THR B 633 -19.91 39.02 31.02
C THR B 633 -19.53 40.11 30.02
N LYS B 634 -18.34 40.71 30.17
CA LYS B 634 -17.91 41.74 29.25
C LYS B 634 -17.71 41.17 27.84
N VAL B 635 -17.10 39.97 27.75
CA VAL B 635 -16.77 39.38 26.46
C VAL B 635 -18.07 39.09 25.70
N LEU B 636 -19.04 38.49 26.42
CA LEU B 636 -20.32 38.16 25.83
C LEU B 636 -20.98 39.42 25.27
N ASP B 637 -20.99 40.49 26.07
CA ASP B 637 -21.72 41.67 25.69
C ASP B 637 -21.13 42.15 24.35
N ALA B 638 -19.80 42.07 24.30
CA ALA B 638 -19.07 42.56 23.16
C ALA B 638 -19.35 41.69 21.93
N ILE B 639 -19.40 40.36 22.11
CA ILE B 639 -19.65 39.48 20.99
C ILE B 639 -21.03 39.76 20.41
N GLU B 640 -21.99 40.06 21.29
CA GLU B 640 -23.36 40.29 20.87
C GLU B 640 -23.44 41.57 20.04
N HIS B 641 -22.67 42.58 20.42
CA HIS B 641 -22.64 43.80 19.64
C HIS B 641 -21.85 43.61 18.33
N ASN B 642 -20.70 42.94 18.41
CA ASN B 642 -19.79 42.83 17.28
C ASN B 642 -20.36 41.93 16.19
N LEU B 643 -21.21 40.98 16.57
CA LEU B 643 -21.96 40.18 15.61
C LEU B 643 -22.76 41.09 14.69
N ASP B 644 -23.40 42.11 15.28
CA ASP B 644 -24.18 43.06 14.49
C ASP B 644 -23.26 43.98 13.67
N ASP B 645 -22.28 44.61 14.34
CA ASP B 645 -21.38 45.55 13.68
C ASP B 645 -20.61 44.90 12.52
N LEU B 646 -20.10 43.66 12.71
CA LEU B 646 -19.17 43.06 11.78
C LEU B 646 -19.81 42.06 10.83
N HIS B 647 -20.97 41.45 11.14
CA HIS B 647 -21.40 40.35 10.30
C HIS B 647 -22.85 40.46 9.86
N TRP B 648 -23.59 41.45 10.36
CA TRP B 648 -24.99 41.50 9.96
C TRP B 648 -25.17 42.29 8.67
N SER B 649 -25.82 41.67 7.67
CA SER B 649 -26.08 42.31 6.40
C SER B 649 -27.53 42.75 6.32
N GLU B 650 -27.75 44.07 6.32
CA GLU B 650 -29.10 44.61 6.20
C GLU B 650 -29.66 44.34 4.80
N LYS B 651 -28.80 44.39 3.78
CA LYS B 651 -29.22 44.00 2.44
C LYS B 651 -29.85 42.60 2.46
N GLU B 652 -29.03 41.57 2.81
CA GLU B 652 -29.35 40.17 2.58
C GLU B 652 -30.26 39.58 3.67
N GLY B 653 -30.41 40.29 4.79
CA GLY B 653 -31.25 39.88 5.91
C GLY B 653 -30.75 38.61 6.61
N CYS B 654 -29.42 38.45 6.75
CA CYS B 654 -28.83 37.35 7.49
C CYS B 654 -27.42 37.74 7.91
N TYR B 655 -26.74 36.84 8.64
CA TYR B 655 -25.33 37.01 8.96
C TYR B 655 -24.43 36.51 7.82
N CYS B 656 -23.20 37.07 7.73
CA CYS B 656 -22.24 36.82 6.67
C CYS B 656 -20.84 36.87 7.27
N ASP B 657 -19.91 36.11 6.64
CA ASP B 657 -18.48 36.30 6.90
C ASP B 657 -18.07 37.68 6.38
N ALA B 658 -16.85 38.12 6.71
CA ALA B 658 -16.37 39.43 6.28
C ALA B 658 -14.96 39.26 5.73
N THR B 659 -14.56 40.17 4.83
CA THR B 659 -13.17 40.25 4.43
C THR B 659 -12.78 41.72 4.43
N ILE B 660 -11.51 41.93 4.08
CA ILE B 660 -10.99 43.15 3.49
C ILE B 660 -10.77 42.88 2.01
N ASP B 661 -11.43 43.69 1.15
CA ASP B 661 -11.37 43.50 -0.30
C ASP B 661 -10.06 44.07 -0.87
N GLU B 662 -9.99 44.14 -2.21
CA GLU B 662 -8.79 44.55 -2.90
C GLU B 662 -8.53 46.05 -2.77
N PHE B 663 -9.53 46.80 -2.28
CA PHE B 663 -9.40 48.24 -2.07
C PHE B 663 -9.19 48.58 -0.60
N GLU B 664 -8.79 47.57 0.19
CA GLU B 664 -8.57 47.68 1.64
C GLU B 664 -9.82 48.04 2.44
N GLU B 665 -11.02 47.65 1.98
CA GLU B 665 -12.29 48.01 2.62
C GLU B 665 -12.97 46.78 3.23
N HIS B 666 -13.72 47.01 4.33
CA HIS B 666 -14.56 46.00 4.97
C HIS B 666 -15.75 45.67 4.08
N LYS B 667 -15.90 44.37 3.78
CA LYS B 667 -16.93 43.89 2.87
C LYS B 667 -17.53 42.61 3.44
N LEU B 668 -18.86 42.48 3.34
CA LEU B 668 -19.53 41.26 3.73
C LEU B 668 -19.59 40.31 2.53
N VAL B 669 -19.45 39.01 2.81
CA VAL B 669 -19.62 37.98 1.80
C VAL B 669 -20.80 37.11 2.21
N CYS B 670 -21.92 37.28 1.50
CA CYS B 670 -23.14 36.59 1.85
C CYS B 670 -23.36 35.41 0.93
N HIS B 671 -23.38 34.24 1.59
CA HIS B 671 -23.73 32.97 1.00
C HIS B 671 -24.82 32.36 1.87
N LYS B 672 -26.09 32.60 1.51
CA LYS B 672 -27.20 32.16 2.35
C LYS B 672 -27.15 30.63 2.47
N GLY B 673 -27.04 30.16 3.71
CA GLY B 673 -26.85 28.74 4.04
C GLY B 673 -26.64 28.58 5.54
N TYR B 674 -26.10 27.43 5.97
CA TYR B 674 -25.95 27.17 7.40
C TYR B 674 -25.18 28.29 8.11
N ILE B 675 -24.12 28.83 7.48
CA ILE B 675 -23.30 29.83 8.13
C ILE B 675 -24.14 31.05 8.48
N SER B 676 -25.05 31.45 7.58
CA SER B 676 -25.89 32.63 7.74
C SER B 676 -26.71 32.58 9.03
N LEU B 677 -26.89 31.38 9.58
CA LEU B 677 -27.82 31.13 10.68
C LEU B 677 -27.09 30.98 12.01
N PHE B 678 -25.75 31.01 12.01
CA PHE B 678 -24.94 30.62 13.17
C PHE B 678 -25.29 31.27 14.52
N PRO B 679 -25.38 32.63 14.64
CA PRO B 679 -25.79 33.25 15.89
C PRO B 679 -27.10 32.66 16.44
N PHE B 680 -28.01 32.27 15.52
CA PHE B 680 -29.25 31.62 15.86
C PHE B 680 -29.02 30.17 16.33
N LEU B 681 -28.31 29.36 15.55
CA LEU B 681 -28.11 27.95 15.86
C LEU B 681 -27.35 27.76 17.17
N THR B 682 -26.56 28.76 17.58
CA THR B 682 -25.78 28.58 18.77
C THR B 682 -26.52 29.16 19.99
N GLY B 683 -27.63 29.83 19.73
CA GLY B 683 -28.49 30.36 20.76
C GLY B 683 -27.97 31.67 21.35
N LEU B 684 -27.59 32.61 20.49
CA LEU B 684 -27.06 33.87 20.98
C LEU B 684 -28.09 34.99 20.82
N LEU B 685 -29.23 34.74 20.14
CA LEU B 685 -30.20 35.81 19.91
C LEU B 685 -31.25 35.78 20.99
N LYS B 686 -31.62 36.97 21.51
CA LYS B 686 -32.74 37.08 22.43
C LYS B 686 -34.05 36.85 21.63
N PRO B 687 -35.09 36.22 22.21
CA PRO B 687 -36.35 35.99 21.49
C PRO B 687 -37.13 37.18 20.91
N ASP B 688 -36.71 38.42 21.22
CA ASP B 688 -37.34 39.61 20.68
C ASP B 688 -36.45 40.36 19.69
N SER B 689 -35.45 39.67 19.11
CA SER B 689 -34.54 40.30 18.16
C SER B 689 -35.18 40.39 16.78
N PRO B 690 -35.17 41.60 16.17
CA PRO B 690 -35.69 41.74 14.81
C PRO B 690 -34.86 40.90 13.83
N LYS B 691 -33.60 40.62 14.19
CA LYS B 691 -32.72 39.78 13.41
C LYS B 691 -33.22 38.33 13.40
N LEU B 692 -33.76 37.88 14.53
CA LEU B 692 -34.30 36.53 14.63
C LEU B 692 -35.46 36.30 13.65
N GLY B 693 -36.36 37.29 13.50
CA GLY B 693 -37.48 37.19 12.58
C GLY B 693 -37.01 36.99 11.13
N LYS B 694 -35.98 37.74 10.77
CA LYS B 694 -35.48 37.66 9.40
C LYS B 694 -34.93 36.25 9.13
N LEU B 695 -34.19 35.70 10.10
CA LEU B 695 -33.56 34.39 10.00
C LEU B 695 -34.59 33.26 9.89
N LEU B 696 -35.72 33.39 10.61
CA LEU B 696 -36.83 32.47 10.54
C LEU B 696 -37.47 32.53 9.15
N ALA B 697 -37.53 33.73 8.56
CA ALA B 697 -38.10 33.91 7.23
C ALA B 697 -37.24 33.15 6.21
N LEU B 698 -35.91 33.21 6.39
CA LEU B 698 -34.99 32.52 5.49
C LEU B 698 -35.03 31.00 5.70
N ILE B 699 -35.11 30.58 6.98
CA ILE B 699 -35.19 29.17 7.31
C ILE B 699 -36.40 28.57 6.59
N GLY B 700 -37.53 29.27 6.62
CA GLY B 700 -38.79 28.63 6.24
C GLY B 700 -39.15 28.84 4.77
N ASP B 701 -38.23 29.47 4.04
CA ASP B 701 -38.38 29.82 2.64
C ASP B 701 -37.95 28.61 1.81
N GLU B 702 -38.93 28.02 1.12
CA GLU B 702 -38.74 26.83 0.29
C GLU B 702 -37.83 27.15 -0.90
N SER B 703 -37.70 28.46 -1.23
CA SER B 703 -36.92 28.87 -2.38
C SER B 703 -35.44 28.97 -2.01
N GLU B 704 -35.16 28.92 -0.69
CA GLU B 704 -33.83 29.18 -0.15
C GLU B 704 -33.31 27.90 0.52
N LEU B 705 -33.72 27.68 1.79
CA LEU B 705 -33.14 26.66 2.66
C LEU B 705 -34.10 25.50 2.92
N TRP B 706 -35.42 25.76 2.83
CA TRP B 706 -36.42 24.82 3.31
C TRP B 706 -36.70 23.76 2.27
N SER B 707 -36.24 22.53 2.55
CA SER B 707 -36.52 21.41 1.67
C SER B 707 -37.61 20.55 2.30
N PRO B 708 -38.28 19.67 1.52
CA PRO B 708 -39.19 18.68 2.11
C PRO B 708 -38.49 17.73 3.09
N TYR B 709 -37.16 17.78 3.11
CA TYR B 709 -36.37 16.78 3.80
C TYR B 709 -35.49 17.42 4.87
N GLY B 710 -35.53 18.76 4.97
CA GLY B 710 -34.84 19.45 6.03
C GLY B 710 -34.02 20.60 5.47
N LEU B 711 -33.32 21.32 6.35
CA LEU B 711 -32.64 22.54 5.95
C LEU B 711 -31.46 22.22 5.02
N ARG B 712 -31.44 22.85 3.84
CA ARG B 712 -30.36 22.75 2.86
C ARG B 712 -29.15 23.46 3.44
N SER B 713 -27.96 22.89 3.25
CA SER B 713 -26.75 23.46 3.81
C SER B 713 -26.39 24.75 3.08
N LEU B 714 -26.90 24.87 1.85
CA LEU B 714 -26.69 26.08 1.09
C LEU B 714 -27.97 26.36 0.33
N SER B 715 -28.19 27.64 0.04
CA SER B 715 -29.44 28.07 -0.55
C SER B 715 -29.43 27.67 -2.02
N LYS B 716 -30.63 27.37 -2.56
CA LYS B 716 -30.83 27.06 -3.98
C LYS B 716 -30.42 28.26 -4.84
N LYS B 717 -30.54 29.48 -4.29
CA LYS B 717 -30.29 30.73 -4.98
C LYS B 717 -28.81 31.10 -5.00
N ASP B 718 -27.98 30.42 -4.19
CA ASP B 718 -26.57 30.77 -4.12
C ASP B 718 -25.89 30.33 -5.40
N GLU B 719 -24.90 31.11 -5.82
CA GLU B 719 -24.17 30.76 -7.04
C GLU B 719 -23.40 29.44 -6.84
N PHE B 720 -22.97 29.16 -5.61
CA PHE B 720 -22.15 27.97 -5.38
C PHE B 720 -22.99 26.72 -5.11
N TYR B 721 -24.31 26.83 -5.27
CA TYR B 721 -25.22 25.74 -4.96
C TYR B 721 -24.86 24.54 -5.83
N GLY B 722 -24.78 23.37 -5.21
CA GLY B 722 -24.53 22.12 -5.92
C GLY B 722 -23.14 22.00 -6.55
N THR B 723 -22.24 22.99 -6.43
CA THR B 723 -20.98 23.00 -7.18
C THR B 723 -19.93 22.11 -6.52
N ALA B 724 -18.84 21.80 -7.24
CA ALA B 724 -17.64 21.09 -6.77
C ALA B 724 -17.97 19.72 -6.20
N GLU B 725 -17.32 19.39 -5.08
CA GLU B 725 -17.59 18.15 -4.39
C GLU B 725 -18.96 18.21 -3.72
N ASN B 726 -19.54 19.42 -3.61
CA ASN B 726 -20.91 19.61 -3.16
C ASN B 726 -21.15 18.91 -1.81
N TYR B 727 -20.22 19.10 -0.86
CA TYR B 727 -20.25 18.41 0.42
C TYR B 727 -21.11 19.20 1.39
N TRP B 728 -20.84 20.52 1.47
CA TRP B 728 -21.65 21.39 2.29
C TRP B 728 -22.35 22.44 1.42
N ARG B 729 -22.62 22.10 0.16
CA ARG B 729 -23.12 23.09 -0.78
C ARG B 729 -24.53 22.76 -1.29
N SER B 730 -25.35 22.11 -0.45
CA SER B 730 -26.77 21.88 -0.72
C SER B 730 -27.34 20.80 0.21
N PRO B 731 -26.59 19.73 0.54
CA PRO B 731 -27.20 18.58 1.20
C PRO B 731 -27.65 18.88 2.62
N VAL B 732 -28.61 18.08 3.10
CA VAL B 732 -29.12 18.11 4.46
C VAL B 732 -28.20 17.36 5.41
N TRP B 733 -27.73 18.08 6.45
CA TRP B 733 -26.91 17.52 7.50
C TRP B 733 -27.69 17.53 8.80
N ILE B 734 -27.71 16.37 9.49
CA ILE B 734 -28.53 16.14 10.67
C ILE B 734 -28.04 17.00 11.84
N ASN B 735 -26.72 17.20 11.96
CA ASN B 735 -26.18 17.85 13.16
C ASN B 735 -26.57 19.34 13.15
N ILE B 736 -26.43 20.00 12.02
CA ILE B 736 -26.84 21.39 11.97
C ILE B 736 -28.36 21.50 12.04
N ASN B 737 -29.05 20.49 11.47
CA ASN B 737 -30.51 20.45 11.51
C ASN B 737 -30.99 20.26 12.95
N TYR B 738 -30.23 19.46 13.72
CA TYR B 738 -30.47 19.26 15.14
C TYR B 738 -30.40 20.59 15.90
N LEU B 739 -29.35 21.36 15.62
CA LEU B 739 -29.19 22.65 16.28
C LEU B 739 -30.41 23.53 15.96
N ALA B 740 -30.89 23.48 14.71
CA ALA B 740 -31.99 24.34 14.29
C ALA B 740 -33.26 23.92 15.03
N ILE B 741 -33.45 22.60 15.14
CA ILE B 741 -34.64 22.07 15.78
C ILE B 741 -34.67 22.55 17.23
N VAL B 742 -33.53 22.40 17.92
CA VAL B 742 -33.43 22.71 19.32
C VAL B 742 -33.75 24.19 19.53
N GLN B 743 -33.25 25.06 18.67
CA GLN B 743 -33.40 26.49 18.91
C GLN B 743 -34.80 26.95 18.51
N LEU B 744 -35.41 26.29 17.52
CA LEU B 744 -36.79 26.58 17.20
C LEU B 744 -37.66 26.27 18.42
N TYR B 745 -37.37 25.14 19.08
CA TYR B 745 -38.15 24.69 20.23
C TYR B 745 -38.06 25.75 21.33
N ASN B 746 -36.87 26.34 21.45
CA ASN B 746 -36.59 27.26 22.53
C ASN B 746 -37.36 28.57 22.33
N ILE B 747 -37.49 29.04 21.08
CA ILE B 747 -38.28 30.22 20.75
C ILE B 747 -39.79 29.94 20.90
N ALA B 748 -40.21 28.70 20.61
CA ALA B 748 -41.61 28.34 20.51
C ALA B 748 -42.22 28.21 21.89
N THR B 749 -41.37 28.27 22.92
CA THR B 749 -41.82 27.93 24.26
C THR B 749 -41.58 29.10 25.21
N GLN B 750 -41.52 30.33 24.68
CA GLN B 750 -41.52 31.52 25.51
C GLN B 750 -42.19 32.65 24.73
N ASP B 751 -42.47 33.75 25.43
CA ASP B 751 -43.26 34.84 24.87
C ASP B 751 -42.41 35.65 23.91
N GLY B 752 -42.98 35.97 22.76
CA GLY B 752 -42.38 36.97 21.90
C GLY B 752 -43.10 37.03 20.54
N PRO B 753 -42.72 38.00 19.67
CA PRO B 753 -43.34 38.14 18.35
C PRO B 753 -43.17 36.87 17.51
N TYR B 754 -42.17 36.01 17.82
CA TYR B 754 -41.85 34.92 16.90
C TYR B 754 -42.25 33.53 17.45
N LYS B 755 -42.97 33.49 18.56
CA LYS B 755 -43.35 32.23 19.17
C LYS B 755 -44.10 31.31 18.19
N GLU B 756 -45.12 31.86 17.51
CA GLU B 756 -45.94 31.10 16.58
C GLU B 756 -45.08 30.65 15.41
N THR B 757 -44.22 31.57 14.94
CA THR B 757 -43.45 31.29 13.76
C THR B 757 -42.53 30.11 14.05
N ALA B 758 -41.98 30.10 15.26
CA ALA B 758 -41.12 29.03 15.73
C ALA B 758 -41.89 27.71 15.83
N ARG B 759 -43.06 27.70 16.52
CA ARG B 759 -43.86 26.49 16.79
C ARG B 759 -44.16 25.75 15.50
N ASP B 760 -44.60 26.49 14.48
CA ASP B 760 -44.89 25.90 13.19
C ASP B 760 -43.62 25.26 12.64
N LEU B 761 -42.54 26.04 12.54
CA LEU B 761 -41.32 25.52 11.94
C LEU B 761 -40.77 24.32 12.74
N TYR B 762 -40.75 24.41 14.08
CA TYR B 762 -40.24 23.32 14.88
C TYR B 762 -40.95 22.04 14.48
N THR B 763 -42.29 22.09 14.52
CA THR B 763 -43.11 20.91 14.28
C THR B 763 -42.77 20.33 12.91
N ARG B 764 -42.63 21.21 11.92
CA ARG B 764 -42.58 20.78 10.53
C ARG B 764 -41.22 20.19 10.24
N LEU B 765 -40.16 20.80 10.81
CA LEU B 765 -38.80 20.36 10.54
C LEU B 765 -38.51 19.05 11.31
N ARG B 766 -38.98 18.98 12.55
CA ARG B 766 -38.91 17.76 13.32
C ARG B 766 -39.44 16.60 12.47
N LYS B 767 -40.70 16.72 11.96
CA LYS B 767 -41.37 15.70 11.14
C LYS B 767 -40.52 15.40 9.89
N ASN B 768 -40.06 16.44 9.21
CA ASN B 768 -39.27 16.23 8.01
C ASN B 768 -38.02 15.42 8.33
N ILE B 769 -37.22 15.85 9.31
CA ILE B 769 -35.91 15.28 9.54
C ILE B 769 -36.06 13.83 9.94
N VAL B 770 -36.89 13.58 10.96
CA VAL B 770 -37.09 12.22 11.45
C VAL B 770 -37.51 11.32 10.31
N GLU B 771 -38.44 11.81 9.46
CA GLU B 771 -38.99 11.02 8.37
C GLU B 771 -37.89 10.62 7.40
N THR B 772 -37.07 11.57 6.98
CA THR B 772 -36.12 11.25 5.94
C THR B 772 -35.09 10.23 6.48
N VAL B 773 -34.69 10.38 7.75
CA VAL B 773 -33.69 9.46 8.29
C VAL B 773 -34.32 8.08 8.48
N TYR B 774 -35.57 8.04 8.96
CA TYR B 774 -36.28 6.78 9.11
C TYR B 774 -36.48 6.09 7.75
N ARG B 775 -37.00 6.80 6.74
CA ARG B 775 -37.34 6.17 5.44
C ARG B 775 -36.13 5.48 4.84
N ASN B 776 -34.96 6.13 4.94
CA ASN B 776 -33.73 5.58 4.39
C ASN B 776 -33.27 4.37 5.19
N TRP B 777 -33.56 4.37 6.49
CA TRP B 777 -33.11 3.29 7.35
C TRP B 777 -33.93 2.05 7.05
N GLU B 778 -35.21 2.25 6.73
CA GLU B 778 -36.07 1.19 6.23
C GLU B 778 -35.50 0.63 4.92
N GLU B 779 -35.24 1.53 3.95
CA GLU B 779 -34.86 1.07 2.62
C GLU B 779 -33.48 0.45 2.61
N THR B 780 -32.50 1.05 3.29
CA THR B 780 -31.10 0.73 3.04
C THR B 780 -30.47 0.12 4.28
N GLY B 781 -31.11 0.31 5.45
CA GLY B 781 -30.65 -0.28 6.70
C GLY B 781 -29.60 0.57 7.37
N PHE B 782 -29.27 1.72 6.76
CA PHE B 782 -28.15 2.57 7.13
C PHE B 782 -28.60 3.97 7.59
N ALA B 783 -27.80 4.51 8.50
CA ALA B 783 -27.75 5.95 8.71
C ALA B 783 -26.69 6.54 7.77
N TRP B 784 -27.03 7.66 7.14
CA TRP B 784 -26.14 8.27 6.20
C TRP B 784 -25.52 9.53 6.79
N GLU B 785 -24.34 9.90 6.29
CA GLU B 785 -23.63 11.11 6.61
C GLU B 785 -24.50 12.33 6.35
N GLN B 786 -25.19 12.35 5.18
CA GLN B 786 -26.00 13.47 4.71
C GLN B 786 -27.11 12.97 3.80
N TYR B 787 -28.08 13.85 3.49
CA TYR B 787 -29.28 13.47 2.76
C TYR B 787 -29.49 14.42 1.58
N ASN B 788 -29.97 13.89 0.46
CA ASN B 788 -30.15 14.68 -0.74
C ASN B 788 -31.37 15.58 -0.55
N PRO B 789 -31.29 16.90 -0.85
CA PRO B 789 -32.45 17.79 -0.63
C PRO B 789 -33.55 17.77 -1.70
N GLU B 790 -33.32 17.04 -2.81
CA GLU B 790 -34.29 16.86 -3.90
C GLU B 790 -35.04 15.53 -3.78
N THR B 791 -34.34 14.46 -3.37
CA THR B 791 -34.91 13.13 -3.33
C THR B 791 -35.08 12.66 -1.88
N GLY B 792 -34.28 13.23 -1.00
CA GLY B 792 -34.23 12.79 0.39
C GLY B 792 -33.41 11.51 0.56
N LYS B 793 -32.67 11.10 -0.48
CA LYS B 793 -31.94 9.84 -0.41
C LYS B 793 -30.61 10.00 0.34
N GLY B 794 -30.39 9.18 1.38
CA GLY B 794 -29.10 9.04 2.02
C GLY B 794 -28.00 9.00 0.96
N GLN B 795 -26.88 9.68 1.21
CA GLN B 795 -25.82 9.99 0.26
C GLN B 795 -24.49 9.99 1.01
N ARG B 796 -23.36 9.95 0.31
CA ARG B 796 -22.06 9.83 0.97
C ARG B 796 -21.94 8.55 1.81
N THR B 797 -21.15 8.57 2.90
CA THR B 797 -20.76 7.33 3.58
C THR B 797 -21.90 6.79 4.43
N GLN B 798 -22.04 5.46 4.46
CA GLN B 798 -23.05 4.76 5.24
C GLN B 798 -22.49 4.52 6.63
N HIS B 799 -23.32 4.00 7.53
CA HIS B 799 -22.89 3.68 8.87
C HIS B 799 -22.44 4.92 9.63
N PHE B 800 -23.08 6.06 9.37
CA PHE B 800 -22.64 7.30 9.98
C PHE B 800 -23.34 7.50 11.34
N THR B 801 -22.85 6.79 12.35
CA THR B 801 -23.43 7.00 13.65
C THR B 801 -22.31 7.18 14.67
N GLY B 802 -21.78 8.40 14.74
CA GLY B 802 -22.13 9.48 13.82
C GLY B 802 -23.25 10.37 14.35
N TRP B 803 -23.19 11.66 14.02
CA TRP B 803 -24.18 12.56 14.58
C TRP B 803 -25.59 12.39 13.98
N THR B 804 -25.71 11.55 12.94
CA THR B 804 -27.04 11.24 12.42
C THR B 804 -27.89 10.60 13.52
N SER B 805 -27.24 9.86 14.43
CA SER B 805 -27.89 9.27 15.60
C SER B 805 -28.68 10.29 16.41
N LEU B 806 -28.45 11.58 16.20
CA LEU B 806 -29.12 12.65 16.94
C LEU B 806 -30.64 12.56 16.75
N VAL B 807 -31.09 11.83 15.72
CA VAL B 807 -32.51 11.75 15.43
C VAL B 807 -33.29 11.17 16.62
N VAL B 808 -32.60 10.36 17.45
CA VAL B 808 -33.23 9.80 18.63
C VAL B 808 -33.64 10.91 19.59
N LYS B 809 -32.85 11.99 19.66
CA LYS B 809 -33.23 13.07 20.54
C LYS B 809 -34.29 13.91 19.82
N ILE B 810 -34.24 13.95 18.48
CA ILE B 810 -35.26 14.71 17.77
C ILE B 810 -36.65 14.13 18.04
N MET B 811 -36.74 12.80 18.17
CA MET B 811 -38.00 12.10 18.42
C MET B 811 -38.49 12.25 19.88
N SER B 812 -37.57 12.47 20.82
CA SER B 812 -37.87 12.42 22.25
C SER B 812 -38.44 13.73 22.80
N GLY B 813 -38.21 14.87 22.13
CA GLY B 813 -38.61 16.18 22.64
C GLY B 813 -37.66 16.70 23.72
N HIS B 814 -37.84 17.97 24.15
CA HIS B 814 -36.80 18.63 24.94
C HIS B 814 -37.29 18.93 26.35
C1 NAG C . -8.02 3.17 35.92
C2 NAG C . -7.40 4.13 34.89
C3 NAG C . -5.96 3.78 34.67
C4 NAG C . -5.17 3.34 35.92
C5 NAG C . -5.95 2.22 36.67
C6 NAG C . -5.23 1.64 37.88
C7 NAG C . -8.55 4.95 32.80
C8 NAG C . -8.71 4.73 31.31
N2 NAG C . -8.04 3.97 33.57
O3 NAG C . -5.45 4.96 34.07
O4 NAG C . -3.87 2.83 35.51
O5 NAG C . -7.23 2.73 37.05
O6 NAG C . -5.40 2.53 38.95
O7 NAG C . -8.91 6.00 33.31
C1 NAG C . -2.74 3.68 35.85
C2 NAG C . -1.55 2.76 36.15
C3 NAG C . -0.14 3.36 35.88
C4 NAG C . -0.03 4.41 34.76
C5 NAG C . -1.24 5.36 34.73
C6 NAG C . -1.32 6.21 33.45
C7 NAG C . -1.81 0.93 37.76
C8 NAG C . -1.98 0.56 39.23
N2 NAG C . -1.71 2.25 37.50
O3 NAG C . 0.75 2.32 35.47
O4 NAG C . 1.23 5.10 34.81
O5 NAG C . -2.45 4.60 34.78
O6 NAG C . -1.91 7.49 33.76
O7 NAG C . -1.77 0.13 36.82
N1 5X7 D . 21.90 -12.17 -3.38
N3 5X7 D . 22.21 -6.61 -2.62
C4 5X7 D . 21.45 -14.58 -6.15
C5 5X7 D . 22.05 -12.82 -4.70
C6 5X7 D . 21.96 -10.72 -3.21
C7 5X7 D . 22.96 -10.22 -2.45
C8 5X7 D . 23.05 -8.88 -2.26
C10 5X7 D . 21.38 -5.75 -3.46
C13 5X7 D . 23.91 -4.87 -6.21
C15 5X7 D . 21.74 -5.09 -7.17
C17 5X7 D . 23.57 -4.46 -8.82
C20 5X7 D . 22.47 -1.22 -9.95
C21 5X7 D . 23.31 -0.47 -9.10
C22 5X7 D . 24.55 -1.10 -8.94
C24 5X7 D . 21.10 -8.54 -3.59
C26 5X7 D . 22.37 -13.11 -2.31
C1 5X7 D . 22.67 -15.46 -1.68
C11 5X7 D . 22.08 -5.42 -4.81
C12 5X7 D . 23.41 -5.17 -4.93
C14 5X7 D . 23.07 -4.82 -7.35
C16 5X7 D . 21.25 -5.37 -5.91
C18 5X7 D . 22.32 -2.66 -9.41
C19 5X7 D . 21.56 -3.47 -10.39
C2 5X7 D . 21.82 -14.49 -2.50
C23 5X7 D . 24.26 -2.43 -8.19
C25 5X7 D . 21.02 -9.90 -3.79
C3 5X7 D . 21.34 -13.99 -4.72
C9 5X7 D . 22.11 -8.05 -2.84
N2 5X7 D . 24.10 -8.37 -1.43
N4 5X7 D . 23.56 -3.26 -9.08
O1 5X7 D . 21.99 -14.88 -3.80
O2 5X7 D . 24.75 -9.19 -0.49
O3 5X7 D . 24.49 -7.05 -1.49
O4 5X7 D . 22.41 -3.72 -11.39
O5 5X7 D . 21.26 -0.61 -9.72
O6 5X7 D . 23.56 0.82 -9.71
O7 5X7 D . 25.31 -0.29 -8.11
S SO4 E . -4.98 -18.02 -38.07
O1 SO4 E . -4.51 -17.53 -39.34
O2 SO4 E . -4.36 -19.31 -37.79
O3 SO4 E . -4.64 -17.07 -37.05
O4 SO4 E . -6.41 -18.17 -38.12
S SO4 F . 2.81 -45.27 -25.82
O1 SO4 F . 2.60 -45.71 -27.18
O2 SO4 F . 3.37 -43.94 -25.85
O3 SO4 F . 3.74 -46.16 -25.14
O4 SO4 F . 1.55 -45.29 -25.13
S SO4 G . 2.70 -13.76 -4.22
O1 SO4 G . 3.39 -12.53 -3.93
O2 SO4 G . 3.55 -14.67 -4.95
O3 SO4 G . 1.53 -13.48 -5.02
O4 SO4 G . 2.39 -14.40 -2.97
S SO4 H . 5.33 -0.20 -7.27
O1 SO4 H . 6.67 0.29 -7.51
O2 SO4 H . 4.84 -0.79 -8.48
O3 SO4 H . 4.49 0.94 -6.91
O4 SO4 H . 5.36 -1.22 -6.24
S SO4 I . 17.15 -14.99 3.72
O1 SO4 I . 18.14 -14.94 2.66
O2 SO4 I . 17.05 -13.70 4.34
O3 SO4 I . 17.58 -15.95 4.70
O4 SO4 I . 15.86 -15.39 3.19
S SO4 J . 21.63 7.20 -30.30
O1 SO4 J . 22.02 8.59 -30.23
O2 SO4 J . 22.72 6.43 -30.84
O3 SO4 J . 21.31 6.72 -28.98
O4 SO4 J . 20.49 7.06 -31.18
S SO4 K . 26.69 2.71 6.22
O1 SO4 K . 26.52 3.26 4.91
O2 SO4 K . 28.09 2.55 6.49
O3 SO4 K . 26.07 3.61 7.19
O4 SO4 K . 26.04 1.41 6.28
S SO4 L . 31.65 10.24 -37.73
O1 SO4 L . 32.43 10.49 -38.91
O2 SO4 L . 32.40 9.41 -36.82
O3 SO4 L . 31.34 11.49 -37.09
O4 SO4 L . 30.42 9.57 -38.08
N1 5X7 M . -10.11 6.67 2.70
N3 5X7 M . -10.16 12.01 4.99
C4 5X7 M . -10.94 3.42 4.48
C5 5X7 M . -10.88 5.62 3.45
C6 5X7 M . -10.11 8.04 3.27
C7 5X7 M . -10.24 9.11 2.44
C8 5X7 M . -10.26 10.39 2.95
C10 5X7 M . -11.03 13.15 4.61
C13 5X7 M . -14.72 13.44 5.60
C15 5X7 M . -13.50 12.88 7.63
C17 5X7 M . -16.13 13.25 7.80
C20 5X7 M . -16.47 16.02 10.14
C21 5X7 M . -16.55 17.12 9.18
C22 5X7 M . -17.19 16.73 7.92
C24 5X7 M . -10.06 9.55 5.17
C26 5X7 M . -9.16 6.11 1.68
C1 5X7 M . -7.61 4.26 0.95
C11 5X7 M . -12.34 13.16 5.48
C12 5X7 M . -13.52 13.44 4.84
C14 5X7 M . -14.71 13.16 6.99
C16 5X7 M . -12.30 12.87 6.88
C18 5X7 M . -15.73 14.81 9.49
C19 5X7 M . -15.65 13.71 10.53
C2 5X7 M . -8.39 5.02 2.14
C23 5X7 M . -16.50 15.49 7.28
C25 5X7 M . -10.04 8.26 4.66
C3 5X7 M . -9.98 4.52 3.97
C9 5X7 M . -10.18 10.64 4.35
N2 5X7 M . -10.39 11.38 1.93
N4 5X7 M . -16.44 14.41 8.27
O1 5X7 M . -9.18 4.06 2.92
O2 5X7 M . -10.33 12.78 2.19
O3 5X7 M . -10.60 10.90 0.65
O4 5X7 M . -16.95 13.28 10.77
O5 5X7 M . -15.70 16.49 11.25
O6 5X7 M . -17.34 18.14 9.93
O7 5X7 M . -17.30 17.81 6.99
C1 GOL N . -1.76 16.71 22.08
O1 GOL N . -2.15 18.07 22.27
C2 GOL N . -2.86 15.86 21.46
O2 GOL N . -3.95 16.65 20.94
C3 GOL N . -2.31 14.89 20.44
O3 GOL N . -3.30 14.46 19.50
S SO4 O . 2.43 3.84 17.89
O1 SO4 O . 3.21 4.68 17.05
O2 SO4 O . 1.99 2.67 17.17
O3 SO4 O . 1.31 4.61 18.29
O4 SO4 O . 3.15 3.45 19.07
S SO4 P . -7.68 24.05 -2.06
O1 SO4 P . -6.87 25.25 -2.21
O2 SO4 P . -8.23 23.65 -3.33
O3 SO4 P . -8.76 24.35 -1.15
O4 SO4 P . -6.88 22.97 -1.53
S SO4 Q . -43.44 20.94 4.57
O1 SO4 Q . -43.49 22.32 4.18
O2 SO4 Q . -42.08 20.49 4.46
O3 SO4 Q . -43.95 20.83 5.95
O4 SO4 Q . -44.28 20.15 3.69
S SO4 R . -9.51 -32.54 23.82
O1 SO4 R . -8.30 -32.60 24.65
O2 SO4 R . -9.22 -32.95 22.48
O3 SO4 R . -10.03 -31.19 23.79
O4 SO4 R . -10.53 -33.41 24.34
#